data_7WF6
# 
_entry.id   7WF6 
# 
_audit_conform.dict_name       mmcif_pdbx.dic 
_audit_conform.dict_version    5.380 
_audit_conform.dict_location   http://mmcif.pdb.org/dictionaries/ascii/mmcif_pdbx.dic 
# 
loop_
_database_2.database_id 
_database_2.database_code 
_database_2.pdbx_database_accession 
_database_2.pdbx_DOI 
PDB   7WF6         pdb_00007wf6 10.2210/pdb7wf6/pdb 
WWPDB D_1300026594 ?            ?                   
# 
_pdbx_database_status.status_code                     REL 
_pdbx_database_status.status_code_sf                  REL 
_pdbx_database_status.status_code_mr                  ? 
_pdbx_database_status.entry_id                        7WF6 
_pdbx_database_status.recvd_initial_deposition_date   2021-12-26 
_pdbx_database_status.SG_entry                        N 
_pdbx_database_status.deposit_site                    PDBJ 
_pdbx_database_status.process_site                    PDBJ 
_pdbx_database_status.status_code_cs                  ? 
_pdbx_database_status.status_code_nmr_data            ? 
_pdbx_database_status.methods_development_category    ? 
_pdbx_database_status.pdb_format_compatible           Y 
# 
loop_
_audit_author.name 
_audit_author.pdbx_ordinal 
_audit_author.identifier_ORCID 
'Xu, J.'  1 ? 
'Zhu, J.' 2 ? 
'Liu, J.' 3 ? 
# 
_citation.abstract                  ? 
_citation.abstract_id_CAS           ? 
_citation.book_id_ISBN              ? 
_citation.book_publisher            ? 
_citation.book_publisher_city       ? 
_citation.book_title                ? 
_citation.coordinate_linkage        ? 
_citation.country                   UK 
_citation.database_id_Medline       ? 
_citation.details                   ? 
_citation.id                        primary 
_citation.journal_abbrev            J.Mol.Biol. 
_citation.journal_id_ASTM           JMOBAK 
_citation.journal_id_CSD            0070 
_citation.journal_id_ISSN           1089-8638 
_citation.journal_full              ? 
_citation.journal_issue             ? 
_citation.journal_volume            434 
_citation.language                  ? 
_citation.page_first                167823 
_citation.page_last                 167823 
_citation.title                     
'Structural Studies Reveal Unique Non-canonical Regulators of G Protein Signaling Homology (RH) Domains in Sorting Nexins.' 
_citation.year                      2022 
_citation.database_id_CSD           ? 
_citation.pdbx_database_id_DOI      10.1016/j.jmb.2022.167823 
_citation.pdbx_database_id_PubMed   36103920 
_citation.pdbx_database_id_patent   ? 
_citation.unpublished_flag          ? 
# 
loop_
_citation_author.citation_id 
_citation_author.name 
_citation_author.ordinal 
_citation_author.identifier_ORCID 
primary 'Zhang, Y.' 1 ? 
primary 'Chen, R.'  2 ? 
primary 'Dong, Y.'  3 ? 
primary 'Zhu, J.'   4 ? 
primary 'Su, K.'    5 ? 
primary 'Liu, J.'   6 ? 
primary 'Xu, J.'    7 ? 
# 
_cell.angle_alpha                  90.000 
_cell.angle_alpha_esd              ? 
_cell.angle_beta                   90.000 
_cell.angle_beta_esd               ? 
_cell.angle_gamma                  90.000 
_cell.angle_gamma_esd              ? 
_cell.entry_id                     7WF6 
_cell.details                      ? 
_cell.formula_units_Z              ? 
_cell.length_a                     165.328 
_cell.length_a_esd                 ? 
_cell.length_b                     165.328 
_cell.length_b_esd                 ? 
_cell.length_c                     165.328 
_cell.length_c_esd                 ? 
_cell.volume                       ? 
_cell.volume_esd                   ? 
_cell.Z_PDB                        24 
_cell.reciprocal_angle_alpha       ? 
_cell.reciprocal_angle_beta        ? 
_cell.reciprocal_angle_gamma       ? 
_cell.reciprocal_angle_alpha_esd   ? 
_cell.reciprocal_angle_beta_esd    ? 
_cell.reciprocal_angle_gamma_esd   ? 
_cell.reciprocal_length_a          ? 
_cell.reciprocal_length_b          ? 
_cell.reciprocal_length_c          ? 
_cell.reciprocal_length_a_esd      ? 
_cell.reciprocal_length_b_esd      ? 
_cell.reciprocal_length_c_esd      ? 
_cell.pdbx_unique_axis             ? 
# 
_symmetry.entry_id                         7WF6 
_symmetry.cell_setting                     ? 
_symmetry.Int_Tables_number                212 
_symmetry.space_group_name_Hall            ? 
_symmetry.space_group_name_H-M             'P 43 3 2' 
_symmetry.pdbx_full_space_group_name_H-M   ? 
# 
loop_
_entity.id 
_entity.type 
_entity.src_method 
_entity.pdbx_description 
_entity.formula_weight 
_entity.pdbx_number_of_molecules 
_entity.pdbx_ec 
_entity.pdbx_mutation 
_entity.pdbx_fragment 
_entity.details 
1 polymer     man 'Sorting nexin-13' 17901.232 1 ? ? ? ? 
2 non-polymer nat 'CHLORIDE ION'     35.453    4 ? ? ? ? 
# 
_entity_name_com.entity_id   1 
_entity_name_com.name        'RGS domain- and PHOX domain-containing protein,RGS-PX1' 
# 
_entity_poly.entity_id                      1 
_entity_poly.type                           'polypeptide(L)' 
_entity_poly.nstd_linkage                   no 
_entity_poly.nstd_monomer                   no 
_entity_poly.pdbx_seq_one_letter_code       
;MPLDSILVDNVALQFFMDYMQQTGGQAHLFFWMTVEGYRVTAQQQLEVLLSRQRDGKHQTNQTKGLLRAAAVGIYEQYLS
EKASPRVTVDDYLVAKLADTLNHEDPTPEIFDDIQRKVYELMLRDERFYPSFRQNALYVRMLAELEHHHHHH
;
_entity_poly.pdbx_seq_one_letter_code_can   
;MPLDSILVDNVALQFFMDYMQQTGGQAHLFFWMTVEGYRVTAQQQLEVLLSRQRDGKHQTNQTKGLLRAAAVGIYEQYLS
EKASPRVTVDDYLVAKLADTLNHEDPTPEIFDDIQRKVYELMLRDERFYPSFRQNALYVRMLAELEHHHHHH
;
_entity_poly.pdbx_strand_id                 A 
_entity_poly.pdbx_target_identifier         ? 
# 
loop_
_entity_poly_seq.entity_id 
_entity_poly_seq.num 
_entity_poly_seq.mon_id 
_entity_poly_seq.hetero 
1 1   MET n 
1 2   PRO n 
1 3   LEU n 
1 4   ASP n 
1 5   SER n 
1 6   ILE n 
1 7   LEU n 
1 8   VAL n 
1 9   ASP n 
1 10  ASN n 
1 11  VAL n 
1 12  ALA n 
1 13  LEU n 
1 14  GLN n 
1 15  PHE n 
1 16  PHE n 
1 17  MET n 
1 18  ASP n 
1 19  TYR n 
1 20  MET n 
1 21  GLN n 
1 22  GLN n 
1 23  THR n 
1 24  GLY n 
1 25  GLY n 
1 26  GLN n 
1 27  ALA n 
1 28  HIS n 
1 29  LEU n 
1 30  PHE n 
1 31  PHE n 
1 32  TRP n 
1 33  MET n 
1 34  THR n 
1 35  VAL n 
1 36  GLU n 
1 37  GLY n 
1 38  TYR n 
1 39  ARG n 
1 40  VAL n 
1 41  THR n 
1 42  ALA n 
1 43  GLN n 
1 44  GLN n 
1 45  GLN n 
1 46  LEU n 
1 47  GLU n 
1 48  VAL n 
1 49  LEU n 
1 50  LEU n 
1 51  SER n 
1 52  ARG n 
1 53  GLN n 
1 54  ARG n 
1 55  ASP n 
1 56  GLY n 
1 57  LYS n 
1 58  HIS n 
1 59  GLN n 
1 60  THR n 
1 61  ASN n 
1 62  GLN n 
1 63  THR n 
1 64  LYS n 
1 65  GLY n 
1 66  LEU n 
1 67  LEU n 
1 68  ARG n 
1 69  ALA n 
1 70  ALA n 
1 71  ALA n 
1 72  VAL n 
1 73  GLY n 
1 74  ILE n 
1 75  TYR n 
1 76  GLU n 
1 77  GLN n 
1 78  TYR n 
1 79  LEU n 
1 80  SER n 
1 81  GLU n 
1 82  LYS n 
1 83  ALA n 
1 84  SER n 
1 85  PRO n 
1 86  ARG n 
1 87  VAL n 
1 88  THR n 
1 89  VAL n 
1 90  ASP n 
1 91  ASP n 
1 92  TYR n 
1 93  LEU n 
1 94  VAL n 
1 95  ALA n 
1 96  LYS n 
1 97  LEU n 
1 98  ALA n 
1 99  ASP n 
1 100 THR n 
1 101 LEU n 
1 102 ASN n 
1 103 HIS n 
1 104 GLU n 
1 105 ASP n 
1 106 PRO n 
1 107 THR n 
1 108 PRO n 
1 109 GLU n 
1 110 ILE n 
1 111 PHE n 
1 112 ASP n 
1 113 ASP n 
1 114 ILE n 
1 115 GLN n 
1 116 ARG n 
1 117 LYS n 
1 118 VAL n 
1 119 TYR n 
1 120 GLU n 
1 121 LEU n 
1 122 MET n 
1 123 LEU n 
1 124 ARG n 
1 125 ASP n 
1 126 GLU n 
1 127 ARG n 
1 128 PHE n 
1 129 TYR n 
1 130 PRO n 
1 131 SER n 
1 132 PHE n 
1 133 ARG n 
1 134 GLN n 
1 135 ASN n 
1 136 ALA n 
1 137 LEU n 
1 138 TYR n 
1 139 VAL n 
1 140 ARG n 
1 141 MET n 
1 142 LEU n 
1 143 ALA n 
1 144 GLU n 
1 145 LEU n 
1 146 GLU n 
1 147 HIS n 
1 148 HIS n 
1 149 HIS n 
1 150 HIS n 
1 151 HIS n 
1 152 HIS n 
# 
_entity_src_gen.entity_id                          1 
_entity_src_gen.pdbx_src_id                        1 
_entity_src_gen.pdbx_alt_source_flag               sample 
_entity_src_gen.pdbx_seq_type                      'Biological sequence' 
_entity_src_gen.pdbx_beg_seq_num                   1 
_entity_src_gen.pdbx_end_seq_num                   152 
_entity_src_gen.gene_src_common_name               human 
_entity_src_gen.gene_src_genus                     ? 
_entity_src_gen.pdbx_gene_src_gene                 'SNX13, KIAA0713' 
_entity_src_gen.gene_src_species                   ? 
_entity_src_gen.gene_src_strain                    ? 
_entity_src_gen.gene_src_tissue                    ? 
_entity_src_gen.gene_src_tissue_fraction           ? 
_entity_src_gen.gene_src_details                   ? 
_entity_src_gen.pdbx_gene_src_fragment             ? 
_entity_src_gen.pdbx_gene_src_scientific_name      'Homo sapiens' 
_entity_src_gen.pdbx_gene_src_ncbi_taxonomy_id     9606 
_entity_src_gen.pdbx_gene_src_variant              ? 
_entity_src_gen.pdbx_gene_src_cell_line            ? 
_entity_src_gen.pdbx_gene_src_atcc                 ? 
_entity_src_gen.pdbx_gene_src_organ                ? 
_entity_src_gen.pdbx_gene_src_organelle            ? 
_entity_src_gen.pdbx_gene_src_cell                 ? 
_entity_src_gen.pdbx_gene_src_cellular_location    ? 
_entity_src_gen.host_org_common_name               ? 
_entity_src_gen.pdbx_host_org_scientific_name      'Escherichia coli BL21(DE3)' 
_entity_src_gen.pdbx_host_org_ncbi_taxonomy_id     469008 
_entity_src_gen.host_org_genus                     ? 
_entity_src_gen.pdbx_host_org_gene                 ? 
_entity_src_gen.pdbx_host_org_organ                ? 
_entity_src_gen.host_org_species                   ? 
_entity_src_gen.pdbx_host_org_tissue               ? 
_entity_src_gen.pdbx_host_org_tissue_fraction      ? 
_entity_src_gen.pdbx_host_org_strain               ? 
_entity_src_gen.pdbx_host_org_variant              ? 
_entity_src_gen.pdbx_host_org_cell_line            ? 
_entity_src_gen.pdbx_host_org_atcc                 ? 
_entity_src_gen.pdbx_host_org_culture_collection   ? 
_entity_src_gen.pdbx_host_org_cell                 ? 
_entity_src_gen.pdbx_host_org_organelle            ? 
_entity_src_gen.pdbx_host_org_cellular_location    ? 
_entity_src_gen.pdbx_host_org_vector_type          ? 
_entity_src_gen.pdbx_host_org_vector               ? 
_entity_src_gen.host_org_details                   ? 
_entity_src_gen.expression_system_id               ? 
_entity_src_gen.plasmid_name                       ? 
_entity_src_gen.plasmid_details                    ? 
_entity_src_gen.pdbx_description                   ? 
# 
_struct_ref.id                         1 
_struct_ref.db_name                    UNP 
_struct_ref.db_code                    SNX13_HUMAN 
_struct_ref.pdbx_db_accession          Q9Y5W8 
_struct_ref.pdbx_db_isoform            ? 
_struct_ref.entity_id                  1 
_struct_ref.pdbx_seq_one_letter_code   
;PLDSILVDNVALQFFMDYMQQTGGQAHLFFWMTVEGYRVTAQQQLEVLLSRQRDGKHQTNQTKGLLRAAAVGIYEQYLSE
KASPRVTVDDYLVAKLADTLNHEDPTPEIFDDIQRKVYELMLRDERFYPSFRQNALYVRMLAEL
;
_struct_ref.pdbx_align_begin           373 
# 
_struct_ref_seq.align_id                      1 
_struct_ref_seq.ref_id                        1 
_struct_ref_seq.pdbx_PDB_id_code              7WF6 
_struct_ref_seq.pdbx_strand_id                A 
_struct_ref_seq.seq_align_beg                 2 
_struct_ref_seq.pdbx_seq_align_beg_ins_code   ? 
_struct_ref_seq.seq_align_end                 145 
_struct_ref_seq.pdbx_seq_align_end_ins_code   ? 
_struct_ref_seq.pdbx_db_accession             Q9Y5W8 
_struct_ref_seq.db_align_beg                  373 
_struct_ref_seq.pdbx_db_align_beg_ins_code    ? 
_struct_ref_seq.db_align_end                  516 
_struct_ref_seq.pdbx_db_align_end_ins_code    ? 
_struct_ref_seq.pdbx_auth_seq_align_beg       373 
_struct_ref_seq.pdbx_auth_seq_align_end       516 
# 
loop_
_struct_ref_seq_dif.align_id 
_struct_ref_seq_dif.pdbx_pdb_id_code 
_struct_ref_seq_dif.mon_id 
_struct_ref_seq_dif.pdbx_pdb_strand_id 
_struct_ref_seq_dif.seq_num 
_struct_ref_seq_dif.pdbx_pdb_ins_code 
_struct_ref_seq_dif.pdbx_seq_db_name 
_struct_ref_seq_dif.pdbx_seq_db_accession_code 
_struct_ref_seq_dif.db_mon_id 
_struct_ref_seq_dif.pdbx_seq_db_seq_num 
_struct_ref_seq_dif.details 
_struct_ref_seq_dif.pdbx_auth_seq_num 
_struct_ref_seq_dif.pdbx_ordinal 
1 7WF6 MET A 1   ? UNP Q9Y5W8 ? ? 'initiating methionine' 372 1 
1 7WF6 GLU A 146 ? UNP Q9Y5W8 ? ? 'expression tag'        517 2 
1 7WF6 HIS A 147 ? UNP Q9Y5W8 ? ? 'expression tag'        518 3 
1 7WF6 HIS A 148 ? UNP Q9Y5W8 ? ? 'expression tag'        519 4 
1 7WF6 HIS A 149 ? UNP Q9Y5W8 ? ? 'expression tag'        520 5 
1 7WF6 HIS A 150 ? UNP Q9Y5W8 ? ? 'expression tag'        521 6 
1 7WF6 HIS A 151 ? UNP Q9Y5W8 ? ? 'expression tag'        522 7 
1 7WF6 HIS A 152 ? UNP Q9Y5W8 ? ? 'expression tag'        523 8 
# 
loop_
_chem_comp.id 
_chem_comp.type 
_chem_comp.mon_nstd_flag 
_chem_comp.name 
_chem_comp.pdbx_synonyms 
_chem_comp.formula 
_chem_comp.formula_weight 
ALA 'L-peptide linking' y ALANINE         ? 'C3 H7 N O2'     89.093  
ARG 'L-peptide linking' y ARGININE        ? 'C6 H15 N4 O2 1' 175.209 
ASN 'L-peptide linking' y ASPARAGINE      ? 'C4 H8 N2 O3'    132.118 
ASP 'L-peptide linking' y 'ASPARTIC ACID' ? 'C4 H7 N O4'     133.103 
CL  non-polymer         . 'CHLORIDE ION'  ? 'Cl -1'          35.453  
GLN 'L-peptide linking' y GLUTAMINE       ? 'C5 H10 N2 O3'   146.144 
GLU 'L-peptide linking' y 'GLUTAMIC ACID' ? 'C5 H9 N O4'     147.129 
GLY 'peptide linking'   y GLYCINE         ? 'C2 H5 N O2'     75.067  
HIS 'L-peptide linking' y HISTIDINE       ? 'C6 H10 N3 O2 1' 156.162 
ILE 'L-peptide linking' y ISOLEUCINE      ? 'C6 H13 N O2'    131.173 
LEU 'L-peptide linking' y LEUCINE         ? 'C6 H13 N O2'    131.173 
LYS 'L-peptide linking' y LYSINE          ? 'C6 H15 N2 O2 1' 147.195 
MET 'L-peptide linking' y METHIONINE      ? 'C5 H11 N O2 S'  149.211 
PHE 'L-peptide linking' y PHENYLALANINE   ? 'C9 H11 N O2'    165.189 
PRO 'L-peptide linking' y PROLINE         ? 'C5 H9 N O2'     115.130 
SER 'L-peptide linking' y SERINE          ? 'C3 H7 N O3'     105.093 
THR 'L-peptide linking' y THREONINE       ? 'C4 H9 N O3'     119.119 
TRP 'L-peptide linking' y TRYPTOPHAN      ? 'C11 H12 N2 O2'  204.225 
TYR 'L-peptide linking' y TYROSINE        ? 'C9 H11 N O3'    181.189 
VAL 'L-peptide linking' y VALINE          ? 'C5 H11 N O2'    117.146 
# 
_exptl.absorpt_coefficient_mu     ? 
_exptl.absorpt_correction_T_max   ? 
_exptl.absorpt_correction_T_min   ? 
_exptl.absorpt_correction_type    ? 
_exptl.absorpt_process_details    ? 
_exptl.entry_id                   7WF6 
_exptl.crystals_number            1 
_exptl.details                    ? 
_exptl.method                     'X-RAY DIFFRACTION' 
_exptl.method_details             ? 
# 
_exptl_crystal.colour                      ? 
_exptl_crystal.density_diffrn              ? 
_exptl_crystal.density_Matthews            ? 
_exptl_crystal.density_method              ? 
_exptl_crystal.density_percent_sol         ? 
_exptl_crystal.description                 ? 
_exptl_crystal.F_000                       ? 
_exptl_crystal.id                          1 
_exptl_crystal.preparation                 ? 
_exptl_crystal.size_max                    ? 
_exptl_crystal.size_mid                    ? 
_exptl_crystal.size_min                    ? 
_exptl_crystal.size_rad                    ? 
_exptl_crystal.colour_lustre               ? 
_exptl_crystal.colour_modifier             ? 
_exptl_crystal.colour_primary              ? 
_exptl_crystal.density_meas                ? 
_exptl_crystal.density_meas_esd            ? 
_exptl_crystal.density_meas_gt             ? 
_exptl_crystal.density_meas_lt             ? 
_exptl_crystal.density_meas_temp           ? 
_exptl_crystal.density_meas_temp_esd       ? 
_exptl_crystal.density_meas_temp_gt        ? 
_exptl_crystal.density_meas_temp_lt        ? 
_exptl_crystal.pdbx_crystal_image_url      ? 
_exptl_crystal.pdbx_crystal_image_format   ? 
_exptl_crystal.pdbx_mosaicity              0.000 
_exptl_crystal.pdbx_mosaicity_esd          ? 
# 
_exptl_crystal_grow.apparatus       ? 
_exptl_crystal_grow.atmosphere      ? 
_exptl_crystal_grow.crystal_id      1 
_exptl_crystal_grow.details         ? 
_exptl_crystal_grow.method          'VAPOR DIFFUSION' 
_exptl_crystal_grow.method_ref      ? 
_exptl_crystal_grow.pH              8.5 
_exptl_crystal_grow.pressure        ? 
_exptl_crystal_grow.pressure_esd    ? 
_exptl_crystal_grow.seeding         ? 
_exptl_crystal_grow.seeding_ref     ? 
_exptl_crystal_grow.temp            277 
_exptl_crystal_grow.temp_details    ? 
_exptl_crystal_grow.temp_esd        ? 
_exptl_crystal_grow.time            ? 
_exptl_crystal_grow.pdbx_details    '0.7 M Sodium citrate tribasic, 0.1 M TRIS pH 8.5' 
_exptl_crystal_grow.pdbx_pH_range   ? 
# 
_diffrn.ambient_environment              ? 
_diffrn.ambient_temp                     100 
_diffrn.ambient_temp_details             ? 
_diffrn.ambient_temp_esd                 ? 
_diffrn.crystal_id                       1 
_diffrn.crystal_support                  ? 
_diffrn.crystal_treatment                ? 
_diffrn.details                          ? 
_diffrn.id                               1 
_diffrn.ambient_pressure                 ? 
_diffrn.ambient_pressure_esd             ? 
_diffrn.ambient_pressure_gt              ? 
_diffrn.ambient_pressure_lt              ? 
_diffrn.ambient_temp_gt                  ? 
_diffrn.ambient_temp_lt                  ? 
_diffrn.pdbx_serial_crystal_experiment   N 
# 
_diffrn_detector.details                      ? 
_diffrn_detector.detector                     PIXEL 
_diffrn_detector.diffrn_id                    1 
_diffrn_detector.type                         'DECTRIS PILATUS3 6M' 
_diffrn_detector.area_resol_mean              ? 
_diffrn_detector.dtime                        ? 
_diffrn_detector.pdbx_frames_total            ? 
_diffrn_detector.pdbx_collection_time_total   ? 
_diffrn_detector.pdbx_collection_date         2018-09-24 
_diffrn_detector.pdbx_frequency               ? 
# 
_diffrn_radiation.collimation                      ? 
_diffrn_radiation.diffrn_id                        1 
_diffrn_radiation.filter_edge                      ? 
_diffrn_radiation.inhomogeneity                    ? 
_diffrn_radiation.monochromator                    ? 
_diffrn_radiation.polarisn_norm                    ? 
_diffrn_radiation.polarisn_ratio                   ? 
_diffrn_radiation.probe                            ? 
_diffrn_radiation.type                             ? 
_diffrn_radiation.xray_symbol                      ? 
_diffrn_radiation.wavelength_id                    1 
_diffrn_radiation.pdbx_monochromatic_or_laue_m_l   M 
_diffrn_radiation.pdbx_wavelength_list             ? 
_diffrn_radiation.pdbx_wavelength                  ? 
_diffrn_radiation.pdbx_diffrn_protocol             'SINGLE WAVELENGTH' 
_diffrn_radiation.pdbx_analyzer                    ? 
_diffrn_radiation.pdbx_scattering_type             x-ray 
# 
_diffrn_radiation_wavelength.id           1 
_diffrn_radiation_wavelength.wavelength   0.9789 
_diffrn_radiation_wavelength.wt           1.0 
# 
_diffrn_source.current                     ? 
_diffrn_source.details                     ? 
_diffrn_source.diffrn_id                   1 
_diffrn_source.power                       ? 
_diffrn_source.size                        ? 
_diffrn_source.source                      SYNCHROTRON 
_diffrn_source.target                      ? 
_diffrn_source.type                        'SSRF BEAMLINE BL19U1' 
_diffrn_source.voltage                     ? 
_diffrn_source.take-off_angle              ? 
_diffrn_source.pdbx_wavelength_list        0.9789 
_diffrn_source.pdbx_wavelength             ? 
_diffrn_source.pdbx_synchrotron_beamline   BL19U1 
_diffrn_source.pdbx_synchrotron_site       SSRF 
# 
_reflns.B_iso_Wilson_estimate                          ? 
_reflns.entry_id                                       7WF6 
_reflns.data_reduction_details                         ? 
_reflns.data_reduction_method                          ? 
_reflns.d_resolution_high                              3.250 
_reflns.d_resolution_low                               29.230 
_reflns.details                                        ? 
_reflns.limit_h_max                                    ? 
_reflns.limit_h_min                                    ? 
_reflns.limit_k_max                                    ? 
_reflns.limit_k_min                                    ? 
_reflns.limit_l_max                                    ? 
_reflns.limit_l_min                                    ? 
_reflns.number_all                                     ? 
_reflns.number_obs                                     12744 
_reflns.observed_criterion                             ? 
_reflns.observed_criterion_F_max                       ? 
_reflns.observed_criterion_F_min                       ? 
_reflns.observed_criterion_I_max                       ? 
_reflns.observed_criterion_I_min                       ? 
_reflns.observed_criterion_sigma_F                     ? 
_reflns.observed_criterion_sigma_I                     ? 
_reflns.percent_possible_obs                           99.900 
_reflns.R_free_details                                 ? 
_reflns.Rmerge_F_all                                   ? 
_reflns.Rmerge_F_obs                                   ? 
_reflns.Friedel_coverage                               ? 
_reflns.number_gt                                      ? 
_reflns.threshold_expression                           ? 
_reflns.pdbx_redundancy                                40.500 
_reflns.pdbx_Rmerge_I_obs                              0.383 
_reflns.pdbx_Rmerge_I_all                              ? 
_reflns.pdbx_Rsym_value                                ? 
_reflns.pdbx_netI_over_av_sigmaI                       ? 
_reflns.pdbx_netI_over_sigmaI                          9.200 
_reflns.pdbx_res_netI_over_av_sigmaI_2                 ? 
_reflns.pdbx_res_netI_over_sigmaI_2                    ? 
_reflns.pdbx_chi_squared                               ? 
_reflns.pdbx_scaling_rejects                           8767 
_reflns.pdbx_d_res_high_opt                            ? 
_reflns.pdbx_d_res_low_opt                             ? 
_reflns.pdbx_d_res_opt_method                          ? 
_reflns.phase_calculation_details                      ? 
_reflns.pdbx_Rrim_I_all                                0.389 
_reflns.pdbx_Rpim_I_all                                0.061 
_reflns.pdbx_d_opt                                     ? 
_reflns.pdbx_number_measured_all                       516745 
_reflns.pdbx_diffrn_id                                 1 
_reflns.pdbx_ordinal                                   1 
_reflns.pdbx_CC_half                                   0.992 
_reflns.pdbx_CC_star                                   ? 
_reflns.pdbx_R_split                                   ? 
_reflns.pdbx_aniso_diffraction_limit_axis_1_ortho[1]   ? 
_reflns.pdbx_aniso_diffraction_limit_axis_1_ortho[2]   ? 
_reflns.pdbx_aniso_diffraction_limit_axis_1_ortho[3]   ? 
_reflns.pdbx_aniso_diffraction_limit_axis_2_ortho[1]   ? 
_reflns.pdbx_aniso_diffraction_limit_axis_2_ortho[2]   ? 
_reflns.pdbx_aniso_diffraction_limit_axis_2_ortho[3]   ? 
_reflns.pdbx_aniso_diffraction_limit_axis_3_ortho[1]   ? 
_reflns.pdbx_aniso_diffraction_limit_axis_3_ortho[2]   ? 
_reflns.pdbx_aniso_diffraction_limit_axis_3_ortho[3]   ? 
_reflns.pdbx_aniso_diffraction_limit_1                 ? 
_reflns.pdbx_aniso_diffraction_limit_2                 ? 
_reflns.pdbx_aniso_diffraction_limit_3                 ? 
_reflns.pdbx_aniso_B_tensor_eigenvector_1_ortho[1]     ? 
_reflns.pdbx_aniso_B_tensor_eigenvector_1_ortho[2]     ? 
_reflns.pdbx_aniso_B_tensor_eigenvector_1_ortho[3]     ? 
_reflns.pdbx_aniso_B_tensor_eigenvector_2_ortho[1]     ? 
_reflns.pdbx_aniso_B_tensor_eigenvector_2_ortho[2]     ? 
_reflns.pdbx_aniso_B_tensor_eigenvector_2_ortho[3]     ? 
_reflns.pdbx_aniso_B_tensor_eigenvector_3_ortho[1]     ? 
_reflns.pdbx_aniso_B_tensor_eigenvector_3_ortho[2]     ? 
_reflns.pdbx_aniso_B_tensor_eigenvector_3_ortho[3]     ? 
_reflns.pdbx_aniso_B_tensor_eigenvalue_1               ? 
_reflns.pdbx_aniso_B_tensor_eigenvalue_2               ? 
_reflns.pdbx_aniso_B_tensor_eigenvalue_3               ? 
_reflns.pdbx_orthogonalization_convention              ? 
_reflns.pdbx_percent_possible_ellipsoidal              ? 
_reflns.pdbx_percent_possible_spherical                ? 
_reflns.pdbx_percent_possible_ellipsoidal_anomalous    ? 
_reflns.pdbx_percent_possible_spherical_anomalous      ? 
_reflns.pdbx_redundancy_anomalous                      ? 
_reflns.pdbx_CC_half_anomalous                         ? 
_reflns.pdbx_absDiff_over_sigma_anomalous              ? 
_reflns.pdbx_percent_possible_anomalous                ? 
_reflns.pdbx_observed_signal_threshold                 ? 
_reflns.pdbx_signal_type                               ? 
_reflns.pdbx_signal_details                            ? 
_reflns.pdbx_signal_software_id                        ? 
# 
loop_
_reflns_shell.d_res_high 
_reflns_shell.d_res_low 
_reflns_shell.meanI_over_sigI_all 
_reflns_shell.meanI_over_sigI_obs 
_reflns_shell.number_measured_all 
_reflns_shell.number_measured_obs 
_reflns_shell.number_possible 
_reflns_shell.number_unique_all 
_reflns_shell.number_unique_obs 
_reflns_shell.percent_possible_all 
_reflns_shell.percent_possible_obs 
_reflns_shell.Rmerge_F_all 
_reflns_shell.Rmerge_F_obs 
_reflns_shell.Rmerge_I_all 
_reflns_shell.Rmerge_I_obs 
_reflns_shell.meanI_over_sigI_gt 
_reflns_shell.meanI_over_uI_all 
_reflns_shell.meanI_over_uI_gt 
_reflns_shell.number_measured_gt 
_reflns_shell.number_unique_gt 
_reflns_shell.percent_possible_gt 
_reflns_shell.Rmerge_F_gt 
_reflns_shell.Rmerge_I_gt 
_reflns_shell.pdbx_redundancy 
_reflns_shell.pdbx_Rsym_value 
_reflns_shell.pdbx_chi_squared 
_reflns_shell.pdbx_netI_over_sigmaI_all 
_reflns_shell.pdbx_netI_over_sigmaI_obs 
_reflns_shell.pdbx_Rrim_I_all 
_reflns_shell.pdbx_Rpim_I_all 
_reflns_shell.pdbx_rejects 
_reflns_shell.pdbx_ordinal 
_reflns_shell.pdbx_diffrn_id 
_reflns_shell.pdbx_CC_half 
_reflns_shell.pdbx_CC_star 
_reflns_shell.pdbx_R_split 
_reflns_shell.pdbx_percent_possible_ellipsoidal 
_reflns_shell.pdbx_percent_possible_spherical 
_reflns_shell.pdbx_percent_possible_ellipsoidal_anomalous 
_reflns_shell.pdbx_percent_possible_spherical_anomalous 
_reflns_shell.pdbx_redundancy_anomalous 
_reflns_shell.pdbx_CC_half_anomalous 
_reflns_shell.pdbx_absDiff_over_sigma_anomalous 
_reflns_shell.pdbx_percent_possible_anomalous 
3.250 3.510  ? ? 101270 ? ? ? 2538 100.000 ? ? ? ? 1.142 ? ? ? ? ? ? ? ? 39.900 ? ? ? 4.000  1.157 0.182 ? 1 1 0.609 ? ? ? ? ? ? ? 
? ? ? 
8.590 29.230 ? ? 22529  ? ? ? 780  97.600  ? ? ? ? 0.232 ? ? ? ? ? ? ? ? 28.900 ? ? ? 14.400 0.235 0.041 ? 2 1 0.988 ? ? ? ? ? ? ? 
? ? ? 
# 
_refine.aniso_B[1][1]                            0.0000 
_refine.aniso_B[1][2]                            0.0000 
_refine.aniso_B[1][3]                            0.0000 
_refine.aniso_B[2][2]                            0.0000 
_refine.aniso_B[2][3]                            0.0000 
_refine.aniso_B[3][3]                            0.0000 
_refine.B_iso_max                                200.000 
_refine.B_iso_mean                               98.1340 
_refine.B_iso_min                                66.490 
_refine.correlation_coeff_Fo_to_Fc               0.9450 
_refine.correlation_coeff_Fo_to_Fc_free          0.9400 
_refine.details                                  
'HYDROGENS HAVE BEEN ADDED IN THE RIDING POSITIONS U VALUES      : REFINED INDIVIDUALLY' 
_refine.diff_density_max                         ? 
_refine.diff_density_max_esd                     ? 
_refine.diff_density_min                         ? 
_refine.diff_density_min_esd                     ? 
_refine.diff_density_rms                         ? 
_refine.diff_density_rms_esd                     ? 
_refine.entry_id                                 7WF6 
_refine.pdbx_refine_id                           'X-RAY DIFFRACTION' 
_refine.ls_abs_structure_details                 ? 
_refine.ls_abs_structure_Flack                   ? 
_refine.ls_abs_structure_Flack_esd               ? 
_refine.ls_abs_structure_Rogers                  ? 
_refine.ls_abs_structure_Rogers_esd              ? 
_refine.ls_d_res_high                            3.2500 
_refine.ls_d_res_low                             18.0000 
_refine.ls_extinction_coef                       ? 
_refine.ls_extinction_coef_esd                   ? 
_refine.ls_extinction_expression                 ? 
_refine.ls_extinction_method                     ? 
_refine.ls_goodness_of_fit_all                   ? 
_refine.ls_goodness_of_fit_all_esd               ? 
_refine.ls_goodness_of_fit_obs                   ? 
_refine.ls_goodness_of_fit_obs_esd               ? 
_refine.ls_hydrogen_treatment                    ? 
_refine.ls_matrix_type                           ? 
_refine.ls_number_constraints                    ? 
_refine.ls_number_parameters                     ? 
_refine.ls_number_reflns_all                     ? 
_refine.ls_number_reflns_obs                     11986 
_refine.ls_number_reflns_R_free                  621 
_refine.ls_number_reflns_R_work                  ? 
_refine.ls_number_restraints                     ? 
_refine.ls_percent_reflns_obs                    99.1600 
_refine.ls_percent_reflns_R_free                 4.9000 
_refine.ls_R_factor_all                          ? 
_refine.ls_R_factor_obs                          0.2188 
_refine.ls_R_factor_R_free                       0.2241 
_refine.ls_R_factor_R_free_error                 ? 
_refine.ls_R_factor_R_free_error_details         ? 
_refine.ls_R_factor_R_work                       0.2185 
_refine.ls_R_Fsqd_factor_obs                     ? 
_refine.ls_R_I_factor_obs                        ? 
_refine.ls_redundancy_reflns_all                 ? 
_refine.ls_redundancy_reflns_obs                 ? 
_refine.ls_restrained_S_all                      ? 
_refine.ls_restrained_S_obs                      ? 
_refine.ls_shift_over_esd_max                    ? 
_refine.ls_shift_over_esd_mean                   ? 
_refine.ls_structure_factor_coef                 ? 
_refine.ls_weighting_details                     ? 
_refine.ls_weighting_scheme                      ? 
_refine.ls_wR_factor_all                         ? 
_refine.ls_wR_factor_obs                         ? 
_refine.ls_wR_factor_R_free                      ? 
_refine.ls_wR_factor_R_work                      ? 
_refine.occupancy_max                            ? 
_refine.occupancy_min                            ? 
_refine.solvent_model_details                    MASK 
_refine.solvent_model_param_bsol                 ? 
_refine.solvent_model_param_ksol                 ? 
_refine.pdbx_R_complete                          ? 
_refine.ls_R_factor_gt                           ? 
_refine.ls_goodness_of_fit_gt                    ? 
_refine.ls_goodness_of_fit_ref                   ? 
_refine.ls_shift_over_su_max                     ? 
_refine.ls_shift_over_su_max_lt                  ? 
_refine.ls_shift_over_su_mean                    ? 
_refine.ls_shift_over_su_mean_lt                 ? 
_refine.pdbx_ls_sigma_I                          ? 
_refine.pdbx_ls_sigma_F                          0.000 
_refine.pdbx_ls_sigma_Fsqd                       ? 
_refine.pdbx_data_cutoff_high_absF               ? 
_refine.pdbx_data_cutoff_high_rms_absF           ? 
_refine.pdbx_data_cutoff_low_absF                ? 
_refine.pdbx_isotropic_thermal_model             ? 
_refine.pdbx_ls_cross_valid_method               THROUGHOUT 
_refine.pdbx_method_to_determine_struct          'MOLECULAR REPLACEMENT' 
_refine.pdbx_starting_model                      3C7K 
_refine.pdbx_stereochemistry_target_values       'MAXIMUM LIKELIHOOD' 
_refine.pdbx_R_Free_selection_details            RANDOM 
_refine.pdbx_stereochem_target_val_spec_case     ? 
_refine.pdbx_overall_ESU_R                       0.2970 
_refine.pdbx_overall_ESU_R_Free                  0.2350 
_refine.pdbx_solvent_vdw_probe_radii             1.2000 
_refine.pdbx_solvent_ion_probe_radii             0.8000 
_refine.pdbx_solvent_shrinkage_radii             0.8000 
_refine.pdbx_real_space_R                        ? 
_refine.pdbx_density_correlation                 ? 
_refine.pdbx_pd_number_of_powder_patterns        ? 
_refine.pdbx_pd_number_of_points                 ? 
_refine.pdbx_pd_meas_number_of_points            ? 
_refine.pdbx_pd_proc_ls_prof_R_factor            ? 
_refine.pdbx_pd_proc_ls_prof_wR_factor           ? 
_refine.pdbx_pd_Marquardt_correlation_coeff      ? 
_refine.pdbx_pd_Fsqrd_R_factor                   ? 
_refine.pdbx_pd_ls_matrix_band_width             ? 
_refine.pdbx_overall_phase_error                 ? 
_refine.pdbx_overall_SU_R_free_Cruickshank_DPI   ? 
_refine.pdbx_overall_SU_R_free_Blow_DPI          ? 
_refine.pdbx_overall_SU_R_Blow_DPI               ? 
_refine.pdbx_TLS_residual_ADP_flag               ? 
_refine.pdbx_diffrn_id                           1 
_refine.overall_SU_B                             11.9730 
_refine.overall_SU_ML                            0.1770 
_refine.overall_SU_R_Cruickshank_DPI             ? 
_refine.overall_SU_R_free                        ? 
_refine.overall_FOM_free_R_set                   ? 
_refine.overall_FOM_work_R_set                   ? 
_refine.pdbx_average_fsc_overall                 ? 
_refine.pdbx_average_fsc_work                    ? 
_refine.pdbx_average_fsc_free                    ? 
# 
_refine_hist.pdbx_refine_id                   'X-RAY DIFFRACTION' 
_refine_hist.cycle_id                         final 
_refine_hist.details                          ? 
_refine_hist.d_res_high                       3.2500 
_refine_hist.d_res_low                        18.0000 
_refine_hist.number_atoms_solvent             0 
_refine_hist.number_atoms_total               1203 
_refine_hist.number_reflns_all                ? 
_refine_hist.number_reflns_obs                ? 
_refine_hist.number_reflns_R_free             ? 
_refine_hist.number_reflns_R_work             ? 
_refine_hist.R_factor_all                     ? 
_refine_hist.R_factor_obs                     ? 
_refine_hist.R_factor_R_free                  ? 
_refine_hist.R_factor_R_work                  ? 
_refine_hist.pdbx_number_residues_total       145 
_refine_hist.pdbx_B_iso_mean_ligand           105.28 
_refine_hist.pdbx_B_iso_mean_solvent          ? 
_refine_hist.pdbx_number_atoms_protein        1199 
_refine_hist.pdbx_number_atoms_nucleic_acid   0 
_refine_hist.pdbx_number_atoms_ligand         4 
_refine_hist.pdbx_number_atoms_lipid          ? 
_refine_hist.pdbx_number_atoms_carb           ? 
_refine_hist.pdbx_pseudo_atom_details         ? 
# 
loop_
_refine_ls_restr.pdbx_refine_id 
_refine_ls_restr.criterion 
_refine_ls_restr.dev_ideal 
_refine_ls_restr.dev_ideal_target 
_refine_ls_restr.number 
_refine_ls_restr.rejects 
_refine_ls_restr.type 
_refine_ls_restr.weight 
_refine_ls_restr.pdbx_restraint_function 
'X-RAY DIFFRACTION' ? 0.006  0.013  1224 ? r_bond_refined_d       ? ? 
'X-RAY DIFFRACTION' ? 0.001  0.017  1115 ? r_bond_other_d         ? ? 
'X-RAY DIFFRACTION' ? 1.393  1.647  1656 ? r_angle_refined_deg    ? ? 
'X-RAY DIFFRACTION' ? 1.288  1.572  2577 ? r_angle_other_deg      ? ? 
'X-RAY DIFFRACTION' ? 8.122  5.000  143  ? r_dihedral_angle_1_deg ? ? 
'X-RAY DIFFRACTION' ? 36.428 22.179 78   ? r_dihedral_angle_2_deg ? ? 
'X-RAY DIFFRACTION' ? 20.303 15.000 213  ? r_dihedral_angle_3_deg ? ? 
'X-RAY DIFFRACTION' ? 11.241 15.000 10   ? r_dihedral_angle_4_deg ? ? 
'X-RAY DIFFRACTION' ? 0.072  0.200  152  ? r_chiral_restr         ? ? 
'X-RAY DIFFRACTION' ? 0.005  0.020  1367 ? r_gen_planes_refined   ? ? 
'X-RAY DIFFRACTION' ? 0.001  0.020  271  ? r_gen_planes_other     ? ? 
# 
_refine_ls_shell.pdbx_refine_id                   'X-RAY DIFFRACTION' 
_refine_ls_shell.d_res_high                       3.2500 
_refine_ls_shell.d_res_low                        3.3320 
_refine_ls_shell.number_reflns_all                891 
_refine_ls_shell.number_reflns_obs                ? 
_refine_ls_shell.number_reflns_R_free             38 
_refine_ls_shell.number_reflns_R_work             853 
_refine_ls_shell.percent_reflns_obs               100.0000 
_refine_ls_shell.percent_reflns_R_free            ? 
_refine_ls_shell.R_factor_all                     ? 
_refine_ls_shell.R_factor_obs                     ? 
_refine_ls_shell.R_factor_R_free                  0.4060 
_refine_ls_shell.R_factor_R_free_error            0.0000 
_refine_ls_shell.R_factor_R_work                  0.4150 
_refine_ls_shell.redundancy_reflns_all            ? 
_refine_ls_shell.redundancy_reflns_obs            ? 
_refine_ls_shell.wR_factor_all                    ? 
_refine_ls_shell.wR_factor_obs                    ? 
_refine_ls_shell.wR_factor_R_free                 ? 
_refine_ls_shell.wR_factor_R_work                 ? 
_refine_ls_shell.pdbx_R_complete                  ? 
_refine_ls_shell.pdbx_total_number_of_bins_used   20 
_refine_ls_shell.pdbx_phase_error                 ? 
_refine_ls_shell.pdbx_fsc_work                    ? 
_refine_ls_shell.pdbx_fsc_free                    ? 
# 
_struct.entry_id                     7WF6 
_struct.title                        'Crystal structure of SNX13 RGS domain' 
_struct.pdbx_model_details           ? 
_struct.pdbx_formula_weight          ? 
_struct.pdbx_formula_weight_method   ? 
_struct.pdbx_model_type_details      ? 
_struct.pdbx_CASP_flag               N 
# 
_struct_keywords.entry_id        7WF6 
_struct_keywords.text            'Sorting nexin, RGS, PROTEIN TRANSPORT' 
_struct_keywords.pdbx_keywords   'PROTEIN TRANSPORT' 
# 
loop_
_struct_asym.id 
_struct_asym.pdbx_blank_PDB_chainid_flag 
_struct_asym.pdbx_modified 
_struct_asym.entity_id 
_struct_asym.details 
A N N 1 ? 
B N N 2 ? 
C N N 2 ? 
D N N 2 ? 
E N N 2 ? 
# 
loop_
_struct_conf.conf_type_id 
_struct_conf.id 
_struct_conf.pdbx_PDB_helix_id 
_struct_conf.beg_label_comp_id 
_struct_conf.beg_label_asym_id 
_struct_conf.beg_label_seq_id 
_struct_conf.pdbx_beg_PDB_ins_code 
_struct_conf.end_label_comp_id 
_struct_conf.end_label_asym_id 
_struct_conf.end_label_seq_id 
_struct_conf.pdbx_end_PDB_ins_code 
_struct_conf.beg_auth_comp_id 
_struct_conf.beg_auth_asym_id 
_struct_conf.beg_auth_seq_id 
_struct_conf.end_auth_comp_id 
_struct_conf.end_auth_asym_id 
_struct_conf.end_auth_seq_id 
_struct_conf.pdbx_PDB_helix_class 
_struct_conf.details 
_struct_conf.pdbx_PDB_helix_length 
HELX_P HELX_P1 AA1 PRO A 2   ? LEU A 7   ? PRO A 373 LEU A 378 1 ? 6  
HELX_P HELX_P2 AA2 ASP A 9   ? GLY A 24  ? ASP A 380 GLY A 395 1 ? 16 
HELX_P HELX_P3 AA3 GLY A 25  ? LEU A 49  ? GLY A 396 LEU A 420 1 ? 25 
HELX_P HELX_P4 AA4 GLN A 59  ? TYR A 78  ? GLN A 430 TYR A 449 1 ? 20 
HELX_P HELX_P5 AA5 ASP A 90  ? HIS A 103 ? ASP A 461 HIS A 474 1 ? 14 
HELX_P HELX_P6 AA6 PHE A 111 ? ASP A 125 ? PHE A 482 ASP A 496 1 ? 15 
HELX_P HELX_P7 AA7 PHE A 128 ? ARG A 133 ? PHE A 499 ARG A 504 1 ? 6  
HELX_P HELX_P8 AA8 ASN A 135 ? LEU A 142 ? ASN A 506 LEU A 513 1 ? 8  
# 
_struct_conf_type.id          HELX_P 
_struct_conf_type.criteria    ? 
_struct_conf_type.reference   ? 
# 
_atom_sites.entry_id                    7WF6 
_atom_sites.Cartn_transf_matrix[1][1]   ? 
_atom_sites.Cartn_transf_matrix[1][2]   ? 
_atom_sites.Cartn_transf_matrix[1][3]   ? 
_atom_sites.Cartn_transf_matrix[2][1]   ? 
_atom_sites.Cartn_transf_matrix[2][2]   ? 
_atom_sites.Cartn_transf_matrix[2][3]   ? 
_atom_sites.Cartn_transf_matrix[3][1]   ? 
_atom_sites.Cartn_transf_matrix[3][2]   ? 
_atom_sites.Cartn_transf_matrix[3][3]   ? 
_atom_sites.Cartn_transf_vector[1]      ? 
_atom_sites.Cartn_transf_vector[2]      ? 
_atom_sites.Cartn_transf_vector[3]      ? 
_atom_sites.fract_transf_matrix[1][1]   -0.00393486 
_atom_sites.fract_transf_matrix[1][2]   0.00066499 
_atom_sites.fract_transf_matrix[1][3]   -0.00454589 
_atom_sites.fract_transf_matrix[2][1]   0.00441684 
_atom_sites.fract_transf_matrix[2][2]   -0.00109975 
_atom_sites.fract_transf_matrix[2][3]   -0.00398403 
_atom_sites.fract_transf_matrix[3][1]   -0.00126445 
_atom_sites.fract_transf_matrix[3][2]   -0.00591090 
_atom_sites.fract_transf_matrix[3][3]   0.00022983 
_atom_sites.fract_transf_vector[1]      -0.104159 
_atom_sites.fract_transf_vector[2]      0.030799 
_atom_sites.fract_transf_vector[3]      -0.113717 
_atom_sites.solution_primary            ? 
_atom_sites.solution_secondary          ? 
_atom_sites.solution_hydrogens          ? 
_atom_sites.special_details             ? 
# 
loop_
_atom_type.symbol 
C  
CL 
N  
O  
S  
# 
loop_
_atom_site.group_PDB 
_atom_site.id 
_atom_site.type_symbol 
_atom_site.label_atom_id 
_atom_site.label_alt_id 
_atom_site.label_comp_id 
_atom_site.label_asym_id 
_atom_site.label_entity_id 
_atom_site.label_seq_id 
_atom_site.pdbx_PDB_ins_code 
_atom_site.Cartn_x 
_atom_site.Cartn_y 
_atom_site.Cartn_z 
_atom_site.occupancy 
_atom_site.B_iso_or_equiv 
_atom_site.pdbx_formal_charge 
_atom_site.auth_seq_id 
_atom_site.auth_comp_id 
_atom_site.auth_asym_id 
_atom_site.auth_atom_id 
_atom_site.pdbx_PDB_model_num 
ATOM   1    N  N   . MET A 1 1   ? -14.454 -5.164  15.153  1.00 95.61  ? 372 MET A N   1 
ATOM   2    C  CA  . MET A 1 1   ? -13.954 -3.904  14.537  1.00 91.86  ? 372 MET A CA  1 
ATOM   3    C  C   . MET A 1 1   ? -13.464 -4.213  13.122  1.00 88.76  ? 372 MET A C   1 
ATOM   4    O  O   . MET A 1 1   ? -12.630 -5.098  12.949  1.00 91.08  ? 372 MET A O   1 
ATOM   5    C  CB  . MET A 1 1   ? -12.816 -3.322  15.377  1.00 91.30  ? 372 MET A CB  1 
ATOM   6    C  CG  . MET A 1 1   ? -12.536 -1.866  15.098  1.00 95.27  ? 372 MET A CG  1 
ATOM   7    S  SD  . MET A 1 1   ? -10.797 -1.599  14.676  1.00 103.82 ? 372 MET A SD  1 
ATOM   8    C  CE  . MET A 1 1   ? -10.669 0.172   14.919  1.00 108.30 ? 372 MET A CE  1 
ATOM   9    N  N   . PRO A 1 2   ? -13.959 -3.515  12.070  1.00 86.57  ? 373 PRO A N   1 
ATOM   10   C  CA  . PRO A 1 2   ? -13.785 -3.960  10.686  1.00 86.85  ? 373 PRO A CA  1 
ATOM   11   C  C   . PRO A 1 2   ? -12.492 -3.451  10.037  1.00 87.48  ? 373 PRO A C   1 
ATOM   12   O  O   . PRO A 1 2   ? -11.987 -2.439  10.480  1.00 88.29  ? 373 PRO A O   1 
ATOM   13   C  CB  . PRO A 1 2   ? -14.983 -3.310  9.989   1.00 87.31  ? 373 PRO A CB  1 
ATOM   14   C  CG  . PRO A 1 2   ? -15.104 -1.976  10.705  1.00 90.24  ? 373 PRO A CG  1 
ATOM   15   C  CD  . PRO A 1 2   ? -14.683 -2.236  12.140  1.00 87.15  ? 373 PRO A CD  1 
ATOM   16   N  N   . LEU A 1 3   ? -12.027 -4.139  8.990   1.00 86.99  ? 374 LEU A N   1 
ATOM   17   C  CA  . LEU A 1 3   ? -10.705 -3.896  8.351   1.00 87.25  ? 374 LEU A CA  1 
ATOM   18   C  C   . LEU A 1 3   ? -10.576 -2.423  7.951   1.00 88.65  ? 374 LEU A C   1 
ATOM   19   O  O   . LEU A 1 3   ? -9.507  -1.836  8.218   1.00 92.84  ? 374 LEU A O   1 
ATOM   20   C  CB  . LEU A 1 3   ? -10.546 -4.805  7.131   1.00 87.67  ? 374 LEU A CB  1 
ATOM   21   C  CG  . LEU A 1 3   ? -9.208  -4.680  6.404   1.00 89.76  ? 374 LEU A CG  1 
ATOM   22   C  CD1 . LEU A 1 3   ? -8.049  -5.076  7.308   1.00 89.61  ? 374 LEU A CD1 1 
ATOM   23   C  CD2 . LEU A 1 3   ? -9.205  -5.519  5.142   1.00 92.61  ? 374 LEU A CD2 1 
ATOM   24   N  N   . ASP A 1 4   ? -11.620 -1.852  7.339   1.00 88.47  ? 375 ASP A N   1 
ATOM   25   C  CA  . ASP A 1 4   ? -11.644 -0.438  6.874   1.00 90.00  ? 375 ASP A CA  1 
ATOM   26   C  C   . ASP A 1 4   ? -11.067 0.467   7.969   1.00 84.44  ? 375 ASP A C   1 
ATOM   27   O  O   . ASP A 1 4   ? -10.305 1.387   7.615   1.00 83.87  ? 375 ASP A O   1 
ATOM   28   C  CB  . ASP A 1 4   ? -13.055 0.018   6.495   1.00 97.96  ? 375 ASP A CB  1 
ATOM   29   C  CG  . ASP A 1 4   ? -13.692 -0.795  5.381   1.00 106.49 ? 375 ASP A CG  1 
ATOM   30   O  OD1 . ASP A 1 4   ? -13.437 -2.011  5.335   1.00 121.27 ? 375 ASP A OD1 1 
ATOM   31   O  OD2 . ASP A 1 4   ? -14.438 -0.207  4.570   1.00 113.69 ? 375 ASP A OD2 1 
ATOM   32   N  N   . SER A 1 5   ? -11.414 0.194   9.236   1.00 80.41  ? 376 SER A N   1 
ATOM   33   C  CA  . SER A 1 5   ? -11.047 0.986   10.443  1.00 82.16  ? 376 SER A CA  1 
ATOM   34   C  C   . SER A 1 5   ? -9.695  0.536   11.022  1.00 82.01  ? 376 SER A C   1 
ATOM   35   O  O   . SER A 1 5   ? -8.967  1.410   11.543  1.00 77.83  ? 376 SER A O   1 
ATOM   36   C  CB  . SER A 1 5   ? -12.128 0.894   11.492  1.00 82.41  ? 376 SER A CB  1 
ATOM   37   O  OG  . SER A 1 5   ? -13.350 1.449   11.028  1.00 82.88  ? 376 SER A OG  1 
ATOM   38   N  N   . ILE A 1 6   ? -9.395  -0.769  10.972  1.00 83.56  ? 377 ILE A N   1 
ATOM   39   C  CA  . ILE A 1 6   ? -8.121  -1.375  11.472  1.00 83.04  ? 377 ILE A CA  1 
ATOM   40   C  C   . ILE A 1 6   ? -6.957  -0.640  10.812  1.00 82.00  ? 377 ILE A C   1 
ATOM   41   O  O   . ILE A 1 6   ? -6.028  -0.249  11.538  1.00 86.61  ? 377 ILE A O   1 
ATOM   42   C  CB  . ILE A 1 6   ? -8.002  -2.880  11.154  1.00 87.92  ? 377 ILE A CB  1 
ATOM   43   C  CG1 . ILE A 1 6   ? -9.189  -3.711  11.649  1.00 91.91  ? 377 ILE A CG1 1 
ATOM   44   C  CG2 . ILE A 1 6   ? -6.677  -3.417  11.682  1.00 85.62  ? 377 ILE A CG2 1 
ATOM   45   C  CD1 . ILE A 1 6   ? -9.097  -4.128  13.089  1.00 96.88  ? 377 ILE A CD1 1 
ATOM   46   N  N   . LEU A 1 7   ? -7.015  -0.498  9.481   1.00 79.72  ? 378 LEU A N   1 
ATOM   47   C  CA  . LEU A 1 7   ? -5.905  -0.010  8.619   1.00 78.92  ? 378 LEU A CA  1 
ATOM   48   C  C   . LEU A 1 7   ? -5.558  1.443   8.951   1.00 82.68  ? 378 LEU A C   1 
ATOM   49   O  O   . LEU A 1 7   ? -4.458  1.867   8.560   1.00 88.83  ? 378 LEU A O   1 
ATOM   50   C  CB  . LEU A 1 7   ? -6.311  -0.139  7.148   1.00 74.97  ? 378 LEU A CB  1 
ATOM   51   C  CG  . LEU A 1 7   ? -6.429  -1.570  6.630   1.00 79.59  ? 378 LEU A CG  1 
ATOM   52   C  CD1 . LEU A 1 7   ? -6.871  -1.584  5.175   1.00 82.18  ? 378 LEU A CD1 1 
ATOM   53   C  CD2 . LEU A 1 7   ? -5.121  -2.329  6.791   1.00 80.82  ? 378 LEU A CD2 1 
ATOM   54   N  N   . VAL A 1 8   ? -6.449  2.163   9.643   1.00 85.23  ? 379 VAL A N   1 
ATOM   55   C  CA  . VAL A 1 8   ? -6.367  3.638   9.848   1.00 85.51  ? 379 VAL A CA  1 
ATOM   56   C  C   . VAL A 1 8   ? -6.320  3.974   11.344  1.00 87.97  ? 379 VAL A C   1 
ATOM   57   O  O   . VAL A 1 8   ? -6.430  5.165   11.660  1.00 93.11  ? 379 VAL A O   1 
ATOM   58   C  CB  . VAL A 1 8   ? -7.550  4.345   9.161   1.00 90.61  ? 379 VAL A CB  1 
ATOM   59   C  CG1 . VAL A 1 8   ? -7.302  5.840   9.025   1.00 96.38  ? 379 VAL A CG1 1 
ATOM   60   C  CG2 . VAL A 1 8   ? -7.869  3.731   7.802   1.00 94.18  ? 379 VAL A CG2 1 
ATOM   61   N  N   . ASP A 1 9   ? -6.154  2.982   12.227  1.00 92.60  ? 380 ASP A N   1 
ATOM   62   C  CA  . ASP A 1 9   ? -5.990  3.185   13.694  1.00 98.79  ? 380 ASP A CA  1 
ATOM   63   C  C   . ASP A 1 9   ? -4.680  2.518   14.117  1.00 101.39 ? 380 ASP A C   1 
ATOM   64   O  O   . ASP A 1 9   ? -4.638  1.273   14.131  1.00 106.42 ? 380 ASP A O   1 
ATOM   65   C  CB  . ASP A 1 9   ? -7.189  2.636   14.473  1.00 105.89 ? 380 ASP A CB  1 
ATOM   66   C  CG  . ASP A 1 9   ? -7.219  3.050   15.937  1.00 111.30 ? 380 ASP A CG  1 
ATOM   67   O  OD1 . ASP A 1 9   ? -6.193  2.876   16.622  1.00 111.62 ? 380 ASP A OD1 1 
ATOM   68   O  OD2 . ASP A 1 9   ? -8.273  3.549   16.379  1.00 123.17 ? 380 ASP A OD2 1 
ATOM   69   N  N   . ASN A 1 10  ? -3.659  3.311   14.456  1.00 109.95 ? 381 ASN A N   1 
ATOM   70   C  CA  . ASN A 1 10  ? -2.256  2.824   14.569  1.00 118.63 ? 381 ASN A CA  1 
ATOM   71   C  C   . ASN A 1 10  ? -2.127  1.892   15.782  1.00 110.71 ? 381 ASN A C   1 
ATOM   72   O  O   . ASN A 1 10  ? -1.204  1.059   15.778  1.00 105.87 ? 381 ASN A O   1 
ATOM   73   C  CB  . ASN A 1 10  ? -1.236  3.967   14.585  1.00 128.63 ? 381 ASN A CB  1 
ATOM   74   C  CG  . ASN A 1 10  ? 0.031   3.620   13.824  1.00 142.14 ? 381 ASN A CG  1 
ATOM   75   O  OD1 . ASN A 1 10  ? 1.092   3.457   14.421  1.00 152.84 ? 381 ASN A OD1 1 
ATOM   76   N  ND2 . ASN A 1 10  ? -0.067  3.495   12.507  1.00 143.78 ? 381 ASN A ND2 1 
ATOM   77   N  N   . VAL A 1 11  ? -3.034  2.004   16.757  1.00 107.87 ? 382 VAL A N   1 
ATOM   78   C  CA  . VAL A 1 11  ? -3.154  1.056   17.906  1.00 104.44 ? 382 VAL A CA  1 
ATOM   79   C  C   . VAL A 1 11  ? -3.511  -0.323  17.342  1.00 101.29 ? 382 VAL A C   1 
ATOM   80   O  O   . VAL A 1 11  ? -2.730  -1.275  17.552  1.00 99.53  ? 382 VAL A O   1 
ATOM   81   C  CB  . VAL A 1 11  ? -4.216  1.499   18.935  1.00 107.64 ? 382 VAL A CB  1 
ATOM   82   C  CG1 . VAL A 1 11  ? -4.126  0.665   20.203  1.00 109.45 ? 382 VAL A CG1 1 
ATOM   83   C  CG2 . VAL A 1 11  ? -4.142  2.982   19.273  1.00 111.28 ? 382 VAL A CG2 1 
ATOM   84   N  N   . ALA A 1 12  ? -4.651  -0.393  16.647  1.00 98.92  ? 383 ALA A N   1 
ATOM   85   C  CA  . ALA A 1 12  ? -5.304  -1.625  16.140  1.00 97.39  ? 383 ALA A CA  1 
ATOM   86   C  C   . ALA A 1 12  ? -4.478  -2.239  15.007  1.00 91.78  ? 383 ALA A C   1 
ATOM   87   O  O   . ALA A 1 12  ? -4.468  -3.481  14.872  1.00 89.36  ? 383 ALA A O   1 
ATOM   88   C  CB  . ALA A 1 12  ? -6.704  -1.301  15.678  1.00 98.42  ? 383 ALA A CB  1 
ATOM   89   N  N   . LEU A 1 13  ? -3.811  -1.391  14.227  1.00 89.67  ? 384 LEU A N   1 
ATOM   90   C  CA  . LEU A 1 13  ? -3.067  -1.790  13.015  1.00 93.98  ? 384 LEU A CA  1 
ATOM   91   C  C   . LEU A 1 13  ? -1.939  -2.726  13.418  1.00 95.08  ? 384 LEU A C   1 
ATOM   92   O  O   . LEU A 1 13  ? -1.616  -3.598  12.619  1.00 90.70  ? 384 LEU A O   1 
ATOM   93   C  CB  . LEU A 1 13  ? -2.526  -0.537  12.323  1.00 96.42  ? 384 LEU A CB  1 
ATOM   94   C  CG  . LEU A 1 13  ? -1.610  -0.785  11.125  1.00 101.88 ? 384 LEU A CG  1 
ATOM   95   C  CD1 . LEU A 1 13  ? -2.285  -1.661  10.077  1.00 100.70 ? 384 LEU A CD1 1 
ATOM   96   C  CD2 . LEU A 1 13  ? -1.178  0.540   10.516  1.00 112.34 ? 384 LEU A CD2 1 
ATOM   97   N  N   . GLN A 1 14  ? -1.358  -2.515  14.598  1.00 102.51 ? 385 GLN A N   1 
ATOM   98   C  CA  . GLN A 1 14  ? -0.147  -3.248  15.041  1.00 110.13 ? 385 GLN A CA  1 
ATOM   99   C  C   . GLN A 1 14  ? -0.466  -4.737  15.100  1.00 102.11 ? 385 GLN A C   1 
ATOM   100  O  O   . GLN A 1 14  ? 0.333   -5.550  14.594  1.00 101.81 ? 385 GLN A O   1 
ATOM   101  C  CB  . GLN A 1 14  ? 0.359   -2.739  16.396  1.00 119.87 ? 385 GLN A CB  1 
ATOM   102  C  CG  . GLN A 1 14  ? 1.010   -1.362  16.331  1.00 130.36 ? 385 GLN A CG  1 
ATOM   103  C  CD  . GLN A 1 14  ? 1.896   -1.176  15.120  1.00 140.43 ? 385 GLN A CD  1 
ATOM   104  O  OE1 . GLN A 1 14  ? 1.595   -0.400  14.211  1.00 140.41 ? 385 GLN A OE1 1 
ATOM   105  N  NE2 . GLN A 1 14  ? 2.997   -1.911  15.087  1.00 143.07 ? 385 GLN A NE2 1 
ATOM   106  N  N   . PHE A 1 15  ? -1.616  -5.056  15.681  1.00 96.49  ? 386 PHE A N   1 
ATOM   107  C  CA  . PHE A 1 15  ? -2.087  -6.442  15.876  1.00 95.88  ? 386 PHE A CA  1 
ATOM   108  C  C   . PHE A 1 15  ? -2.186  -7.102  14.499  1.00 89.99  ? 386 PHE A C   1 
ATOM   109  O  O   . PHE A 1 15  ? -1.698  -8.252  14.285  1.00 94.45  ? 386 PHE A O   1 
ATOM   110  C  CB  . PHE A 1 15  ? -3.406  -6.434  16.658  1.00 96.07  ? 386 PHE A CB  1 
ATOM   111  C  CG  . PHE A 1 15  ? -3.280  -5.922  18.073  1.00 96.90  ? 386 PHE A CG  1 
ATOM   112  C  CD1 . PHE A 1 15  ? -3.142  -4.565  18.337  1.00 96.28  ? 386 PHE A CD1 1 
ATOM   113  C  CD2 . PHE A 1 15  ? -3.286  -6.799  19.146  1.00 97.16  ? 386 PHE A CD2 1 
ATOM   114  C  CE1 . PHE A 1 15  ? -3.016  -4.098  19.637  1.00 94.64  ? 386 PHE A CE1 1 
ATOM   115  C  CE2 . PHE A 1 15  ? -3.164  -6.330  20.446  1.00 98.56  ? 386 PHE A CE2 1 
ATOM   116  C  CZ  . PHE A 1 15  ? -3.031  -4.981  20.690  1.00 95.58  ? 386 PHE A CZ  1 
ATOM   117  N  N   . PHE A 1 16  ? -2.812  -6.375  13.578  1.00 81.55  ? 387 PHE A N   1 
ATOM   118  C  CA  . PHE A 1 16  ? -3.069  -6.918  12.229  1.00 84.74  ? 387 PHE A CA  1 
ATOM   119  C  C   . PHE A 1 16  ? -1.731  -7.158  11.541  1.00 89.78  ? 387 PHE A C   1 
ATOM   120  O  O   . PHE A 1 16  ? -1.572  -8.208  10.897  1.00 88.04  ? 387 PHE A O   1 
ATOM   121  C  CB  . PHE A 1 16  ? -3.985  -6.025  11.394  1.00 84.48  ? 387 PHE A CB  1 
ATOM   122  C  CG  . PHE A 1 16  ? -4.309  -6.620  10.046  1.00 77.16  ? 387 PHE A CG  1 
ATOM   123  C  CD1 . PHE A 1 16  ? -4.834  -7.898  9.953   1.00 72.11  ? 387 PHE A CD1 1 
ATOM   124  C  CD2 . PHE A 1 16  ? -4.065  -5.918  8.878   1.00 75.49  ? 387 PHE A CD2 1 
ATOM   125  C  CE1 . PHE A 1 16  ? -5.119  -8.460  8.722   1.00 71.71  ? 387 PHE A CE1 1 
ATOM   126  C  CE2 . PHE A 1 16  ? -4.356  -6.480  7.647   1.00 76.75  ? 387 PHE A CE2 1 
ATOM   127  C  CZ  . PHE A 1 16  ? -4.879  -7.750  7.571   1.00 74.98  ? 387 PHE A CZ  1 
ATOM   128  N  N   . MET A 1 17  ? -0.792  -6.230  11.707  1.00 98.61  ? 388 MET A N   1 
ATOM   129  C  CA  . MET A 1 17  ? 0.560   -6.322  11.105  1.00 105.77 ? 388 MET A CA  1 
ATOM   130  C  C   . MET A 1 17  ? 1.241   -7.577  11.626  1.00 101.91 ? 388 MET A C   1 
ATOM   131  O  O   . MET A 1 17  ? 1.821   -8.315  10.817  1.00 100.58 ? 388 MET A O   1 
ATOM   132  C  CB  . MET A 1 17  ? 1.414   -5.101  11.452  1.00 120.00 ? 388 MET A CB  1 
ATOM   133  C  CG  . MET A 1 17  ? 2.411   -4.722  10.375  1.00 129.34 ? 388 MET A CG  1 
ATOM   134  S  SD  . MET A 1 17  ? 2.522   -2.908  10.230  1.00 163.80 ? 388 MET A SD  1 
ATOM   135  C  CE  . MET A 1 17  ? 2.876   -2.413  11.918  1.00 149.27 ? 388 MET A CE  1 
ATOM   136  N  N   . ASP A 1 18  ? 1.137   -7.795  12.938  1.00 100.41 ? 389 ASP A N   1 
ATOM   137  C  CA  . ASP A 1 18  ? 1.728   -8.963  13.639  1.00 98.66  ? 389 ASP A CA  1 
ATOM   138  C  C   . ASP A 1 18  ? 1.191   -10.231 12.991  1.00 90.95  ? 389 ASP A C   1 
ATOM   139  O  O   . ASP A 1 18  ? 1.991   -11.160 12.659  1.00 92.35  ? 389 ASP A O   1 
ATOM   140  C  CB  . ASP A 1 18  ? 1.344   -9.002  15.120  1.00 107.72 ? 389 ASP A CB  1 
ATOM   141  C  CG  . ASP A 1 18  ? 2.473   -8.671  16.071  1.00 118.27 ? 389 ASP A CG  1 
ATOM   142  O  OD1 . ASP A 1 18  ? 3.565   -9.238  15.887  1.00 135.09 ? 389 ASP A OD1 1 
ATOM   143  O  OD2 . ASP A 1 18  ? 2.243   -7.860  16.997  1.00 121.87 ? 389 ASP A OD2 1 
ATOM   144  N  N   . TYR A 1 19  ? -0.134  -10.251 12.849  1.00 84.93  ? 390 TYR A N   1 
ATOM   145  C  CA  . TYR A 1 19  ? -0.862  -11.421 12.315  1.00 85.12  ? 390 TYR A CA  1 
ATOM   146  C  C   . TYR A 1 19  ? -0.335  -11.713 10.913  1.00 87.01  ? 390 TYR A C   1 
ATOM   147  O  O   . TYR A 1 19  ? -0.058  -12.886 10.569  1.00 90.67  ? 390 TYR A O   1 
ATOM   148  C  CB  . TYR A 1 19  ? -2.381  -11.240 12.286  1.00 85.24  ? 390 TYR A CB  1 
ATOM   149  C  CG  . TYR A 1 19  ? -3.074  -12.359 11.550  1.00 85.99  ? 390 TYR A CG  1 
ATOM   150  C  CD1 . TYR A 1 19  ? -3.415  -13.537 12.190  1.00 87.84  ? 390 TYR A CD1 1 
ATOM   151  C  CD2 . TYR A 1 19  ? -3.334  -12.267 10.193  1.00 91.77  ? 390 TYR A CD2 1 
ATOM   152  C  CE1 . TYR A 1 19  ? -4.024  -14.580 11.511  1.00 92.81  ? 390 TYR A CE1 1 
ATOM   153  C  CE2 . TYR A 1 19  ? -3.943  -13.298 9.498   1.00 93.72  ? 390 TYR A CE2 1 
ATOM   154  C  CZ  . TYR A 1 19  ? -4.287  -14.461 10.158  1.00 94.20  ? 390 TYR A CZ  1 
ATOM   155  O  OH  . TYR A 1 19  ? -4.887  -15.478 9.473   1.00 97.28  ? 390 TYR A OH  1 
ATOM   156  N  N   . MET A 1 20  ? -0.215  -10.654 10.121  1.00 86.82  ? 391 MET A N   1 
ATOM   157  C  CA  . MET A 1 20  ? 0.180   -10.781 8.705   1.00 89.19  ? 391 MET A CA  1 
ATOM   158  C  C   . MET A 1 20  ? 1.614   -11.311 8.647   1.00 92.10  ? 391 MET A C   1 
ATOM   159  O  O   . MET A 1 20  ? 1.874   -12.210 7.833   1.00 99.00  ? 391 MET A O   1 
ATOM   160  C  CB  . MET A 1 20  ? 0.021   -9.451  7.965   1.00 90.16  ? 391 MET A CB  1 
ATOM   161  C  CG  . MET A 1 20  ? -1.439  -9.044  7.795   1.00 88.03  ? 391 MET A CG  1 
ATOM   162  S  SD  . MET A 1 20  ? -2.353  -10.127 6.663   1.00 88.90  ? 391 MET A SD  1 
ATOM   163  C  CE  . MET A 1 20  ? -2.041  -9.303  5.103   1.00 90.29  ? 391 MET A CE  1 
ATOM   164  N  N   . GLN A 1 21  ? 2.477   -10.836 9.542   1.00 96.85  ? 392 GLN A N   1 
ATOM   165  C  CA  . GLN A 1 21  ? 3.895   -11.275 9.647   1.00 106.48 ? 392 GLN A CA  1 
ATOM   166  C  C   . GLN A 1 21  ? 3.907   -12.774 9.910   1.00 106.33 ? 392 GLN A C   1 
ATOM   167  O  O   . GLN A 1 21  ? 4.662   -13.520 9.233   1.00 109.03 ? 392 GLN A O   1 
ATOM   168  C  CB  . GLN A 1 21  ? 4.624   -10.555 10.786  1.00 118.38 ? 392 GLN A CB  1 
ATOM   169  C  CG  . GLN A 1 21  ? 6.021   -10.069 10.424  1.00 124.45 ? 392 GLN A CG  1 
ATOM   170  C  CD  . GLN A 1 21  ? 6.012   -8.883  9.483   1.00 138.43 ? 392 GLN A CD  1 
ATOM   171  O  OE1 . GLN A 1 21  ? 6.846   -8.786  8.585   1.00 152.17 ? 392 GLN A OE1 1 
ATOM   172  N  NE2 . GLN A 1 21  ? 5.069   -7.969  9.668   1.00 143.86 ? 392 GLN A NE2 1 
ATOM   173  N  N   . GLN A 1 22  ? 3.082   -13.181 10.870  1.00 107.68 ? 393 GLN A N   1 
ATOM   174  C  CA  . GLN A 1 22  ? 2.984   -14.599 11.290  1.00 109.05 ? 393 GLN A CA  1 
ATOM   175  C  C   . GLN A 1 22  ? 2.465   -15.459 10.124  1.00 106.60 ? 393 GLN A C   1 
ATOM   176  O  O   . GLN A 1 22  ? 3.099   -16.493 9.821   1.00 117.27 ? 393 GLN A O   1 
ATOM   177  C  CB  . GLN A 1 22  ? 2.162   -14.726 12.573  1.00 112.12 ? 393 GLN A CB  1 
ATOM   178  C  CG  . GLN A 1 22  ? 2.932   -14.240 13.795  1.00 117.41 ? 393 GLN A CG  1 
ATOM   179  C  CD  . GLN A 1 22  ? 2.104   -14.182 15.054  1.00 125.42 ? 393 GLN A CD  1 
ATOM   180  O  OE1 . GLN A 1 22  ? 2.238   -13.258 15.857  1.00 129.47 ? 393 GLN A OE1 1 
ATOM   181  N  NE2 . GLN A 1 22  ? 1.240   -15.171 15.238  1.00 124.77 ? 393 GLN A NE2 1 
ATOM   182  N  N   . THR A 1 23  ? 1.383   -15.037 9.468   1.00 101.91 ? 394 THR A N   1 
ATOM   183  C  CA  . THR A 1 23  ? 0.734   -15.779 8.352   1.00 108.46 ? 394 THR A CA  1 
ATOM   184  C  C   . THR A 1 23  ? 1.470   -15.551 7.018   1.00 107.27 ? 394 THR A C   1 
ATOM   185  O  O   . THR A 1 23  ? 1.077   -16.194 6.019   1.00 99.88  ? 394 THR A O   1 
ATOM   186  C  CB  . THR A 1 23  ? -0.754  -15.414 8.258   1.00 117.90 ? 394 THR A CB  1 
ATOM   187  O  OG1 . THR A 1 23  ? -1.391  -16.376 7.420   1.00 144.84 ? 394 THR A OG1 1 
ATOM   188  C  CG2 . THR A 1 23  ? -1.014  -14.038 7.689   1.00 122.12 ? 394 THR A CG2 1 
ATOM   189  N  N   . GLY A 1 24  ? 2.476   -14.668 6.984   1.00 108.92 ? 395 GLY A N   1 
ATOM   190  C  CA  . GLY A 1 24  ? 3.240   -14.320 5.767   1.00 109.45 ? 395 GLY A CA  1 
ATOM   191  C  C   . GLY A 1 24  ? 2.383   -13.627 4.713   1.00 109.67 ? 395 GLY A C   1 
ATOM   192  O  O   . GLY A 1 24  ? 2.549   -13.931 3.516   1.00 108.62 ? 395 GLY A O   1 
ATOM   193  N  N   . GLY A 1 25  ? 1.487   -12.732 5.135   1.00 106.58 ? 396 GLY A N   1 
ATOM   194  C  CA  . GLY A 1 25  ? 0.755   -11.813 4.243   1.00 101.80 ? 396 GLY A CA  1 
ATOM   195  C  C   . GLY A 1 25  ? 1.408   -10.443 4.206   1.00 96.95  ? 396 GLY A C   1 
ATOM   196  O  O   . GLY A 1 25  ? 1.139   -9.703  3.245   1.00 95.20  ? 396 GLY A O   1 
ATOM   197  N  N   . GLN A 1 26  ? 2.273   -10.155 5.192   1.00 100.43 ? 397 GLN A N   1 
ATOM   198  C  CA  . GLN A 1 26  ? 2.815   -8.813  5.556   1.00 108.60 ? 397 GLN A CA  1 
ATOM   199  C  C   . GLN A 1 26  ? 3.022   -7.978  4.302   1.00 102.46 ? 397 GLN A C   1 
ATOM   200  O  O   . GLN A 1 26  ? 2.752   -6.779  4.361   1.00 96.15  ? 397 GLN A O   1 
ATOM   201  C  CB  . GLN A 1 26  ? 4.123   -8.908  6.357   1.00 112.12 ? 397 GLN A CB  1 
ATOM   202  C  CG  . GLN A 1 26  ? 5.343   -9.399  5.578   1.00 108.68 ? 397 GLN A CG  1 
ATOM   203  C  CD  . GLN A 1 26  ? 5.282   -10.877 5.282   1.00 109.38 ? 397 GLN A CD  1 
ATOM   204  O  OE1 . GLN A 1 26  ? 4.620   -11.317 4.345   1.00 122.77 ? 397 GLN A OE1 1 
ATOM   205  N  NE2 . GLN A 1 26  ? 5.967   -11.664 6.094   1.00 104.02 ? 397 GLN A NE2 1 
ATOM   206  N  N   . ALA A 1 27  ? 3.476   -8.633  3.234   1.00 100.80 ? 398 ALA A N   1 
ATOM   207  C  CA  . ALA A 1 27  ? 3.832   -8.040  1.931   1.00 96.66  ? 398 ALA A CA  1 
ATOM   208  C  C   . ALA A 1 27  ? 2.689   -7.179  1.407   1.00 92.91  ? 398 ALA A C   1 
ATOM   209  O  O   . ALA A 1 27  ? 2.925   -5.995  1.070   1.00 96.41  ? 398 ALA A O   1 
ATOM   210  C  CB  . ALA A 1 27  ? 4.154   -9.139  0.954   1.00 101.48 ? 398 ALA A CB  1 
ATOM   211  N  N   . HIS A 1 28  ? 1.492   -7.756  1.357   1.00 90.69  ? 399 HIS A N   1 
ATOM   212  C  CA  . HIS A 1 28  ? 0.269   -7.107  0.822   1.00 87.84  ? 399 HIS A CA  1 
ATOM   213  C  C   . HIS A 1 28  ? 0.017   -5.812  1.591   1.00 84.59  ? 399 HIS A C   1 
ATOM   214  O  O   . HIS A 1 28  ? -0.189  -4.731  0.973   1.00 87.22  ? 399 HIS A O   1 
ATOM   215  C  CB  . HIS A 1 28  ? -0.940  -8.041  0.955   1.00 87.22  ? 399 HIS A CB  1 
ATOM   216  C  CG  . HIS A 1 28  ? -0.830  -9.294  0.155   1.00 85.37  ? 399 HIS A CG  1 
ATOM   217  N  ND1 . HIS A 1 28  ? 0.201   -10.199 0.342   1.00 81.55  ? 399 HIS A ND1 1 
ATOM   218  C  CD2 . HIS A 1 28  ? -1.619  -9.797  -0.820  1.00 81.88  ? 399 HIS A CD2 1 
ATOM   219  C  CE1 . HIS A 1 28  ? 0.045   -11.203 -0.493  1.00 85.65  ? 399 HIS A CE1 1 
ATOM   220  N  NE2 . HIS A 1 28  ? -1.067  -10.980 -1.217  1.00 84.51  ? 399 HIS A NE2 1 
ATOM   221  N  N   . LEU A 1 29  ? 0.042   -5.953  2.913   1.00 80.38  ? 400 LEU A N   1 
ATOM   222  C  CA  . LEU A 1 29  ? -0.292  -4.852  3.836   1.00 80.97  ? 400 LEU A CA  1 
ATOM   223  C  C   . LEU A 1 29  ? 0.727   -3.733  3.631   1.00 84.36  ? 400 LEU A C   1 
ATOM   224  O  O   . LEU A 1 29  ? 0.321   -2.546  3.528   1.00 84.94  ? 400 LEU A O   1 
ATOM   225  C  CB  . LEU A 1 29  ? -0.305  -5.372  5.277   1.00 80.96  ? 400 LEU A CB  1 
ATOM   226  C  CG  . LEU A 1 29  ? -0.461  -4.307  6.365   1.00 84.57  ? 400 LEU A CG  1 
ATOM   227  C  CD1 . LEU A 1 29  ? -1.730  -3.496  6.174   1.00 86.90  ? 400 LEU A CD1 1 
ATOM   228  C  CD2 . LEU A 1 29  ? -0.455  -4.933  7.746   1.00 87.71  ? 400 LEU A CD2 1 
ATOM   229  N  N   . PHE A 1 30  ? 2.001   -4.099  3.565   1.00 86.23  ? 401 PHE A N   1 
ATOM   230  C  CA  . PHE A 1 30  ? 3.095   -3.118  3.389   1.00 87.67  ? 401 PHE A CA  1 
ATOM   231  C  C   . PHE A 1 30  ? 2.878   -2.389  2.074   1.00 78.52  ? 401 PHE A C   1 
ATOM   232  O  O   . PHE A 1 30  ? 3.016   -1.152  2.024   1.00 74.93  ? 401 PHE A O   1 
ATOM   233  C  CB  . PHE A 1 30  ? 4.483   -3.764  3.390   1.00 100.08 ? 401 PHE A CB  1 
ATOM   234  C  CG  . PHE A 1 30  ? 5.078   -4.040  4.748   1.00 114.67 ? 401 PHE A CG  1 
ATOM   235  C  CD1 . PHE A 1 30  ? 4.493   -3.561  5.912   1.00 118.17 ? 401 PHE A CD1 1 
ATOM   236  C  CD2 . PHE A 1 30  ? 6.257   -4.761  4.852   1.00 127.40 ? 401 PHE A CD2 1 
ATOM   237  C  CE1 . PHE A 1 30  ? 5.054   -3.825  7.150   1.00 120.85 ? 401 PHE A CE1 1 
ATOM   238  C  CE2 . PHE A 1 30  ? 6.821   -5.019  6.092   1.00 133.13 ? 401 PHE A CE2 1 
ATOM   239  C  CZ  . PHE A 1 30  ? 6.217   -4.552  7.237   1.00 128.90 ? 401 PHE A CZ  1 
ATOM   240  N  N   . PHE A 1 31  ? 2.569   -3.148  1.032   1.00 74.74  ? 402 PHE A N   1 
ATOM   241  C  CA  . PHE A 1 31  ? 2.365   -2.600  -0.324  1.00 71.63  ? 402 PHE A CA  1 
ATOM   242  C  C   . PHE A 1 31  ? 1.302   -1.524  -0.218  1.00 68.42  ? 402 PHE A C   1 
ATOM   243  O  O   . PHE A 1 31  ? 1.526   -0.387  -0.683  1.00 73.68  ? 402 PHE A O   1 
ATOM   244  C  CB  . PHE A 1 31  ? 1.943   -3.660  -1.342  1.00 69.51  ? 402 PHE A CB  1 
ATOM   245  C  CG  . PHE A 1 31  ? 1.371   -3.059  -2.601  1.00 69.78  ? 402 PHE A CG  1 
ATOM   246  C  CD1 . PHE A 1 31  ? 2.203   -2.561  -3.591  1.00 70.39  ? 402 PHE A CD1 1 
ATOM   247  C  CD2 . PHE A 1 31  ? 0.002   -2.941  -2.773  1.00 72.65  ? 402 PHE A CD2 1 
ATOM   248  C  CE1 . PHE A 1 31  ? 1.676   -1.984  -4.737  1.00 72.12  ? 402 PHE A CE1 1 
ATOM   249  C  CE2 . PHE A 1 31  ? -0.524  -2.369  -3.921  1.00 72.73  ? 402 PHE A CE2 1 
ATOM   250  C  CZ  . PHE A 1 31  ? 0.313   -1.892  -4.902  1.00 72.25  ? 402 PHE A CZ  1 
ATOM   251  N  N   . TRP A 1 32  ? 0.198   -1.898  0.424   1.00 66.49  ? 403 TRP A N   1 
ATOM   252  C  CA  . TRP A 1 32  ? -1.006  -1.048  0.558   1.00 71.95  ? 403 TRP A CA  1 
ATOM   253  C  C   . TRP A 1 32  ? -0.601  0.257   1.245   1.00 75.15  ? 403 TRP A C   1 
ATOM   254  O  O   . TRP A 1 32  ? -0.935  1.376   0.757   1.00 80.15  ? 403 TRP A O   1 
ATOM   255  C  CB  . TRP A 1 32  ? -2.083  -1.810  1.337   1.00 72.04  ? 403 TRP A CB  1 
ATOM   256  C  CG  . TRP A 1 32  ? -3.394  -1.098  1.408   1.00 72.44  ? 403 TRP A CG  1 
ATOM   257  C  CD1 . TRP A 1 32  ? -4.441  -1.204  0.542   1.00 77.22  ? 403 TRP A CD1 1 
ATOM   258  C  CD2 . TRP A 1 32  ? -3.794  -0.154  2.405   1.00 73.01  ? 403 TRP A CD2 1 
ATOM   259  N  NE1 . TRP A 1 32  ? -5.466  -0.385  0.931   1.00 77.23  ? 403 TRP A NE1 1 
ATOM   260  C  CE2 . TRP A 1 32  ? -5.098  0.269   2.073   1.00 77.09  ? 403 TRP A CE2 1 
ATOM   261  C  CE3 . TRP A 1 32  ? -3.178  0.373   3.541   1.00 79.42  ? 403 TRP A CE3 1 
ATOM   262  C  CZ2 . TRP A 1 32  ? -5.796  1.198   2.839   1.00 87.66  ? 403 TRP A CZ2 1 
ATOM   263  C  CZ3 . TRP A 1 32  ? -3.869  1.288   4.303   1.00 88.17  ? 403 TRP A CZ3 1 
ATOM   264  C  CH2 . TRP A 1 32  ? -5.159  1.696   3.955   1.00 91.15  ? 403 TRP A CH2 1 
ATOM   265  N  N   . MET A 1 33  ? 0.103   0.095   2.358   1.00 75.98  ? 404 MET A N   1 
ATOM   266  C  CA  . MET A 1 33  ? 0.448   1.249   3.205   1.00 81.40  ? 404 MET A CA  1 
ATOM   267  C  C   . MET A 1 33  ? 1.385   2.164   2.429   1.00 77.25  ? 404 MET A C   1 
ATOM   268  O  O   . MET A 1 33  ? 1.197   3.392   2.480   1.00 80.36  ? 404 MET A O   1 
ATOM   269  C  CB  . MET A 1 33  ? 1.090   0.792   4.509   1.00 90.88  ? 404 MET A CB  1 
ATOM   270  C  CG  . MET A 1 33  ? 0.065   0.337   5.504   1.00 97.10  ? 404 MET A CG  1 
ATOM   271  S  SD  . MET A 1 33  ? 0.816   0.171   7.113   1.00 114.27 ? 404 MET A SD  1 
ATOM   272  C  CE  . MET A 1 33  ? 2.026   -1.104  6.763   1.00 111.49 ? 404 MET A CE  1 
ATOM   273  N  N   . THR A 1 34  ? 2.331   1.572   1.708   1.00 73.50  ? 405 THR A N   1 
ATOM   274  C  CA  . THR A 1 34  ? 3.335   2.347   0.949   1.00 71.39  ? 405 THR A CA  1 
ATOM   275  C  C   . THR A 1 34  ? 2.577   3.146   -0.109  1.00 68.00  ? 405 THR A C   1 
ATOM   276  O  O   . THR A 1 34  ? 2.889   4.348   -0.292  1.00 67.49  ? 405 THR A O   1 
ATOM   277  C  CB  . THR A 1 34  ? 4.440   1.450   0.370   1.00 74.98  ? 405 THR A CB  1 
ATOM   278  O  OG1 . THR A 1 34  ? 5.052   0.669   1.397   1.00 72.81  ? 405 THR A OG1 1 
ATOM   279  C  CG2 . THR A 1 34  ? 5.539   2.236   -0.308  1.00 78.38  ? 405 THR A CG2 1 
ATOM   280  N  N   . VAL A 1 35  ? 1.617   2.507   -0.773  1.00 67.31  ? 406 VAL A N   1 
ATOM   281  C  CA  . VAL A 1 35  ? 0.841   3.164   -1.858  1.00 67.70  ? 406 VAL A CA  1 
ATOM   282  C  C   . VAL A 1 35  ? 0.083   4.344   -1.258  1.00 67.84  ? 406 VAL A C   1 
ATOM   283  O  O   . VAL A 1 35  ? 0.083   5.430   -1.862  1.00 67.35  ? 406 VAL A O   1 
ATOM   284  C  CB  . VAL A 1 35  ? -0.099  2.174   -2.568  1.00 70.28  ? 406 VAL A CB  1 
ATOM   285  C  CG1 . VAL A 1 35  ? -1.164  2.895   -3.385  1.00 74.61  ? 406 VAL A CG1 1 
ATOM   286  C  CG2 . VAL A 1 35  ? 0.677   1.193   -3.437  1.00 68.95  ? 406 VAL A CG2 1 
ATOM   287  N  N   . GLU A 1 36  ? -0.509  4.123   -0.090  1.00 72.39  ? 407 GLU A N   1 
ATOM   288  C  CA  . GLU A 1 36  ? -1.288  5.153   0.636   1.00 79.51  ? 407 GLU A CA  1 
ATOM   289  C  C   . GLU A 1 36  ? -0.389  6.350   0.907   1.00 79.65  ? 407 GLU A C   1 
ATOM   290  O  O   . GLU A 1 36  ? -0.847  7.490   0.685   1.00 80.08  ? 407 GLU A O   1 
ATOM   291  C  CB  . GLU A 1 36  ? -1.850  4.592   1.944   1.00 87.73  ? 407 GLU A CB  1 
ATOM   292  C  CG  . GLU A 1 36  ? -3.170  3.867   1.773   1.00 91.22  ? 407 GLU A CG  1 
ATOM   293  C  CD  . GLU A 1 36  ? -4.300  4.770   1.323   1.00 91.99  ? 407 GLU A CD  1 
ATOM   294  O  OE1 . GLU A 1 36  ? -4.276  5.953   1.728   1.00 97.30  ? 407 GLU A OE1 1 
ATOM   295  O  OE2 . GLU A 1 36  ? -5.179  4.297   0.559   1.00 89.50  ? 407 GLU A OE2 1 
ATOM   296  N  N   . GLY A 1 37  ? 0.835   6.090   1.376   1.00 81.19  ? 408 GLY A N   1 
ATOM   297  C  CA  . GLY A 1 37  ? 1.803   7.162   1.661   1.00 82.36  ? 408 GLY A CA  1 
ATOM   298  C  C   . GLY A 1 37  ? 2.176   7.907   0.392   1.00 77.11  ? 408 GLY A C   1 
ATOM   299  O  O   . GLY A 1 37  ? 2.085   9.178   0.323   1.00 79.26  ? 408 GLY A O   1 
ATOM   300  N  N   . TYR A 1 38  ? 2.496   7.086   -0.608  1.00 70.55  ? 409 TYR A N   1 
ATOM   301  C  CA  . TYR A 1 38  ? 3.023   7.483   -1.928  1.00 70.23  ? 409 TYR A CA  1 
ATOM   302  C  C   . TYR A 1 38  ? 2.080   8.489   -2.564  1.00 72.04  ? 409 TYR A C   1 
ATOM   303  O  O   . TYR A 1 38  ? 2.559   9.539   -3.016  1.00 75.84  ? 409 TYR A O   1 
ATOM   304  C  CB  . TYR A 1 38  ? 3.195   6.295   -2.877  1.00 71.38  ? 409 TYR A CB  1 
ATOM   305  C  CG  . TYR A 1 38  ? 3.329   6.713   -4.321  1.00 72.78  ? 409 TYR A CG  1 
ATOM   306  C  CD1 . TYR A 1 38  ? 2.210   6.923   -5.108  1.00 71.90  ? 409 TYR A CD1 1 
ATOM   307  C  CD2 . TYR A 1 38  ? 4.572   6.954   -4.886  1.00 76.01  ? 409 TYR A CD2 1 
ATOM   308  C  CE1 . TYR A 1 38  ? 2.318   7.340   -6.423  1.00 71.98  ? 409 TYR A CE1 1 
ATOM   309  C  CE2 . TYR A 1 38  ? 4.697   7.372   -6.201  1.00 77.18  ? 409 TYR A CE2 1 
ATOM   310  C  CZ  . TYR A 1 38  ? 3.564   7.568   -6.971  1.00 74.62  ? 409 TYR A CZ  1 
ATOM   311  O  OH  . TYR A 1 38  ? 3.661   7.978   -8.267  1.00 77.68  ? 409 TYR A OH  1 
ATOM   312  N  N   . ARG A 1 39  ? 0.797   8.135   -2.629  1.00 74.51  ? 410 ARG A N   1 
ATOM   313  C  CA  . ARG A 1 39  ? -0.247  8.921   -3.331  1.00 78.47  ? 410 ARG A CA  1 
ATOM   314  C  C   . ARG A 1 39  ? -0.287  10.317  -2.716  1.00 77.66  ? 410 ARG A C   1 
ATOM   315  O  O   . ARG A 1 39  ? -0.272  11.342  -3.463  1.00 83.01  ? 410 ARG A O   1 
ATOM   316  C  CB  . ARG A 1 39  ? -1.589  8.183   -3.231  1.00 81.93  ? 410 ARG A CB  1 
ATOM   317  C  CG  . ARG A 1 39  ? -2.818  8.995   -3.619  1.00 84.62  ? 410 ARG A CG  1 
ATOM   318  C  CD  . ARG A 1 39  ? -3.931  8.190   -4.289  1.00 90.36  ? 410 ARG A CD  1 
ATOM   319  N  NE  . ARG A 1 39  ? -3.970  6.750   -4.014  1.00 93.48  ? 410 ARG A NE  1 
ATOM   320  C  CZ  . ARG A 1 39  ? -4.546  6.170   -2.957  1.00 92.64  ? 410 ARG A CZ  1 
ATOM   321  N  NH1 . ARG A 1 39  ? -5.133  6.898   -2.020  1.00 95.45  ? 410 ARG A NH1 1 
ATOM   322  N  NH2 . ARG A 1 39  ? -4.521  4.854   -2.831  1.00 89.75  ? 410 ARG A NH2 1 
ATOM   323  N  N   . VAL A 1 40  ? -0.336  10.336  -1.389  1.00 77.05  ? 411 VAL A N   1 
ATOM   324  C  CA  . VAL A 1 40  ? -0.482  11.608  -0.636  1.00 81.66  ? 411 VAL A CA  1 
ATOM   325  C  C   . VAL A 1 40  ? 0.755   12.450  -0.919  1.00 80.06  ? 411 VAL A C   1 
ATOM   326  O  O   . VAL A 1 40  ? 0.597   13.673  -1.161  1.00 85.84  ? 411 VAL A O   1 
ATOM   327  C  CB  . VAL A 1 40  ? -0.691  11.417  0.879   1.00 87.27  ? 411 VAL A CB  1 
ATOM   328  C  CG1 . VAL A 1 40  ? -0.920  12.758  1.575   1.00 85.19  ? 411 VAL A CG1 1 
ATOM   329  C  CG2 . VAL A 1 40  ? -1.832  10.451  1.187   1.00 92.36  ? 411 VAL A CG2 1 
ATOM   330  N  N   . THR A 1 41  ? 1.928   11.818  -0.905  1.00 77.97  ? 412 THR A N   1 
ATOM   331  C  CA  . THR A 1 41  ? 3.203   12.538  -1.117  1.00 79.43  ? 412 THR A CA  1 
ATOM   332  C  C   . THR A 1 41  ? 3.186   13.163  -2.507  1.00 79.25  ? 412 THR A C   1 
ATOM   333  O  O   . THR A 1 41  ? 3.565   14.348  -2.644  1.00 89.47  ? 412 THR A O   1 
ATOM   334  C  CB  . THR A 1 41  ? 4.430   11.651  -0.901  1.00 83.61  ? 412 THR A CB  1 
ATOM   335  O  OG1 . THR A 1 41  ? 4.237   10.983  0.344   1.00 95.88  ? 412 THR A OG1 1 
ATOM   336  C  CG2 . THR A 1 41  ? 5.717   12.444  -0.857  1.00 85.40  ? 412 THR A CG2 1 
ATOM   337  N  N   . ALA A 1 42  ? 2.734   12.392  -3.492  1.00 79.89  ? 413 ALA A N   1 
ATOM   338  C  CA  . ALA A 1 42  ? 2.701   12.836  -4.900  1.00 82.16  ? 413 ALA A CA  1 
ATOM   339  C  C   . ALA A 1 42  ? 1.780   14.049  -4.998  1.00 85.55  ? 413 ALA A C   1 
ATOM   340  O  O   . ALA A 1 42  ? 2.165   15.066  -5.644  1.00 87.88  ? 413 ALA A O   1 
ATOM   341  C  CB  . ALA A 1 42  ? 2.263   11.715  -5.809  1.00 79.98  ? 413 ALA A CB  1 
ATOM   342  N  N   . GLN A 1 43  ? 0.627   13.958  -4.340  1.00 90.58  ? 414 GLN A N   1 
ATOM   343  C  CA  . GLN A 1 43  ? -0.377  15.039  -4.417  1.00 95.10  ? 414 GLN A CA  1 
ATOM   344  C  C   . GLN A 1 43  ? 0.225   16.292  -3.785  1.00 97.80  ? 414 GLN A C   1 
ATOM   345  O  O   . GLN A 1 43  ? 0.056   17.387  -4.365  1.00 96.57  ? 414 GLN A O   1 
ATOM   346  C  CB  . GLN A 1 43  ? -1.693  14.637  -3.753  1.00 104.52 ? 414 GLN A CB  1 
ATOM   347  C  CG  . GLN A 1 43  ? -2.581  13.779  -4.645  1.00 110.14 ? 414 GLN A CG  1 
ATOM   348  C  CD  . GLN A 1 43  ? -3.755  13.186  -3.901  1.00 115.75 ? 414 GLN A CD  1 
ATOM   349  O  OE1 . GLN A 1 43  ? -3.812  13.186  -2.671  1.00 116.03 ? 414 GLN A OE1 1 
ATOM   350  N  NE2 . GLN A 1 43  ? -4.712  12.664  -4.652  1.00 117.45 ? 414 GLN A NE2 1 
ATOM   351  N  N   . GLN A 1 44  ? 0.924   16.132  -2.661  1.00 106.43 ? 415 GLN A N   1 
ATOM   352  C  CA  . GLN A 1 44  ? 1.503   17.285  -1.935  1.00 108.16 ? 415 GLN A CA  1 
ATOM   353  C  C   . GLN A 1 44  ? 2.544   17.934  -2.837  1.00 102.34 ? 415 GLN A C   1 
ATOM   354  O  O   . GLN A 1 44  ? 2.576   19.178  -2.898  1.00 100.40 ? 415 GLN A O   1 
ATOM   355  C  CB  . GLN A 1 44  ? 2.193   16.891  -0.630  1.00 117.66 ? 415 GLN A CB  1 
ATOM   356  C  CG  . GLN A 1 44  ? 1.245   16.555  0.510   1.00 128.81 ? 415 GLN A CG  1 
ATOM   357  C  CD  . GLN A 1 44  ? 1.993   16.042  1.718   1.00 142.77 ? 415 GLN A CD  1 
ATOM   358  O  OE1 . GLN A 1 44  ? 1.400   15.541  2.671   1.00 158.20 ? 415 GLN A OE1 1 
ATOM   359  N  NE2 . GLN A 1 44  ? 3.313   16.155  1.687   1.00 145.50 ? 415 GLN A NE2 1 
ATOM   360  N  N   . GLN A 1 45  ? 3.345   17.110  -3.507  1.00 101.74 ? 416 GLN A N   1 
ATOM   361  C  CA  . GLN A 1 45  ? 4.620   17.569  -4.095  1.00 101.93 ? 416 GLN A CA  1 
ATOM   362  C  C   . GLN A 1 45  ? 4.324   18.101  -5.493  1.00 100.20 ? 416 GLN A C   1 
ATOM   363  O  O   . GLN A 1 45  ? 5.036   19.025  -5.900  1.00 104.71 ? 416 GLN A O   1 
ATOM   364  C  CB  . GLN A 1 45  ? 5.701   16.479  -4.058  1.00 102.78 ? 416 GLN A CB  1 
ATOM   365  C  CG  . GLN A 1 45  ? 6.396   16.361  -2.701  1.00 105.99 ? 416 GLN A CG  1 
ATOM   366  C  CD  . GLN A 1 45  ? 7.760   15.706  -2.731  1.00 107.91 ? 416 GLN A CD  1 
ATOM   367  O  OE1 . GLN A 1 45  ? 8.122   14.990  -3.661  1.00 105.00 ? 416 GLN A OE1 1 
ATOM   368  N  NE2 . GLN A 1 45  ? 8.538   15.940  -1.686  1.00 110.63 ? 416 GLN A NE2 1 
ATOM   369  N  N   . LEU A 1 46  ? 3.279   17.597  -6.155  1.00 100.82 ? 417 LEU A N   1 
ATOM   370  C  CA  . LEU A 1 46  ? 2.917   17.999  -7.541  1.00 106.95 ? 417 LEU A CA  1 
ATOM   371  C  C   . LEU A 1 46  ? 1.939   19.180  -7.525  1.00 108.67 ? 417 LEU A C   1 
ATOM   372  O  O   . LEU A 1 46  ? 1.946   19.931  -8.515  1.00 113.62 ? 417 LEU A O   1 
ATOM   373  C  CB  . LEU A 1 46  ? 2.339   16.799  -8.297  1.00 106.99 ? 417 LEU A CB  1 
ATOM   374  C  CG  . LEU A 1 46  ? 3.360   15.728  -8.680  1.00 106.88 ? 417 LEU A CG  1 
ATOM   375  C  CD1 . LEU A 1 46  ? 2.666   14.432  -9.064  1.00 110.89 ? 417 LEU A CD1 1 
ATOM   376  C  CD2 . LEU A 1 46  ? 4.264   16.206  -9.809  1.00 104.85 ? 417 LEU A CD2 1 
ATOM   377  N  N   . GLU A 1 47  ? 1.146   19.353  -6.461  1.00 112.34 ? 418 GLU A N   1 
ATOM   378  C  CA  . GLU A 1 47  ? 0.228   20.519  -6.334  1.00 121.72 ? 418 GLU A CA  1 
ATOM   379  C  C   . GLU A 1 47  ? 1.064   21.752  -5.972  1.00 116.23 ? 418 GLU A C   1 
ATOM   380  O  O   . GLU A 1 47  ? 0.592   22.881  -6.214  1.00 121.65 ? 418 GLU A O   1 
ATOM   381  C  CB  . GLU A 1 47  ? -0.907  20.254  -5.338  1.00 134.72 ? 418 GLU A CB  1 
ATOM   382  C  CG  . GLU A 1 47  ? -0.681  20.807  -3.939  1.00 144.32 ? 418 GLU A CG  1 
ATOM   383  C  CD  . GLU A 1 47  ? -1.907  20.733  -3.044  1.00 152.16 ? 418 GLU A CD  1 
ATOM   384  O  OE1 . GLU A 1 47  ? -3.024  20.958  -3.551  1.00 154.24 ? 418 GLU A OE1 1 
ATOM   385  O  OE2 . GLU A 1 47  ? -1.748  20.446  -1.841  1.00 164.56 ? 418 GLU A OE2 1 
ATOM   386  N  N   . VAL A 1 48  ? 2.260   21.540  -5.422  1.00 109.71 ? 419 VAL A N   1 
ATOM   387  C  CA  . VAL A 1 48  ? 3.271   22.614  -5.195  1.00 109.49 ? 419 VAL A CA  1 
ATOM   388  C  C   . VAL A 1 48  ? 3.791   23.095  -6.557  1.00 109.85 ? 419 VAL A C   1 
ATOM   389  O  O   . VAL A 1 48  ? 3.935   24.313  -6.723  1.00 116.84 ? 419 VAL A O   1 
ATOM   390  C  CB  . VAL A 1 48  ? 4.400   22.140  -4.257  1.00 105.01 ? 419 VAL A CB  1 
ATOM   391  C  CG1 . VAL A 1 48  ? 5.753   22.754  -4.587  1.00 100.47 ? 419 VAL A CG1 1 
ATOM   392  C  CG2 . VAL A 1 48  ? 4.035   22.394  -2.801  1.00 102.62 ? 419 VAL A CG2 1 
ATOM   393  N  N   . LEU A 1 49  ? 4.023   22.186  -7.505  1.00 113.60 ? 420 LEU A N   1 
ATOM   394  C  CA  . LEU A 1 49  ? 4.645   22.517  -8.818  1.00 121.18 ? 420 LEU A CA  1 
ATOM   395  C  C   . LEU A 1 49  ? 3.672   23.290  -9.718  1.00 128.98 ? 420 LEU A C   1 
ATOM   396  O  O   . LEU A 1 49  ? 4.143   23.831  -10.734 1.00 134.94 ? 420 LEU A O   1 
ATOM   397  C  CB  . LEU A 1 49  ? 5.111   21.231  -9.505  1.00 122.26 ? 420 LEU A CB  1 
ATOM   398  C  CG  . LEU A 1 49  ? 6.154   20.407  -8.750  1.00 125.24 ? 420 LEU A CG  1 
ATOM   399  C  CD1 . LEU A 1 49  ? 6.866   19.461  -9.705  1.00 130.30 ? 420 LEU A CD1 1 
ATOM   400  C  CD2 . LEU A 1 49  ? 7.161   21.285  -8.015  1.00 119.48 ? 420 LEU A CD2 1 
ATOM   401  N  N   . LEU A 1 50  ? 2.377   23.340  -9.385  1.00 140.13 ? 421 LEU A N   1 
ATOM   402  C  CA  . LEU A 1 50  ? 1.390   24.197  -10.099 1.00 149.63 ? 421 LEU A CA  1 
ATOM   403  C  C   . LEU A 1 50  ? 1.552   25.646  -9.623  1.00 163.76 ? 421 LEU A C   1 
ATOM   404  O  O   . LEU A 1 50  ? 1.732   26.532  -10.488 1.00 173.64 ? 421 LEU A O   1 
ATOM   405  C  CB  . LEU A 1 50  ? -0.034  23.679  -9.864  1.00 145.82 ? 421 LEU A CB  1 
ATOM   406  C  CG  . LEU A 1 50  ? -0.331  22.268  -10.379 1.00 143.69 ? 421 LEU A CG  1 
ATOM   407  C  CD1 . LEU A 1 50  ? -1.833  22.035  -10.479 1.00 139.20 ? 421 LEU A CD1 1 
ATOM   408  C  CD2 . LEU A 1 50  ? 0.340   22.005  -11.722 1.00 138.54 ? 421 LEU A CD2 1 
ATOM   409  N  N   . SER A 1 51  ? 1.534   25.872  -8.302  1.00 168.89 ? 422 SER A N   1 
ATOM   410  C  CA  . SER A 1 51  ? 1.658   27.215  -7.669  1.00 172.43 ? 422 SER A CA  1 
ATOM   411  C  C   . SER A 1 51  ? 3.133   27.643  -7.568  1.00 180.35 ? 422 SER A C   1 
ATOM   412  O  O   . SER A 1 51  ? 3.394   28.692  -6.941  1.00 181.68 ? 422 SER A O   1 
ATOM   413  C  CB  . SER A 1 51  ? 0.962   27.252  -6.326  1.00 164.02 ? 422 SER A CB  1 
ATOM   414  O  OG  . SER A 1 51  ? 1.463   26.249  -5.457  1.00 160.31 ? 422 SER A OG  1 
ATOM   415  N  N   . ARG A 1 52  ? 4.054   26.878  -8.174  1.00 186.74 ? 423 ARG A N   1 
ATOM   416  C  CA  . ARG A 1 52  ? 5.497   27.224  -8.331  1.00 185.59 ? 423 ARG A CA  1 
ATOM   417  C  C   . ARG A 1 52  ? 5.767   27.607  -9.794  1.00 199.62 ? 423 ARG A C   1 
ATOM   418  O  O   . ARG A 1 52  ? 6.810   27.181  -10.338 1.00 200.00 ? 423 ARG A O   1 
ATOM   419  C  CB  . ARG A 1 52  ? 6.368   26.044  -7.886  1.00 185.31 ? 423 ARG A CB  1 
ATOM   420  C  CG  . ARG A 1 52  ? 7.833   26.388  -7.656  1.00 194.09 ? 423 ARG A CG  1 
ATOM   421  C  CD  . ARG A 1 52  ? 8.695   25.147  -7.504  1.00 200.00 ? 423 ARG A CD  1 
ATOM   422  N  NE  . ARG A 1 52  ? 8.592   24.549  -6.180  1.00 200.00 ? 423 ARG A NE  1 
ATOM   423  C  CZ  . ARG A 1 52  ? 9.193   25.007  -5.084  1.00 200.00 ? 423 ARG A CZ  1 
ATOM   424  N  NH1 . ARG A 1 52  ? 9.026   24.378  -3.931  1.00 200.00 ? 423 ARG A NH1 1 
ATOM   425  N  NH2 . ARG A 1 52  ? 9.952   26.091  -5.132  1.00 200.00 ? 423 ARG A NH2 1 
ATOM   426  N  N   . GLN A 1 53  ? 4.848   28.366  -10.410 1.00 200.00 ? 424 GLN A N   1 
ATOM   427  C  CA  . GLN A 1 53  ? 5.017   29.009  -11.746 1.00 200.00 ? 424 GLN A CA  1 
ATOM   428  C  C   . GLN A 1 53  ? 4.831   30.530  -11.588 1.00 200.00 ? 424 GLN A C   1 
ATOM   429  O  O   . GLN A 1 53  ? 4.363   31.165  -12.556 1.00 197.35 ? 424 GLN A O   1 
ATOM   430  C  CB  . GLN A 1 53  ? 4.028   28.432  -12.771 1.00 187.36 ? 424 GLN A CB  1 
ATOM   431  C  CG  . GLN A 1 53  ? 4.016   26.908  -12.868 1.00 182.27 ? 424 GLN A CG  1 
ATOM   432  C  CD  . GLN A 1 53  ? 5.190   26.322  -13.618 1.00 178.70 ? 424 GLN A CD  1 
ATOM   433  O  OE1 . GLN A 1 53  ? 6.351   26.535  -13.272 1.00 181.85 ? 424 GLN A OE1 1 
ATOM   434  N  NE2 . GLN A 1 53  ? 4.895   25.542  -14.646 1.00 164.09 ? 424 GLN A NE2 1 
ATOM   435  N  N   . ARG A 1 54  ? 5.196   31.087  -10.421 1.00 200.00 ? 425 ARG A N   1 
ATOM   436  C  CA  . ARG A 1 54  ? 4.942   32.509  -10.031 1.00 184.83 ? 425 ARG A CA  1 
ATOM   437  C  C   . ARG A 1 54  ? 5.589   32.834  -8.676  1.00 166.45 ? 425 ARG A C   1 
ATOM   438  O  O   . ARG A 1 54  ? 6.455   32.051  -8.238  1.00 149.85 ? 425 ARG A O   1 
ATOM   439  C  CB  . ARG A 1 54  ? 3.437   32.774  -9.943  1.00 181.54 ? 425 ARG A CB  1 
ATOM   440  C  CG  . ARG A 1 54  ? 2.656   31.653  -9.271  1.00 181.68 ? 425 ARG A CG  1 
ATOM   441  C  CD  . ARG A 1 54  ? 1.262   32.068  -8.854  1.00 178.39 ? 425 ARG A CD  1 
ATOM   442  N  NE  . ARG A 1 54  ? 0.447   30.908  -8.521  1.00 178.92 ? 425 ARG A NE  1 
ATOM   443  C  CZ  . ARG A 1 54  ? -0.826  30.955  -8.142  1.00 178.67 ? 425 ARG A CZ  1 
ATOM   444  N  NH1 . ARG A 1 54  ? -1.451  32.117  -8.039  1.00 179.63 ? 425 ARG A NH1 1 
ATOM   445  N  NH2 . ARG A 1 54  ? -1.472  29.836  -7.867  1.00 178.99 ? 425 ARG A NH2 1 
ATOM   446  N  N   . HIS A 1 58  ? 12.549  26.552  -7.721  1.00 165.08 ? 429 HIS A N   1 
ATOM   447  C  CA  . HIS A 1 58  ? 11.937  26.119  -9.006  1.00 174.18 ? 429 HIS A CA  1 
ATOM   448  C  C   . HIS A 1 58  ? 12.450  24.726  -9.420  1.00 182.84 ? 429 HIS A C   1 
ATOM   449  O  O   . HIS A 1 58  ? 12.263  24.382  -10.604 1.00 200.00 ? 429 HIS A O   1 
ATOM   450  C  CB  . HIS A 1 58  ? 12.185  27.177  -10.099 1.00 181.87 ? 429 HIS A CB  1 
ATOM   451  C  CG  . HIS A 1 58  ? 11.028  27.389  -11.026 1.00 194.76 ? 429 HIS A CG  1 
ATOM   452  N  ND1 . HIS A 1 58  ? 10.669  28.646  -11.489 1.00 192.96 ? 429 HIS A ND1 1 
ATOM   453  C  CD2 . HIS A 1 58  ? 10.137  26.524  -11.564 1.00 195.67 ? 429 HIS A CD2 1 
ATOM   454  C  CE1 . HIS A 1 58  ? 9.617   28.543  -12.277 1.00 185.16 ? 429 HIS A CE1 1 
ATOM   455  N  NE2 . HIS A 1 58  ? 9.271   27.250  -12.338 1.00 192.90 ? 429 HIS A NE2 1 
ATOM   456  N  N   . GLN A 1 59  ? 13.036  23.936  -8.501  1.00 174.34 ? 430 GLN A N   1 
ATOM   457  C  CA  . GLN A 1 59  ? 13.627  22.597  -8.803  1.00 159.22 ? 430 GLN A CA  1 
ATOM   458  C  C   . GLN A 1 59  ? 12.530  21.524  -8.720  1.00 157.80 ? 430 GLN A C   1 
ATOM   459  O  O   . GLN A 1 59  ? 12.414  20.832  -7.684  1.00 131.84 ? 430 GLN A O   1 
ATOM   460  C  CB  . GLN A 1 59  ? 14.820  22.283  -7.896  1.00 151.22 ? 430 GLN A CB  1 
ATOM   461  C  CG  . GLN A 1 59  ? 16.152  22.775  -8.445  1.00 141.52 ? 430 GLN A CG  1 
ATOM   462  C  CD  . GLN A 1 59  ? 16.411  24.230  -8.132  1.00 137.17 ? 430 GLN A CD  1 
ATOM   463  O  OE1 . GLN A 1 59  ? 16.520  25.058  -9.030  1.00 146.18 ? 430 GLN A OE1 1 
ATOM   464  N  NE2 . GLN A 1 59  ? 16.518  24.559  -6.852  1.00 115.87 ? 430 GLN A NE2 1 
ATOM   465  N  N   . THR A 1 60  ? 11.766  21.419  -9.809  1.00 169.80 ? 431 THR A N   1 
ATOM   466  C  CA  . THR A 1 60  ? 10.677  20.441  -10.074 1.00 169.40 ? 431 THR A CA  1 
ATOM   467  C  C   . THR A 1 60  ? 11.270  19.060  -10.367 1.00 151.82 ? 431 THR A C   1 
ATOM   468  O  O   . THR A 1 60  ? 10.607  18.029  -10.089 1.00 158.15 ? 431 THR A O   1 
ATOM   469  C  CB  . THR A 1 60  ? 9.861   20.901  -11.291 1.00 181.14 ? 431 THR A CB  1 
ATOM   470  O  OG1 . THR A 1 60  ? 10.752  20.926  -12.408 1.00 186.41 ? 431 THR A OG1 1 
ATOM   471  C  CG2 . THR A 1 60  ? 9.233   22.270  -11.130 1.00 181.52 ? 431 THR A CG2 1 
ATOM   472  N  N   . ASN A 1 61  ? 12.434  19.077  -11.018 1.00 132.97 ? 432 ASN A N   1 
ATOM   473  C  CA  . ASN A 1 61  ? 13.146  17.859  -11.476 1.00 128.55 ? 432 ASN A CA  1 
ATOM   474  C  C   . ASN A 1 61  ? 13.379  16.959  -10.265 1.00 123.34 ? 432 ASN A C   1 
ATOM   475  O  O   . ASN A 1 61  ? 13.141  15.749  -10.371 1.00 128.12 ? 432 ASN A O   1 
ATOM   476  C  CB  . ASN A 1 61  ? 14.463  18.206  -12.173 1.00 130.88 ? 432 ASN A CB  1 
ATOM   477  C  CG  . ASN A 1 61  ? 14.272  18.911  -13.499 1.00 133.69 ? 432 ASN A CG  1 
ATOM   478  O  OD1 . ASN A 1 61  ? 14.372  20.137  -13.572 1.00 138.61 ? 432 ASN A OD1 1 
ATOM   479  N  ND2 . ASN A 1 61  ? 14.006  18.150  -14.549 1.00 125.31 ? 432 ASN A ND2 1 
ATOM   480  N  N   . GLN A 1 62  ? 13.833  17.566  -9.166  1.00 116.71 ? 433 GLN A N   1 
ATOM   481  C  CA  . GLN A 1 62  ? 14.139  16.882  -7.888  1.00 112.15 ? 433 GLN A CA  1 
ATOM   482  C  C   . GLN A 1 62  ? 12.914  16.098  -7.432  1.00 106.70 ? 433 GLN A C   1 
ATOM   483  O  O   . GLN A 1 62  ? 13.030  14.888  -7.097  1.00 112.10 ? 433 GLN A O   1 
ATOM   484  C  CB  . GLN A 1 62  ? 14.533  17.906  -6.822  1.00 112.11 ? 433 GLN A CB  1 
ATOM   485  C  CG  . GLN A 1 62  ? 15.806  18.674  -7.164  1.00 113.13 ? 433 GLN A CG  1 
ATOM   486  C  CD  . GLN A 1 62  ? 16.476  19.290  -5.961  1.00 111.72 ? 433 GLN A CD  1 
ATOM   487  O  OE1 . GLN A 1 62  ? 17.606  19.767  -6.041  1.00 113.70 ? 433 GLN A OE1 1 
ATOM   488  N  NE2 . GLN A 1 62  ? 15.793  19.271  -4.826  1.00 109.75 ? 433 GLN A NE2 1 
ATOM   489  N  N   . THR A 1 63  ? 11.780  16.791  -7.425  1.00 100.80 ? 434 THR A N   1 
ATOM   490  C  CA  . THR A 1 63  ? 10.475  16.224  -7.021  1.00 98.83  ? 434 THR A CA  1 
ATOM   491  C  C   . THR A 1 63  ? 10.128  15.039  -7.919  1.00 94.94  ? 434 THR A C   1 
ATOM   492  O  O   . THR A 1 63  ? 9.782   13.945  -7.400  1.00 98.74  ? 434 THR A O   1 
ATOM   493  C  CB  . THR A 1 63  ? 9.363   17.275  -7.103  1.00 97.81  ? 434 THR A CB  1 
ATOM   494  O  OG1 . THR A 1 63  ? 9.602   18.212  -6.055  1.00 106.61 ? 434 THR A OG1 1 
ATOM   495  C  CG2 . THR A 1 63  ? 7.976   16.682  -6.979  1.00 95.92  ? 434 THR A CG2 1 
ATOM   496  N  N   . LYS A 1 64  ? 10.210  15.279  -9.227  1.00 96.35  ? 435 LYS A N   1 
ATOM   497  C  CA  . LYS A 1 64  ? 9.721   14.308  -10.235 1.00 100.94 ? 435 LYS A CA  1 
ATOM   498  C  C   . LYS A 1 64  ? 10.529  13.020  -10.098 1.00 93.29  ? 435 LYS A C   1 
ATOM   499  O  O   . LYS A 1 64  ? 9.933   11.919  -10.091 1.00 98.75  ? 435 LYS A O   1 
ATOM   500  C  CB  . LYS A 1 64  ? 9.822   14.845  -11.666 1.00 113.43 ? 435 LYS A CB  1 
ATOM   501  C  CG  . LYS A 1 64  ? 8.878   15.996  -11.986 1.00 125.25 ? 435 LYS A CG  1 
ATOM   502  C  CD  . LYS A 1 64  ? 8.141   15.854  -13.300 1.00 134.09 ? 435 LYS A CD  1 
ATOM   503  C  CE  . LYS A 1 64  ? 6.858   16.657  -13.330 1.00 144.71 ? 435 LYS A CE  1 
ATOM   504  N  NZ  . LYS A 1 64  ? 6.092   16.424  -14.576 1.00 155.14 ? 435 LYS A NZ  1 
ATOM   505  N  N   . GLY A 1 65  ? 11.844  13.186  -10.022 1.00 89.24  ? 436 GLY A N   1 
ATOM   506  C  CA  . GLY A 1 65  ? 12.798  12.075  -9.919  1.00 88.92  ? 436 GLY A CA  1 
ATOM   507  C  C   . GLY A 1 65  ? 12.535  11.288  -8.664  1.00 83.74  ? 436 GLY A C   1 
ATOM   508  O  O   . GLY A 1 65  ? 12.563  10.038  -8.726  1.00 82.78  ? 436 GLY A O   1 
ATOM   509  N  N   . LEU A 1 66  ? 12.243  11.989  -7.572  1.00 79.34  ? 437 LEU A N   1 
ATOM   510  C  CA  . LEU A 1 66  ? 11.944  11.331  -6.279  1.00 76.45  ? 437 LEU A CA  1 
ATOM   511  C  C   . LEU A 1 66  ? 10.692  10.477  -6.428  1.00 74.36  ? 437 LEU A C   1 
ATOM   512  O  O   . LEU A 1 66  ? 10.703  9.310   -5.977  1.00 71.34  ? 437 LEU A O   1 
ATOM   513  C  CB  . LEU A 1 66  ? 11.741  12.367  -5.175  1.00 75.16  ? 437 LEU A CB  1 
ATOM   514  C  CG  . LEU A 1 66  ? 11.205  11.792  -3.869  1.00 72.29  ? 437 LEU A CG  1 
ATOM   515  C  CD1 . LEU A 1 66  ? 12.127  10.703  -3.339  1.00 69.91  ? 437 LEU A CD1 1 
ATOM   516  C  CD2 . LEU A 1 66  ? 11.025  12.891  -2.844  1.00 75.08  ? 437 LEU A CD2 1 
ATOM   517  N  N   . LEU A 1 67  ? 9.654   11.051  -7.035  1.00 75.65  ? 438 LEU A N   1 
ATOM   518  C  CA  . LEU A 1 67  ? 8.366   10.326  -7.142  1.00 74.48  ? 438 LEU A CA  1 
ATOM   519  C  C   . LEU A 1 67  ? 8.566   9.095   -8.016  1.00 72.06  ? 438 LEU A C   1 
ATOM   520  O  O   . LEU A 1 67  ? 8.050   8.015   -7.653  1.00 68.27  ? 438 LEU A O   1 
ATOM   521  C  CB  . LEU A 1 67  ? 7.277   11.243  -7.694  1.00 78.01  ? 438 LEU A CB  1 
ATOM   522  C  CG  . LEU A 1 67  ? 6.852   12.346  -6.729  1.00 87.48  ? 438 LEU A CG  1 
ATOM   523  C  CD1 . LEU A 1 67  ? 5.988   13.387  -7.427  1.00 92.76  ? 438 LEU A CD1 1 
ATOM   524  C  CD2 . LEU A 1 67  ? 6.128   11.762  -5.523  1.00 90.30  ? 438 LEU A CD2 1 
ATOM   525  N  N   . ARG A 1 68  ? 9.324   9.255   -9.096  1.00 74.97  ? 439 ARG A N   1 
ATOM   526  C  CA  . ARG A 1 68  ? 9.626   8.149   -10.035 1.00 79.24  ? 439 ARG A CA  1 
ATOM   527  C  C   . ARG A 1 68  ? 10.327  7.048   -9.261  1.00 73.78  ? 439 ARG A C   1 
ATOM   528  O  O   . ARG A 1 68  ? 9.961   5.871   -9.422  1.00 79.77  ? 439 ARG A O   1 
ATOM   529  C  CB  . ARG A 1 68  ? 10.528  8.604   -11.184 1.00 86.93  ? 439 ARG A CB  1 
ATOM   530  C  CG  . ARG A 1 68  ? 11.099  7.450   -11.996 1.00 95.03  ? 439 ARG A CG  1 
ATOM   531  C  CD  . ARG A 1 68  ? 11.583  7.890   -13.358 1.00 106.48 ? 439 ARG A CD  1 
ATOM   532  N  NE  . ARG A 1 68  ? 10.479  8.235   -14.248 1.00 117.88 ? 439 ARG A NE  1 
ATOM   533  C  CZ  . ARG A 1 68  ? 9.951   7.438   -15.180 1.00 127.02 ? 439 ARG A CZ  1 
ATOM   534  N  NH1 . ARG A 1 68  ? 8.953   7.884   -15.927 1.00 131.73 ? 439 ARG A NH1 1 
ATOM   535  N  NH2 . ARG A 1 68  ? 10.413  6.211   -15.370 1.00 125.65 ? 439 ARG A NH2 1 
ATOM   536  N  N   . ALA A 1 69  ? 11.308  7.433   -8.464  1.00 69.35  ? 440 ALA A N   1 
ATOM   537  C  CA  . ALA A 1 69  ? 12.126  6.498   -7.675  1.00 74.16  ? 440 ALA A CA  1 
ATOM   538  C  C   . ALA A 1 69  ? 11.209  5.709   -6.752  1.00 70.55  ? 440 ALA A C   1 
ATOM   539  O  O   . ALA A 1 69  ? 11.337  4.463   -6.667  1.00 67.23  ? 440 ALA A O   1 
ATOM   540  C  CB  . ALA A 1 69  ? 13.176  7.250   -6.903  1.00 81.41  ? 440 ALA A CB  1 
ATOM   541  N  N   . ALA A 1 70  ? 10.316  6.431   -6.083  1.00 71.06  ? 441 ALA A N   1 
ATOM   542  C  CA  . ALA A 1 70  ? 9.371   5.847   -5.112  1.00 73.45  ? 441 ALA A CA  1 
ATOM   543  C  C   . ALA A 1 70  ? 8.504   4.814   -5.823  1.00 73.73  ? 441 ALA A C   1 
ATOM   544  O  O   . ALA A 1 70  ? 8.344   3.686   -5.296  1.00 75.74  ? 441 ALA A O   1 
ATOM   545  C  CB  . ALA A 1 70  ? 8.537   6.918   -4.462  1.00 74.24  ? 441 ALA A CB  1 
ATOM   546  N  N   . ALA A 1 71  ? 8.022   5.173   -7.009  1.00 71.98  ? 442 ALA A N   1 
ATOM   547  C  CA  . ALA A 1 71  ? 7.166   4.306   -7.840  1.00 72.69  ? 442 ALA A CA  1 
ATOM   548  C  C   . ALA A 1 71  ? 7.923   3.011   -8.160  1.00 72.99  ? 442 ALA A C   1 
ATOM   549  O  O   . ALA A 1 71  ? 7.408   1.862   -7.972  1.00 73.72  ? 442 ALA A O   1 
ATOM   550  C  CB  . ALA A 1 71  ? 6.772   5.050   -9.089  1.00 70.98  ? 442 ALA A CB  1 
ATOM   551  N  N   . VAL A 1 72  ? 9.150   3.217   -8.613  1.00 70.89  ? 443 VAL A N   1 
ATOM   552  C  CA  . VAL A 1 72  ? 10.047  2.117   -9.038  1.00 74.91  ? 443 VAL A CA  1 
ATOM   553  C  C   . VAL A 1 72  ? 10.305  1.242   -7.825  1.00 77.14  ? 443 VAL A C   1 
ATOM   554  O  O   . VAL A 1 72  ? 10.270  0.017   -7.976  1.00 78.80  ? 443 VAL A O   1 
ATOM   555  C  CB  . VAL A 1 72  ? 11.358  2.635   -9.649  1.00 77.33  ? 443 VAL A CB  1 
ATOM   556  C  CG1 . VAL A 1 72  ? 12.312  1.492   -9.961  1.00 79.07  ? 443 VAL A CG1 1 
ATOM   557  C  CG2 . VAL A 1 72  ? 11.102  3.462   -10.895 1.00 80.31  ? 443 VAL A CG2 1 
ATOM   558  N  N   . GLY A 1 73  ? 10.554  1.857   -6.675  1.00 79.72  ? 444 GLY A N   1 
ATOM   559  C  CA  . GLY A 1 73  ? 10.828  1.129   -5.426  1.00 82.95  ? 444 GLY A CA  1 
ATOM   560  C  C   . GLY A 1 73  ? 9.669   0.230   -5.080  1.00 79.33  ? 444 GLY A C   1 
ATOM   561  O  O   . GLY A 1 73  ? 9.888   -0.940  -4.737  1.00 81.11  ? 444 GLY A O   1 
ATOM   562  N  N   . ILE A 1 74  ? 8.467   0.790   -5.190  1.00 76.42  ? 445 ILE A N   1 
ATOM   563  C  CA  . ILE A 1 74  ? 7.206   0.072   -4.873  1.00 76.75  ? 445 ILE A CA  1 
ATOM   564  C  C   . ILE A 1 74  ? 7.115   -1.142  -5.792  1.00 76.45  ? 445 ILE A C   1 
ATOM   565  O  O   . ILE A 1 74  ? 6.823   -2.271  -5.307  1.00 78.16  ? 445 ILE A O   1 
ATOM   566  C  CB  . ILE A 1 74  ? 5.970   0.986   -4.985  1.00 77.37  ? 445 ILE A CB  1 
ATOM   567  C  CG1 . ILE A 1 74  ? 5.876   1.953   -3.803  1.00 78.18  ? 445 ILE A CG1 1 
ATOM   568  C  CG2 . ILE A 1 74  ? 4.697   0.163   -5.120  1.00 78.15  ? 445 ILE A CG2 1 
ATOM   569  C  CD1 . ILE A 1 74  ? 4.975   3.143   -4.051  1.00 79.68  ? 445 ILE A CD1 1 
ATOM   570  N  N   . TYR A 1 75  ? 7.383   -0.922  -7.075  1.00 75.16  ? 446 TYR A N   1 
ATOM   571  C  CA  . TYR A 1 75  ? 7.333   -1.999  -8.089  1.00 77.90  ? 446 TYR A CA  1 
ATOM   572  C  C   . TYR A 1 75  ? 8.294   -3.119  -7.682  1.00 79.67  ? 446 TYR A C   1 
ATOM   573  O  O   . TYR A 1 75  ? 7.941   -4.319  -7.636  1.00 87.60  ? 446 TYR A O   1 
ATOM   574  C  CB  . TYR A 1 75  ? 7.690   -1.481  -9.482  1.00 82.27  ? 446 TYR A CB  1 
ATOM   575  C  CG  . TYR A 1 75  ? 7.812   -2.566  -10.524 1.00 89.15  ? 446 TYR A CG  1 
ATOM   576  C  CD1 . TYR A 1 75  ? 9.025   -3.184  -10.777 1.00 93.70  ? 446 TYR A CD1 1 
ATOM   577  C  CD2 . TYR A 1 75  ? 6.709   -2.992  -11.249 1.00 95.01  ? 446 TYR A CD2 1 
ATOM   578  C  CE1 . TYR A 1 75  ? 9.143   -4.188  -11.726 1.00 94.07  ? 446 TYR A CE1 1 
ATOM   579  C  CE2 . TYR A 1 75  ? 6.809   -3.993  -12.202 1.00 93.40  ? 446 TYR A CE2 1 
ATOM   580  C  CZ  . TYR A 1 75  ? 8.031   -4.594  -12.441 1.00 92.60  ? 446 TYR A CZ  1 
ATOM   581  O  OH  . TYR A 1 75  ? 8.138   -5.579  -13.376 1.00 93.26  ? 446 TYR A OH  1 
ATOM   582  N  N   . GLU A 1 76  ? 9.514   -2.717  -7.354  1.00 83.41  ? 447 GLU A N   1 
ATOM   583  C  CA  . GLU A 1 76  ? 10.631  -3.679  -7.206  1.00 88.97  ? 447 GLU A CA  1 
ATOM   584  C  C   . GLU A 1 76  ? 10.393  -4.495  -5.943  1.00 89.43  ? 447 GLU A C   1 
ATOM   585  O  O   . GLU A 1 76  ? 10.570  -5.724  -5.991  1.00 90.24  ? 447 GLU A O   1 
ATOM   586  C  CB  . GLU A 1 76  ? 11.974  -2.950  -7.200  1.00 95.69  ? 447 GLU A CB  1 
ATOM   587  C  CG  . GLU A 1 76  ? 12.372  -2.424  -8.568  1.00 99.56  ? 447 GLU A CG  1 
ATOM   588  C  CD  . GLU A 1 76  ? 12.622  -3.495  -9.615  1.00 105.02 ? 447 GLU A CD  1 
ATOM   589  O  OE1 . GLU A 1 76  ? 13.048  -4.612  -9.234  1.00 107.97 ? 447 GLU A OE1 1 
ATOM   590  O  OE2 . GLU A 1 76  ? 12.385  -3.209  -10.810 1.00 110.57 ? 447 GLU A OE2 1 
ATOM   591  N  N   . GLN A 1 77  ? 9.946   -3.838  -4.881  1.00 89.72  ? 448 GLN A N   1 
ATOM   592  C  CA  . GLN A 1 77  ? 9.762   -4.521  -3.580  1.00 87.35  ? 448 GLN A CA  1 
ATOM   593  C  C   . GLN A 1 77  ? 8.618   -5.532  -3.691  1.00 88.17  ? 448 GLN A C   1 
ATOM   594  O  O   . GLN A 1 77  ? 8.810   -6.682  -3.244  1.00 94.61  ? 448 GLN A O   1 
ATOM   595  C  CB  . GLN A 1 77  ? 9.487   -3.511  -2.466  1.00 88.74  ? 448 GLN A CB  1 
ATOM   596  C  CG  . GLN A 1 77  ? 10.716  -2.731  -2.030  1.00 91.71  ? 448 GLN A CG  1 
ATOM   597  C  CD  . GLN A 1 77  ? 10.462  -1.936  -0.772  1.00 98.15  ? 448 GLN A CD  1 
ATOM   598  O  OE1 . GLN A 1 77  ? 9.762   -0.920  -0.777  1.00 104.66 ? 448 GLN A OE1 1 
ATOM   599  N  NE2 . GLN A 1 77  ? 11.034  -2.401  0.326   1.00 99.35  ? 448 GLN A NE2 1 
ATOM   600  N  N   . TYR A 1 78  ? 7.496   -5.128  -4.294  1.00 85.19  ? 449 TYR A N   1 
ATOM   601  C  CA  . TYR A 1 78  ? 6.176   -5.785  -4.129  1.00 83.72  ? 449 TYR A CA  1 
ATOM   602  C  C   . TYR A 1 78  ? 5.695   -6.422  -5.444  1.00 82.77  ? 449 TYR A C   1 
ATOM   603  O  O   . TYR A 1 78  ? 5.396   -7.621  -5.434  1.00 87.56  ? 449 TYR A O   1 
ATOM   604  C  CB  . TYR A 1 78  ? 5.181   -4.773  -3.556  1.00 84.56  ? 449 TYR A CB  1 
ATOM   605  C  CG  . TYR A 1 78  ? 5.624   -4.084  -2.286  1.00 84.52  ? 449 TYR A CG  1 
ATOM   606  C  CD1 . TYR A 1 78  ? 5.816   -4.785  -1.104  1.00 84.45  ? 449 TYR A CD1 1 
ATOM   607  C  CD2 . TYR A 1 78  ? 5.830   -2.713  -2.252  1.00 87.61  ? 449 TYR A CD2 1 
ATOM   608  C  CE1 . TYR A 1 78  ? 6.209   -4.145  0.064   1.00 86.87  ? 449 TYR A CE1 1 
ATOM   609  C  CE2 . TYR A 1 78  ? 6.221   -2.058  -1.094  1.00 87.72  ? 449 TYR A CE2 1 
ATOM   610  C  CZ  . TYR A 1 78  ? 6.409   -2.775  0.073   1.00 86.41  ? 449 TYR A CZ  1 
ATOM   611  O  OH  . TYR A 1 78  ? 6.798   -2.114  1.205   1.00 86.45  ? 449 TYR A OH  1 
ATOM   612  N  N   . LEU A 1 79  ? 5.594   -5.668  -6.538  1.00 85.62  ? 450 LEU A N   1 
ATOM   613  C  CA  . LEU A 1 79  ? 4.897   -6.143  -7.767  1.00 92.16  ? 450 LEU A CA  1 
ATOM   614  C  C   . LEU A 1 79  ? 5.866   -6.844  -8.724  1.00 96.53  ? 450 LEU A C   1 
ATOM   615  O  O   . LEU A 1 79  ? 5.383   -7.653  -9.534  1.00 93.59  ? 450 LEU A O   1 
ATOM   616  C  CB  . LEU A 1 79  ? 4.222   -4.960  -8.463  1.00 95.70  ? 450 LEU A CB  1 
ATOM   617  C  CG  . LEU A 1 79  ? 3.329   -4.095  -7.577  1.00 99.37  ? 450 LEU A CG  1 
ATOM   618  C  CD1 . LEU A 1 79  ? 2.433   -3.209  -8.427  1.00 102.71 ? 450 LEU A CD1 1 
ATOM   619  C  CD2 . LEU A 1 79  ? 2.491   -4.946  -6.637  1.00 99.42  ? 450 LEU A CD2 1 
ATOM   620  N  N   . SER A 1 80  ? 7.163   -6.526  -8.659  1.00 106.94 ? 451 SER A N   1 
ATOM   621  C  CA  . SER A 1 80  ? 8.220   -7.106  -9.530  1.00 115.21 ? 451 SER A CA  1 
ATOM   622  C  C   . SER A 1 80  ? 8.136   -8.632  -9.505  1.00 120.64 ? 451 SER A C   1 
ATOM   623  O  O   . SER A 1 80  ? 7.901   -9.194  -8.420  1.00 116.99 ? 451 SER A O   1 
ATOM   624  C  CB  . SER A 1 80  ? 9.596   -6.662  -9.121  1.00 119.36 ? 451 SER A CB  1 
ATOM   625  O  OG  . SER A 1 80  ? 10.571  -7.598  -9.563  1.00 124.22 ? 451 SER A OG  1 
ATOM   626  N  N   . GLU A 1 81  ? 8.332   -9.264  -10.663 1.00 129.69 ? 452 GLU A N   1 
ATOM   627  C  CA  . GLU A 1 81  ? 8.452   -10.737 -10.801 1.00 135.99 ? 452 GLU A CA  1 
ATOM   628  C  C   . GLU A 1 81  ? 9.439   -11.230 -9.739  1.00 127.31 ? 452 GLU A C   1 
ATOM   629  O  O   . GLU A 1 81  ? 9.030   -12.012 -8.864  1.00 127.57 ? 452 GLU A O   1 
ATOM   630  C  CB  . GLU A 1 81  ? 8.897   -11.094 -12.223 1.00 148.33 ? 452 GLU A CB  1 
ATOM   631  C  CG  . GLU A 1 81  ? 9.433   -12.508 -12.371 1.00 155.96 ? 452 GLU A CG  1 
ATOM   632  C  CD  . GLU A 1 81  ? 9.722   -12.913 -13.805 1.00 157.94 ? 452 GLU A CD  1 
ATOM   633  O  OE1 . GLU A 1 81  ? 8.768   -13.307 -14.507 1.00 162.76 ? 452 GLU A OE1 1 
ATOM   634  O  OE2 . GLU A 1 81  ? 10.894  -12.814 -14.220 1.00 157.02 ? 452 GLU A OE2 1 
ATOM   635  N  N   . LYS A 1 82  ? 10.678  -10.740 -9.799  1.00 122.24 ? 453 LYS A N   1 
ATOM   636  C  CA  . LYS A 1 82  ? 11.818  -11.225 -8.977  1.00 128.08 ? 453 LYS A CA  1 
ATOM   637  C  C   . LYS A 1 82  ? 11.760  -10.557 -7.598  1.00 114.31 ? 453 LYS A C   1 
ATOM   638  O  O   . LYS A 1 82  ? 12.658  -9.754  -7.311  1.00 115.91 ? 453 LYS A O   1 
ATOM   639  C  CB  . LYS A 1 82  ? 13.142  -10.907 -9.686  1.00 144.81 ? 453 LYS A CB  1 
ATOM   640  C  CG  . LYS A 1 82  ? 13.291  -11.442 -11.109 1.00 154.74 ? 453 LYS A CG  1 
ATOM   641  C  CD  . LYS A 1 82  ? 13.790  -12.872 -11.187 1.00 161.11 ? 453 LYS A CD  1 
ATOM   642  C  CE  . LYS A 1 82  ? 15.279  -13.002 -10.939 1.00 163.03 ? 453 LYS A CE  1 
ATOM   643  N  NZ  . LYS A 1 82  ? 15.675  -14.415 -10.729 1.00 170.13 ? 453 LYS A NZ  1 
ATOM   644  N  N   . ALA A 1 83  ? 10.753  -10.872 -6.777  1.00 108.82 ? 454 ALA A N   1 
ATOM   645  C  CA  . ALA A 1 83  ? 10.438  -10.118 -5.538  1.00 110.92 ? 454 ALA A CA  1 
ATOM   646  C  C   . ALA A 1 83  ? 10.067  -11.046 -4.374  1.00 116.12 ? 454 ALA A C   1 
ATOM   647  O  O   . ALA A 1 83  ? 9.152   -11.882 -4.537  1.00 115.37 ? 454 ALA A O   1 
ATOM   648  C  CB  . ALA A 1 83  ? 9.329   -9.136  -5.811  1.00 108.25 ? 454 ALA A CB  1 
ATOM   649  N  N   . SER A 1 84  ? 10.753  -10.866 -3.237  1.00 123.50 ? 455 SER A N   1 
ATOM   650  C  CA  . SER A 1 84  ? 10.412  -11.396 -1.888  1.00 122.04 ? 455 SER A CA  1 
ATOM   651  C  C   . SER A 1 84  ? 8.903   -11.306 -1.690  1.00 125.71 ? 455 SER A C   1 
ATOM   652  O  O   . SER A 1 84  ? 8.273   -10.445 -2.298  1.00 130.79 ? 455 SER A O   1 
ATOM   653  C  CB  . SER A 1 84  ? 11.156  -10.616 -0.837  1.00 121.76 ? 455 SER A CB  1 
ATOM   654  O  OG  . SER A 1 84  ? 11.028  -11.226 0.432   1.00 128.39 ? 455 SER A OG  1 
ATOM   655  N  N   . PRO A 1 85  ? 8.283   -12.090 -0.778  1.00 125.48 ? 456 PRO A N   1 
ATOM   656  C  CA  . PRO A 1 85  ? 6.882   -12.492 -0.892  1.00 122.78 ? 456 PRO A CA  1 
ATOM   657  C  C   . PRO A 1 85  ? 6.177   -12.192 -2.228  1.00 116.40 ? 456 PRO A C   1 
ATOM   658  O  O   . PRO A 1 85  ? 5.739   -13.135 -2.853  1.00 121.61 ? 456 PRO A O   1 
ATOM   659  C  CB  . PRO A 1 85  ? 6.400   -11.709 0.338   1.00 116.39 ? 456 PRO A CB  1 
ATOM   660  C  CG  . PRO A 1 85  ? 7.516   -11.942 1.374   1.00 115.95 ? 456 PRO A CG  1 
ATOM   661  C  CD  . PRO A 1 85  ? 8.736   -12.390 0.585   1.00 119.51 ? 456 PRO A CD  1 
ATOM   662  N  N   . ARG A 1 86  ? 6.105   -10.923 -2.640  1.00 108.44 ? 457 ARG A N   1 
ATOM   663  C  CA  . ARG A 1 86  ? 5.539   -10.473 -3.942  1.00 105.76 ? 457 ARG A CA  1 
ATOM   664  C  C   . ARG A 1 86  ? 4.013   -10.597 -3.896  1.00 100.59 ? 457 ARG A C   1 
ATOM   665  O  O   . ARG A 1 86  ? 3.504   -11.719 -4.036  1.00 103.00 ? 457 ARG A O   1 
ATOM   666  C  CB  . ARG A 1 86  ? 6.145   -11.253 -5.117  1.00 107.85 ? 457 ARG A CB  1 
ATOM   667  C  CG  . ARG A 1 86  ? 5.183   -11.538 -6.265  1.00 113.26 ? 457 ARG A CG  1 
ATOM   668  C  CD  . ARG A 1 86  ? 5.893   -11.877 -7.563  1.00 120.37 ? 457 ARG A CD  1 
ATOM   669  N  NE  . ARG A 1 86  ? 4.956   -12.230 -8.622  1.00 124.63 ? 457 ARG A NE  1 
ATOM   670  C  CZ  . ARG A 1 86  ? 4.232   -11.364 -9.329  1.00 130.68 ? 457 ARG A CZ  1 
ATOM   671  N  NH1 . ARG A 1 86  ? 4.321   -10.063 -9.100  1.00 134.16 ? 457 ARG A NH1 1 
ATOM   672  N  NH2 . ARG A 1 86  ? 3.408   -11.805 -10.268 1.00 132.70 ? 457 ARG A NH2 1 
ATOM   673  N  N   . VAL A 1 87  ? 3.310   -9.476  -3.726  1.00 96.90  ? 458 VAL A N   1 
ATOM   674  C  CA  . VAL A 1 87  ? 1.825   -9.439  -3.848  1.00 97.42  ? 458 VAL A CA  1 
ATOM   675  C  C   . VAL A 1 87  ? 1.511   -9.783  -5.307  1.00 95.29  ? 458 VAL A C   1 
ATOM   676  O  O   . VAL A 1 87  ? 2.187   -9.245  -6.208  1.00 92.14  ? 458 VAL A O   1 
ATOM   677  C  CB  . VAL A 1 87  ? 1.206   -8.097  -3.408  1.00 102.49 ? 458 VAL A CB  1 
ATOM   678  C  CG1 . VAL A 1 87  ? 2.015   -7.427  -2.304  1.00 103.96 ? 458 VAL A CG1 1 
ATOM   679  C  CG2 . VAL A 1 87  ? 0.990   -7.140  -4.570  1.00 105.68 ? 458 VAL A CG2 1 
ATOM   680  N  N   . THR A 1 88  ? 0.566   -10.696 -5.515  1.00 95.32  ? 459 THR A N   1 
ATOM   681  C  CA  . THR A 1 88  ? 0.191   -11.244 -6.839  1.00 97.41  ? 459 THR A CA  1 
ATOM   682  C  C   . THR A 1 88  ? -1.225  -10.776 -7.161  1.00 95.29  ? 459 THR A C   1 
ATOM   683  O  O   . THR A 1 88  ? -2.112  -10.994 -6.330  1.00 101.98 ? 459 THR A O   1 
ATOM   684  C  CB  . THR A 1 88  ? 0.280   -12.773 -6.841  1.00 102.09 ? 459 THR A CB  1 
ATOM   685  O  OG1 . THR A 1 88  ? 1.497   -13.147 -6.193  1.00 98.39  ? 459 THR A OG1 1 
ATOM   686  C  CG2 . THR A 1 88  ? 0.216   -13.356 -8.237  1.00 105.62 ? 459 THR A CG2 1 
ATOM   687  N  N   . VAL A 1 89  ? -1.418  -10.147 -8.314  1.00 98.85  ? 460 VAL A N   1 
ATOM   688  C  CA  . VAL A 1 89  ? -2.758  -9.699  -8.787  1.00 109.13 ? 460 VAL A CA  1 
ATOM   689  C  C   . VAL A 1 89  ? -2.764  -9.788  -10.312 1.00 115.29 ? 460 VAL A C   1 
ATOM   690  O  O   . VAL A 1 89  ? -1.673  -10.004 -10.883 1.00 114.83 ? 460 VAL A O   1 
ATOM   691  C  CB  . VAL A 1 89  ? -3.074  -8.273  -8.300  1.00 115.87 ? 460 VAL A CB  1 
ATOM   692  C  CG1 . VAL A 1 89  ? -2.982  -8.149  -6.786  1.00 114.03 ? 460 VAL A CG1 1 
ATOM   693  C  CG2 . VAL A 1 89  ? -2.179  -7.240  -8.969  1.00 121.56 ? 460 VAL A CG2 1 
ATOM   694  N  N   . ASP A 1 90  ? -3.937  -9.607  -10.928 1.00 125.11 ? 461 ASP A N   1 
ATOM   695  C  CA  . ASP A 1 90  ? -4.140  -9.628  -12.405 1.00 133.04 ? 461 ASP A CA  1 
ATOM   696  C  C   . ASP A 1 90  ? -2.852  -9.146  -13.079 1.00 132.48 ? 461 ASP A C   1 
ATOM   697  O  O   . ASP A 1 90  ? -2.523  -7.955  -12.937 1.00 129.40 ? 461 ASP A O   1 
ATOM   698  C  CB  . ASP A 1 90  ? -5.332  -8.766  -12.833 1.00 139.82 ? 461 ASP A CB  1 
ATOM   699  C  CG  . ASP A 1 90  ? -6.570  -8.922  -11.965 1.00 148.35 ? 461 ASP A CG  1 
ATOM   700  O  OD1 . ASP A 1 90  ? -6.447  -8.773  -10.728 1.00 148.01 ? 461 ASP A OD1 1 
ATOM   701  O  OD2 . ASP A 1 90  ? -7.647  -9.188  -12.530 1.00 157.26 ? 461 ASP A OD2 1 
ATOM   702  N  N   . ASP A 1 91  ? -2.142  -10.049 -13.761 1.00 133.89 ? 462 ASP A N   1 
ATOM   703  C  CA  . ASP A 1 91  ? -0.749  -9.830  -14.228 1.00 128.45 ? 462 ASP A CA  1 
ATOM   704  C  C   . ASP A 1 91  ? -0.742  -8.695  -15.250 1.00 121.42 ? 462 ASP A C   1 
ATOM   705  O  O   . ASP A 1 91  ? 0.269   -7.996  -15.315 1.00 122.18 ? 462 ASP A O   1 
ATOM   706  C  CB  . ASP A 1 91  ? -0.112  -11.126 -14.739 1.00 128.80 ? 462 ASP A CB  1 
ATOM   707  C  CG  . ASP A 1 91  ? 0.578   -11.929 -13.643 1.00 131.83 ? 462 ASP A CG  1 
ATOM   708  O  OD1 . ASP A 1 91  ? -0.017  -12.083 -12.555 1.00 134.43 ? 462 ASP A OD1 1 
ATOM   709  O  OD2 . ASP A 1 91  ? 1.716   -12.376 -13.875 1.00 132.70 ? 462 ASP A OD2 1 
ATOM   710  N  N   . TYR A 1 92  ? -1.847  -8.484  -15.969 1.00 116.40 ? 463 TYR A N   1 
ATOM   711  C  CA  . TYR A 1 92  ? -1.935  -7.436  -17.009 1.00 123.06 ? 463 TYR A CA  1 
ATOM   712  C  C   . TYR A 1 92  ? -1.978  -6.068  -16.330 1.00 117.30 ? 463 TYR A C   1 
ATOM   713  O  O   . TYR A 1 92  ? -1.487  -5.125  -16.937 1.00 122.42 ? 463 TYR A O   1 
ATOM   714  C  CB  . TYR A 1 92  ? -3.097  -7.689  -17.972 1.00 131.00 ? 463 TYR A CB  1 
ATOM   715  C  CG  . TYR A 1 92  ? -4.459  -7.288  -17.475 1.00 149.63 ? 463 TYR A CG  1 
ATOM   716  C  CD1 . TYR A 1 92  ? -5.139  -8.073  -16.556 1.00 161.21 ? 463 TYR A CD1 1 
ATOM   717  C  CD2 . TYR A 1 92  ? -5.087  -6.146  -17.950 1.00 155.68 ? 463 TYR A CD2 1 
ATOM   718  C  CE1 . TYR A 1 92  ? -6.404  -7.729  -16.107 1.00 164.40 ? 463 TYR A CE1 1 
ATOM   719  C  CE2 . TYR A 1 92  ? -6.353  -5.788  -17.512 1.00 165.34 ? 463 TYR A CE2 1 
ATOM   720  C  CZ  . TYR A 1 92  ? -7.015  -6.584  -16.588 1.00 166.26 ? 463 TYR A CZ  1 
ATOM   721  O  OH  . TYR A 1 92  ? -8.258  -6.249  -16.139 1.00 159.46 ? 463 TYR A OH  1 
ATOM   722  N  N   . LEU A 1 93  ? -2.470  -5.972  -15.095 1.00 115.00 ? 464 LEU A N   1 
ATOM   723  C  CA  . LEU A 1 93  ? -2.493  -4.673  -14.366 1.00 112.47 ? 464 LEU A CA  1 
ATOM   724  C  C   . LEU A 1 93  ? -1.056  -4.258  -14.056 1.00 107.45 ? 464 LEU A C   1 
ATOM   725  O  O   . LEU A 1 93  ? -0.663  -3.101  -14.339 1.00 107.24 ? 464 LEU A O   1 
ATOM   726  C  CB  . LEU A 1 93  ? -3.320  -4.781  -13.079 1.00 114.23 ? 464 LEU A CB  1 
ATOM   727  C  CG  . LEU A 1 93  ? -4.723  -4.181  -13.149 1.00 117.29 ? 464 LEU A CG  1 
ATOM   728  C  CD1 . LEU A 1 93  ? -5.621  -4.991  -14.069 1.00 122.33 ? 464 LEU A CD1 1 
ATOM   729  C  CD2 . LEU A 1 93  ? -5.343  -4.082  -11.765 1.00 117.99 ? 464 LEU A CD2 1 
ATOM   730  N  N   . VAL A 1 94  ? -0.294  -5.198  -13.508 1.00 105.65 ? 465 VAL A N   1 
ATOM   731  C  CA  . VAL A 1 94  ? 1.139   -4.987  -13.181 1.00 104.13 ? 465 VAL A CA  1 
ATOM   732  C  C   . VAL A 1 94  ? 1.869   -4.624  -14.470 1.00 108.80 ? 465 VAL A C   1 
ATOM   733  O  O   . VAL A 1 94  ? 2.684   -3.676  -14.458 1.00 120.90 ? 465 VAL A O   1 
ATOM   734  C  CB  . VAL A 1 94  ? 1.764   -6.224  -12.507 1.00 100.10 ? 465 VAL A CB  1 
ATOM   735  C  CG1 . VAL A 1 94  ? 3.286   -6.210  -12.570 1.00 98.88  ? 465 VAL A CG1 1 
ATOM   736  C  CG2 . VAL A 1 94  ? 1.292   -6.368  -11.072 1.00 101.10 ? 465 VAL A CG2 1 
ATOM   737  N  N   . ALA A 1 95  ? 1.590   -5.362  -15.541 1.00 108.99 ? 466 ALA A N   1 
ATOM   738  C  CA  . ALA A 1 95  ? 2.288   -5.143  -16.821 1.00 109.80 ? 466 ALA A CA  1 
ATOM   739  C  C   . ALA A 1 95  ? 1.951   -3.740  -17.331 1.00 107.41 ? 466 ALA A C   1 
ATOM   740  O  O   . ALA A 1 95  ? 2.869   -3.038  -17.790 1.00 116.86 ? 466 ALA A O   1 
ATOM   741  C  CB  . ALA A 1 95  ? 1.938   -6.220  -17.815 1.00 112.22 ? 466 ALA A CB  1 
ATOM   742  N  N   . LYS A 1 96  ? 0.691   -3.338  -17.204 1.00 103.02 ? 467 LYS A N   1 
ATOM   743  C  CA  . LYS A 1 96  ? 0.207   -2.002  -17.628 1.00 110.33 ? 467 LYS A CA  1 
ATOM   744  C  C   . LYS A 1 96  ? 0.991   -0.934  -16.861 1.00 110.61 ? 467 LYS A C   1 
ATOM   745  O  O   . LYS A 1 96  ? 1.472   0.042   -17.476 1.00 114.91 ? 467 LYS A O   1 
ATOM   746  C  CB  . LYS A 1 96  ? -1.303  -1.898  -17.385 1.00 123.07 ? 467 LYS A CB  1 
ATOM   747  C  CG  . LYS A 1 96  ? -2.076  -0.899  -18.240 1.00 130.88 ? 467 LYS A CG  1 
ATOM   748  C  CD  . LYS A 1 96  ? -3.461  -1.417  -18.641 1.00 140.60 ? 467 LYS A CD  1 
ATOM   749  C  CE  . LYS A 1 96  ? -4.542  -0.356  -18.680 1.00 143.26 ? 467 LYS A CE  1 
ATOM   750  N  NZ  . LYS A 1 96  ? -4.189  0.764   -19.584 1.00 148.62 ? 467 LYS A NZ  1 
ATOM   751  N  N   . LEU A 1 97  ? 1.113   -1.147  -15.552 1.00 112.88 ? 468 LEU A N   1 
ATOM   752  C  CA  . LEU A 1 97  ? 1.820   -0.222  -14.637 1.00 108.43 ? 468 LEU A CA  1 
ATOM   753  C  C   . LEU A 1 97  ? 3.257   -0.068  -15.119 1.00 109.27 ? 468 LEU A C   1 
ATOM   754  O  O   . LEU A 1 97  ? 3.766   1.071   -15.195 1.00 117.29 ? 468 LEU A O   1 
ATOM   755  C  CB  . LEU A 1 97  ? 1.813   -0.755  -13.199 1.00 104.34 ? 468 LEU A CB  1 
ATOM   756  C  CG  . LEU A 1 97  ? 2.850   -0.107  -12.280 1.00 104.15 ? 468 LEU A CG  1 
ATOM   757  C  CD1 . LEU A 1 97  ? 2.425   1.301   -11.893 1.00 108.25 ? 468 LEU A CD1 1 
ATOM   758  C  CD2 . LEU A 1 97  ? 3.096   -0.944  -11.040 1.00 104.59 ? 468 LEU A CD2 1 
ATOM   759  N  N   . ALA A 1 98  ? 3.885   -1.203  -15.408 1.00 112.18 ? 469 ALA A N   1 
ATOM   760  C  CA  . ALA A 1 98  ? 5.295   -1.254  -15.834 1.00 116.49 ? 469 ALA A CA  1 
ATOM   761  C  C   . ALA A 1 98  ? 5.446   -0.443  -17.121 1.00 119.52 ? 469 ALA A C   1 
ATOM   762  O  O   . ALA A 1 98  ? 6.394   0.364   -17.228 1.00 128.79 ? 469 ALA A O   1 
ATOM   763  C  CB  . ALA A 1 98  ? 5.761   -2.680  -16.002 1.00 120.41 ? 469 ALA A CB  1 
ATOM   764  N  N   . ASP A 1 99  ? 4.512   -0.655  -18.047 1.00 119.24 ? 470 ASP A N   1 
ATOM   765  C  CA  . ASP A 1 99  ? 4.504   0.015   -19.365 1.00 119.14 ? 470 ASP A CA  1 
ATOM   766  C  C   . ASP A 1 99  ? 4.473   1.516   -19.102 1.00 114.78 ? 470 ASP A C   1 
ATOM   767  O  O   . ASP A 1 99  ? 5.372   2.224   -19.593 1.00 126.86 ? 470 ASP A O   1 
ATOM   768  C  CB  . ASP A 1 99  ? 3.345   -0.465  -20.245 1.00 126.51 ? 470 ASP A CB  1 
ATOM   769  C  CG  . ASP A 1 99  ? 3.380   0.081   -21.665 1.00 135.15 ? 470 ASP A CG  1 
ATOM   770  O  OD1 . ASP A 1 99  ? 2.916   1.225   -21.877 1.00 135.12 ? 470 ASP A OD1 1 
ATOM   771  O  OD2 . ASP A 1 99  ? 3.877   -0.641  -22.547 1.00 152.03 ? 470 ASP A OD2 1 
ATOM   772  N  N   . THR A 1 100 ? 3.543   1.934   -18.244 1.00 107.74 ? 471 THR A N   1 
ATOM   773  C  CA  . THR A 1 100 ? 3.311   3.358   -17.913 1.00 106.91 ? 471 THR A CA  1 
ATOM   774  C  C   . THR A 1 100 ? 4.602   3.956   -17.367 1.00 106.23 ? 471 THR A C   1 
ATOM   775  O  O   . THR A 1 100 ? 4.988   5.062   -17.779 1.00 106.62 ? 471 THR A O   1 
ATOM   776  C  CB  . THR A 1 100 ? 2.157   3.546   -16.924 1.00 112.06 ? 471 THR A CB  1 
ATOM   777  O  OG1 . THR A 1 100 ? 0.972   3.078   -17.569 1.00 117.29 ? 471 THR A OG1 1 
ATOM   778  C  CG2 . THR A 1 100 ? 1.977   4.985   -16.487 1.00 113.99 ? 471 THR A CG2 1 
ATOM   779  N  N   . LEU A 1 101 ? 5.247   3.221   -16.469 1.00 109.83 ? 472 LEU A N   1 
ATOM   780  C  CA  . LEU A 1 101 ? 6.488   3.686   -15.817 1.00 114.94 ? 472 LEU A CA  1 
ATOM   781  C  C   . LEU A 1 101 ? 7.566   3.878   -16.883 1.00 119.29 ? 472 LEU A C   1 
ATOM   782  O  O   . LEU A 1 101 ? 8.260   4.915   -16.868 1.00 119.26 ? 472 LEU A O   1 
ATOM   783  C  CB  . LEU A 1 101 ? 6.933   2.689   -14.739 1.00 117.84 ? 472 LEU A CB  1 
ATOM   784  C  CG  . LEU A 1 101 ? 6.392   2.947   -13.334 1.00 117.78 ? 472 LEU A CG  1 
ATOM   785  C  CD1 . LEU A 1 101 ? 6.784   1.818   -12.389 1.00 119.04 ? 472 LEU A CD1 1 
ATOM   786  C  CD2 . LEU A 1 101 ? 6.879   4.285   -12.796 1.00 114.95 ? 472 LEU A CD2 1 
ATOM   787  N  N   . ASN A 1 102 ? 7.646   2.924   -17.806 1.00 128.95 ? 473 ASN A N   1 
ATOM   788  C  CA  . ASN A 1 102 ? 8.780   2.758   -18.742 1.00 129.60 ? 473 ASN A CA  1 
ATOM   789  C  C   . ASN A 1 102 ? 8.748   3.843   -19.826 1.00 128.57 ? 473 ASN A C   1 
ATOM   790  O  O   . ASN A 1 102 ? 9.806   4.050   -20.428 1.00 141.00 ? 473 ASN A O   1 
ATOM   791  C  CB  . ASN A 1 102 ? 8.835   1.341   -19.328 1.00 130.74 ? 473 ASN A CB  1 
ATOM   792  C  CG  . ASN A 1 102 ? 9.408   0.331   -18.352 1.00 136.09 ? 473 ASN A CG  1 
ATOM   793  O  OD1 . ASN A 1 102 ? 10.536  0.480   -17.885 1.00 137.87 ? 473 ASN A OD1 1 
ATOM   794  N  ND2 . ASN A 1 102 ? 8.643   -0.698  -18.028 1.00 142.26 ? 473 ASN A ND2 1 
ATOM   795  N  N   . HIS A 1 103 ? 7.626   4.535   -20.056 1.00 122.78 ? 474 HIS A N   1 
ATOM   796  C  CA  . HIS A 1 103 ? 7.588   5.751   -20.917 1.00 123.56 ? 474 HIS A CA  1 
ATOM   797  C  C   . HIS A 1 103 ? 6.423   6.669   -20.517 1.00 118.31 ? 474 HIS A C   1 
ATOM   798  O  O   . HIS A 1 103 ? 5.473   6.803   -21.308 1.00 115.49 ? 474 HIS A O   1 
ATOM   799  C  CB  . HIS A 1 103 ? 7.624   5.397   -22.422 1.00 134.75 ? 474 HIS A CB  1 
ATOM   800  C  CG  . HIS A 1 103 ? 6.926   4.143   -22.849 1.00 140.90 ? 474 HIS A CG  1 
ATOM   801  N  ND1 . HIS A 1 103 ? 5.690   4.159   -23.482 1.00 145.89 ? 474 HIS A ND1 1 
ATOM   802  C  CD2 . HIS A 1 103 ? 7.315   2.849   -22.819 1.00 141.68 ? 474 HIS A CD2 1 
ATOM   803  C  CE1 . HIS A 1 103 ? 5.330   2.926   -23.779 1.00 142.09 ? 474 HIS A CE1 1 
ATOM   804  N  NE2 . HIS A 1 103 ? 6.312   2.103   -23.383 1.00 147.97 ? 474 HIS A NE2 1 
ATOM   805  N  N   . GLU A 1 104 ? 6.527   7.302   -19.341 1.00 120.92 ? 475 GLU A N   1 
ATOM   806  C  CA  . GLU A 1 104 ? 5.598   8.357   -18.834 1.00 119.48 ? 475 GLU A CA  1 
ATOM   807  C  C   . GLU A 1 104 ? 5.993   8.771   -17.410 1.00 112.18 ? 475 GLU A C   1 
ATOM   808  O  O   . GLU A 1 104 ? 6.344   7.886   -16.607 1.00 108.98 ? 475 GLU A O   1 
ATOM   809  C  CB  . GLU A 1 104 ? 4.147   7.871   -18.817 1.00 123.77 ? 475 GLU A CB  1 
ATOM   810  C  CG  . GLU A 1 104 ? 3.231   8.625   -19.757 1.00 125.47 ? 475 GLU A CG  1 
ATOM   811  C  CD  . GLU A 1 104 ? 1.822   8.055   -19.831 1.00 133.14 ? 475 GLU A CD  1 
ATOM   812  O  OE1 . GLU A 1 104 ? 1.063   8.497   -20.711 1.00 147.65 ? 475 GLU A OE1 1 
ATOM   813  O  OE2 . GLU A 1 104 ? 1.487   7.168   -19.013 1.00 130.10 ? 475 GLU A OE2 1 
ATOM   814  N  N   . ASP A 1 105 ? 5.911   10.066  -17.105 1.00 107.50 ? 476 ASP A N   1 
ATOM   815  C  CA  . ASP A 1 105 ? 6.071   10.593  -15.726 1.00 111.52 ? 476 ASP A CA  1 
ATOM   816  C  C   . ASP A 1 105 ? 4.934   10.038  -14.879 1.00 108.84 ? 476 ASP A C   1 
ATOM   817  O  O   . ASP A 1 105 ? 3.779   10.092  -15.294 1.00 112.50 ? 476 ASP A O   1 
ATOM   818  C  CB  . ASP A 1 105 ? 6.087   12.122  -15.706 1.00 119.44 ? 476 ASP A CB  1 
ATOM   819  C  CG  . ASP A 1 105 ? 7.365   12.720  -16.264 1.00 125.62 ? 476 ASP A CG  1 
ATOM   820  O  OD1 . ASP A 1 105 ? 8.224   11.939  -16.726 1.00 129.10 ? 476 ASP A OD1 1 
ATOM   821  O  OD2 . ASP A 1 105 ? 7.494   13.958  -16.230 1.00 133.08 ? 476 ASP A OD2 1 
ATOM   822  N  N   . PRO A 1 106 ? 5.215   9.491   -13.675 1.00 105.57 ? 477 PRO A N   1 
ATOM   823  C  CA  . PRO A 1 106 ? 4.172   8.865   -12.869 1.00 98.12  ? 477 PRO A CA  1 
ATOM   824  C  C   . PRO A 1 106 ? 3.209   9.915   -12.295 1.00 95.31  ? 477 PRO A C   1 
ATOM   825  O  O   . PRO A 1 106 ? 3.585   11.056  -12.089 1.00 90.93  ? 477 PRO A O   1 
ATOM   826  C  CB  . PRO A 1 106 ? 4.971   8.137   -11.779 1.00 94.88  ? 477 PRO A CB  1 
ATOM   827  C  CG  . PRO A 1 106 ? 6.192   9.000   -11.602 1.00 99.76  ? 477 PRO A CG  1 
ATOM   828  C  CD  . PRO A 1 106 ? 6.521   9.483   -13.000 1.00 105.62 ? 477 PRO A CD  1 
ATOM   829  N  N   . THR A 1 107 ? 1.971   9.483   -12.082 1.00 94.90  ? 478 THR A N   1 
ATOM   830  C  CA  . THR A 1 107 ? 0.875   10.238  -11.429 1.00 92.58  ? 478 THR A CA  1 
ATOM   831  C  C   . THR A 1 107 ? 0.740   9.667   -10.019 1.00 93.41  ? 478 THR A C   1 
ATOM   832  O  O   . THR A 1 107 ? 1.315   8.621   -9.731  1.00 99.20  ? 478 THR A O   1 
ATOM   833  C  CB  . THR A 1 107 ? -0.398  10.154  -12.285 1.00 96.03  ? 478 THR A CB  1 
ATOM   834  O  OG1 . THR A 1 107 ? -1.505  9.868   -11.431 1.00 107.49 ? 478 THR A OG1 1 
ATOM   835  C  CG2 . THR A 1 107 ? -0.353  9.091   -13.366 1.00 94.43  ? 478 THR A CG2 1 
ATOM   836  N  N   . PRO A 1 108 ? 0.022   10.324  -9.080  1.00 88.84  ? 479 PRO A N   1 
ATOM   837  C  CA  . PRO A 1 108 ? -0.294  9.702   -7.789  1.00 87.82  ? 479 PRO A CA  1 
ATOM   838  C  C   . PRO A 1 108 ? -1.063  8.368   -7.869  1.00 90.74  ? 479 PRO A C   1 
ATOM   839  O  O   . PRO A 1 108 ? -0.953  7.546   -6.959  1.00 91.82  ? 479 PRO A O   1 
ATOM   840  C  CB  . PRO A 1 108 ? -1.169  10.758  -7.095  1.00 86.16  ? 479 PRO A CB  1 
ATOM   841  C  CG  . PRO A 1 108 ? -0.767  12.071  -7.734  1.00 86.40  ? 479 PRO A CG  1 
ATOM   842  C  CD  . PRO A 1 108 ? -0.441  11.717  -9.170  1.00 87.51  ? 479 PRO A CD  1 
ATOM   843  N  N   . GLU A 1 109 ? -1.805  8.161   -8.959  1.00 93.58  ? 480 GLU A N   1 
ATOM   844  C  CA  . GLU A 1 109 ? -2.889  7.150   -9.039  1.00 99.24  ? 480 GLU A CA  1 
ATOM   845  C  C   . GLU A 1 109 ? -2.419  5.864   -9.730  1.00 99.86  ? 480 GLU A C   1 
ATOM   846  O  O   . GLU A 1 109 ? -3.178  4.882   -9.671  1.00 107.30 ? 480 GLU A O   1 
ATOM   847  C  CB  . GLU A 1 109 ? -4.100  7.765   -9.745  1.00 101.65 ? 480 GLU A CB  1 
ATOM   848  C  CG  . GLU A 1 109 ? -4.805  8.831   -8.915  1.00 105.91 ? 480 GLU A CG  1 
ATOM   849  C  CD  . GLU A 1 109 ? -4.309  10.262  -9.074  1.00 110.94 ? 480 GLU A CD  1 
ATOM   850  O  OE1 . GLU A 1 109 ? -3.835  10.614  -10.173 1.00 121.17 ? 480 GLU A OE1 1 
ATOM   851  O  OE2 . GLU A 1 109 ? -4.417  11.032  -8.099  1.00 111.87 ? 480 GLU A OE2 1 
ATOM   852  N  N   . ILE A 1 110 ? -1.229  5.836   -10.341 1.00 101.08 ? 481 ILE A N   1 
ATOM   853  C  CA  . ILE A 1 110 ? -0.742  4.650   -11.117 1.00 108.02 ? 481 ILE A CA  1 
ATOM   854  C  C   . ILE A 1 110 ? -1.030  3.372   -10.319 1.00 104.23 ? 481 ILE A C   1 
ATOM   855  O  O   . ILE A 1 110 ? -1.334  2.330   -10.948 1.00 103.96 ? 481 ILE A O   1 
ATOM   856  C  CB  . ILE A 1 110 ? 0.755   4.735   -11.480 1.00 112.38 ? 481 ILE A CB  1 
ATOM   857  C  CG1 . ILE A 1 110 ? 1.598   5.191   -10.287 1.00 116.75 ? 481 ILE A CG1 1 
ATOM   858  C  CG2 . ILE A 1 110 ? 0.987   5.600   -12.714 1.00 112.34 ? 481 ILE A CG2 1 
ATOM   859  C  CD1 . ILE A 1 110 ? 3.077   5.041   -10.510 1.00 125.21 ? 481 ILE A CD1 1 
ATOM   860  N  N   . PHE A 1 111 ? -0.937  3.444   -8.990  1.00 99.34  ? 482 PHE A N   1 
ATOM   861  C  CA  . PHE A 1 111 ? -0.983  2.252   -8.108  1.00 97.31  ? 482 PHE A CA  1 
ATOM   862  C  C   . PHE A 1 111 ? -2.420  1.867   -7.754  1.00 101.62 ? 482 PHE A C   1 
ATOM   863  O  O   . PHE A 1 111 ? -2.586  0.747   -7.246  1.00 104.40 ? 482 PHE A O   1 
ATOM   864  C  CB  . PHE A 1 111 ? -0.119  2.491   -6.873  1.00 91.45  ? 482 PHE A CB  1 
ATOM   865  C  CG  . PHE A 1 111 ? 1.347   2.316   -7.164  1.00 87.13  ? 482 PHE A CG  1 
ATOM   866  C  CD1 . PHE A 1 111 ? 1.826   1.103   -7.635  1.00 82.09  ? 482 PHE A CD1 1 
ATOM   867  C  CD2 . PHE A 1 111 ? 2.238   3.364   -7.007  1.00 86.66  ? 482 PHE A CD2 1 
ATOM   868  C  CE1 . PHE A 1 111 ? 3.168   0.934   -7.931  1.00 80.66  ? 482 PHE A CE1 1 
ATOM   869  C  CE2 . PHE A 1 111 ? 3.584   3.191   -7.289  1.00 84.35  ? 482 PHE A CE2 1 
ATOM   870  C  CZ  . PHE A 1 111 ? 4.045   1.978   -7.755  1.00 83.68  ? 482 PHE A CZ  1 
ATOM   871  N  N   . ASP A 1 112 ? -3.408  2.716   -8.058  1.00 103.72 ? 483 ASP A N   1 
ATOM   872  C  CA  . ASP A 1 112 ? -4.754  2.673   -7.426  1.00 98.41  ? 483 ASP A CA  1 
ATOM   873  C  C   . ASP A 1 112 ? -5.456  1.380   -7.821  1.00 94.86  ? 483 ASP A C   1 
ATOM   874  O  O   . ASP A 1 112 ? -6.038  0.725   -6.928  1.00 94.28  ? 483 ASP A O   1 
ATOM   875  C  CB  . ASP A 1 112 ? -5.557  3.942   -7.729  1.00 96.10  ? 483 ASP A CB  1 
ATOM   876  C  CG  . ASP A 1 112 ? -5.111  5.124   -6.879  1.00 99.97  ? 483 ASP A CG  1 
ATOM   877  O  OD1 . ASP A 1 112 ? -3.954  5.088   -6.367  1.00 99.23  ? 483 ASP A OD1 1 
ATOM   878  O  OD2 . ASP A 1 112 ? -5.919  6.067   -6.721  1.00 95.86  ? 483 ASP A OD2 1 
ATOM   879  N  N   . ASP A 1 113 ? -5.302  0.970   -9.077  1.00 92.83  ? 484 ASP A N   1 
ATOM   880  C  CA  . ASP A 1 113 ? -5.965  -0.247  -9.601  1.00 95.05  ? 484 ASP A CA  1 
ATOM   881  C  C   . ASP A 1 113 ? -5.436  -1.466  -8.847  1.00 88.21  ? 484 ASP A C   1 
ATOM   882  O  O   . ASP A 1 113 ? -6.234  -2.307  -8.358  1.00 86.52  ? 484 ASP A O   1 
ATOM   883  C  CB  . ASP A 1 113 ? -5.775  -0.365  -11.115 1.00 103.55 ? 484 ASP A CB  1 
ATOM   884  C  CG  . ASP A 1 113 ? -6.574  0.661   -11.903 1.00 112.06 ? 484 ASP A CG  1 
ATOM   885  O  OD1 . ASP A 1 113 ? -7.165  1.558   -11.267 1.00 114.21 ? 484 ASP A OD1 1 
ATOM   886  O  OD2 . ASP A 1 113 ? -6.607  0.554   -13.148 1.00 119.29 ? 484 ASP A OD2 1 
ATOM   887  N  N   . ILE A 1 114 ? -4.120  -1.547  -8.735  1.00 84.18  ? 485 ILE A N   1 
ATOM   888  C  CA  . ILE A 1 114 ? -3.482  -2.708  -8.063  1.00 82.86  ? 485 ILE A CA  1 
ATOM   889  C  C   . ILE A 1 114 ? -3.878  -2.649  -6.585  1.00 81.43  ? 485 ILE A C   1 
ATOM   890  O  O   . ILE A 1 114 ? -4.199  -3.704  -6.004  1.00 82.14  ? 485 ILE A O   1 
ATOM   891  C  CB  . ILE A 1 114 ? -1.953  -2.727  -8.294  1.00 84.53  ? 485 ILE A CB  1 
ATOM   892  C  CG1 . ILE A 1 114 ? -1.602  -2.928  -9.773  1.00 89.39  ? 485 ILE A CG1 1 
ATOM   893  C  CG2 . ILE A 1 114 ? -1.281  -3.774  -7.421  1.00 82.18  ? 485 ILE A CG2 1 
ATOM   894  C  CD1 . ILE A 1 114 ? -1.580  -1.652  -10.602 1.00 93.80  ? 485 ILE A CD1 1 
ATOM   895  N  N   . GLN A 1 115 ? -3.881  -1.440  -6.022  1.00 80.73  ? 486 GLN A N   1 
ATOM   896  C  CA  . GLN A 1 115 ? -4.083  -1.246  -4.569  1.00 75.89  ? 486 GLN A CA  1 
ATOM   897  C  C   . GLN A 1 115 ? -5.470  -1.740  -4.216  1.00 75.19  ? 486 GLN A C   1 
ATOM   898  O  O   . GLN A 1 115 ? -5.582  -2.393  -3.186  1.00 75.51  ? 486 GLN A O   1 
ATOM   899  C  CB  . GLN A 1 115 ? -3.947  0.194   -4.071  1.00 74.25  ? 486 GLN A CB  1 
ATOM   900  C  CG  . GLN A 1 115 ? -3.726  0.251   -2.560  1.00 74.48  ? 486 GLN A CG  1 
ATOM   901  C  CD  . GLN A 1 115 ? -4.089  1.555   -1.887  1.00 75.17  ? 486 GLN A CD  1 
ATOM   902  O  OE1 . GLN A 1 115 ? -5.058  2.225   -2.238  1.00 77.54  ? 486 GLN A OE1 1 
ATOM   903  N  NE2 . GLN A 1 115 ? -3.321  1.913   -0.871  1.00 72.01  ? 486 GLN A NE2 1 
ATOM   904  N  N   . ARG A 1 116 ? -6.460  -1.464  -5.061  1.00 79.93  ? 487 ARG A N   1 
ATOM   905  C  CA  . ARG A 1 116 ? -7.859  -1.884  -4.808  1.00 87.97  ? 487 ARG A CA  1 
ATOM   906  C  C   . ARG A 1 116 ? -7.912  -3.408  -4.703  1.00 85.25  ? 487 ARG A C   1 
ATOM   907  O  O   . ARG A 1 116 ? -8.537  -3.944  -3.756  1.00 88.22  ? 487 ARG A O   1 
ATOM   908  C  CB  . ARG A 1 116 ? -8.803  -1.375  -5.900  1.00 94.24  ? 487 ARG A CB  1 
ATOM   909  C  CG  . ARG A 1 116 ? -9.698  -0.237  -5.434  1.00 98.82  ? 487 ARG A CG  1 
ATOM   910  C  CD  . ARG A 1 116 ? -10.702 0.199   -6.485  1.00 101.83 ? 487 ARG A CD  1 
ATOM   911  N  NE  . ARG A 1 116 ? -10.257 1.359   -7.244  1.00 98.20  ? 487 ARG A NE  1 
ATOM   912  C  CZ  . ARG A 1 116 ? -9.746  1.326   -8.469  1.00 103.45 ? 487 ARG A CZ  1 
ATOM   913  N  NH1 . ARG A 1 116 ? -9.606  0.179   -9.112  1.00 103.55 ? 487 ARG A NH1 1 
ATOM   914  N  NH2 . ARG A 1 116 ? -9.375  2.455   -9.050  1.00 112.70 ? 487 ARG A NH2 1 
ATOM   915  N  N   . LYS A 1 117 ? -7.250  -4.066  -5.649  1.00 82.90  ? 488 LYS A N   1 
ATOM   916  C  CA  . LYS A 1 117 ? -7.236  -5.542  -5.719  1.00 89.03  ? 488 LYS A CA  1 
ATOM   917  C  C   . LYS A 1 117 ? -6.595  -6.072  -4.438  1.00 87.73  ? 488 LYS A C   1 
ATOM   918  O  O   . LYS A 1 117 ? -7.117  -7.036  -3.846  1.00 96.91  ? 488 LYS A O   1 
ATOM   919  C  CB  . LYS A 1 117 ? -6.457  -6.070  -6.928  1.00 98.28  ? 488 LYS A CB  1 
ATOM   920  C  CG  . LYS A 1 117 ? -6.894  -5.562  -8.297  1.00 105.94 ? 488 LYS A CG  1 
ATOM   921  C  CD  . LYS A 1 117 ? -8.117  -6.240  -8.869  1.00 111.39 ? 488 LYS A CD  1 
ATOM   922  C  CE  . LYS A 1 117 ? -9.308  -5.311  -8.963  1.00 119.06 ? 488 LYS A CE  1 
ATOM   923  N  NZ  . LYS A 1 117 ? -10.433 -5.952  -9.684  1.00 127.77 ? 488 LYS A NZ  1 
ATOM   924  N  N   . VAL A 1 118 ? -5.490  -5.447  -4.038  1.00 84.05  ? 489 VAL A N   1 
ATOM   925  C  CA  . VAL A 1 118 ? -4.746  -5.909  -2.838  1.00 82.88  ? 489 VAL A CA  1 
ATOM   926  C  C   . VAL A 1 118 ? -5.648  -5.751  -1.616  1.00 79.71  ? 489 VAL A C   1 
ATOM   927  O  O   . VAL A 1 118 ? -5.690  -6.658  -0.777  1.00 81.56  ? 489 VAL A O   1 
ATOM   928  C  CB  . VAL A 1 118 ? -3.390  -5.199  -2.666  1.00 85.97  ? 489 VAL A CB  1 
ATOM   929  C  CG1 . VAL A 1 118 ? -2.804  -5.422  -1.278  1.00 86.56  ? 489 VAL A CG1 1 
ATOM   930  C  CG2 . VAL A 1 118 ? -2.401  -5.643  -3.732  1.00 87.61  ? 489 VAL A CG2 1 
ATOM   931  N  N   . TYR A 1 119 ? -6.373  -4.645  -1.539  1.00 80.10  ? 490 TYR A N   1 
ATOM   932  C  CA  . TYR A 1 119 ? -7.286  -4.364  -0.410  1.00 82.09  ? 490 TYR A CA  1 
ATOM   933  C  C   . TYR A 1 119 ? -8.355  -5.451  -0.364  1.00 80.32  ? 490 TYR A C   1 
ATOM   934  O  O   . TYR A 1 119 ? -8.652  -5.966  0.717   1.00 77.34  ? 490 TYR A O   1 
ATOM   935  C  CB  . TYR A 1 119 ? -7.909  -2.970  -0.505  1.00 89.28  ? 490 TYR A CB  1 
ATOM   936  C  CG  . TYR A 1 119 ? -9.080  -2.760  0.419   1.00 93.06  ? 490 TYR A CG  1 
ATOM   937  C  CD1 . TYR A 1 119 ? -8.922  -2.828  1.796   1.00 91.12  ? 490 TYR A CD1 1 
ATOM   938  C  CD2 . TYR A 1 119 ? -10.349 -2.506  -0.080  1.00 99.36  ? 490 TYR A CD2 1 
ATOM   939  C  CE1 . TYR A 1 119 ? -9.994  -2.651  2.658   1.00 91.36  ? 490 TYR A CE1 1 
ATOM   940  C  CE2 . TYR A 1 119 ? -11.430 -2.326  0.769   1.00 101.27 ? 490 TYR A CE2 1 
ATOM   941  C  CZ  . TYR A 1 119 ? -11.253 -2.400  2.141   1.00 96.23  ? 490 TYR A CZ  1 
ATOM   942  O  OH  . TYR A 1 119 ? -12.316 -2.221  2.978   1.00 92.31  ? 490 TYR A OH  1 
ATOM   943  N  N   . GLU A 1 120 ? -8.897  -5.786  -1.532  1.00 88.45  ? 491 GLU A N   1 
ATOM   944  C  CA  . GLU A 1 120 ? -9.941  -6.828  -1.698  1.00 94.16  ? 491 GLU A CA  1 
ATOM   945  C  C   . GLU A 1 120 ? -9.403  -8.145  -1.138  1.00 91.22  ? 491 GLU A C   1 
ATOM   946  O  O   . GLU A 1 120 ? -10.108 -8.826  -0.357  1.00 87.46  ? 491 GLU A O   1 
ATOM   947  C  CB  . GLU A 1 120 ? -10.303 -6.944  -3.185  1.00 103.85 ? 491 GLU A CB  1 
ATOM   948  C  CG  . GLU A 1 120 ? -11.348 -8.000  -3.514  1.00 114.08 ? 491 GLU A CG  1 
ATOM   949  C  CD  . GLU A 1 120 ? -12.796 -7.611  -3.252  1.00 125.09 ? 491 GLU A CD  1 
ATOM   950  O  OE1 . GLU A 1 120 ? -13.065 -6.416  -2.989  1.00 129.61 ? 491 GLU A OE1 1 
ATOM   951  O  OE2 . GLU A 1 120 ? -13.660 -8.507  -3.317  1.00 135.65 ? 491 GLU A OE2 1 
ATOM   952  N  N   . LEU A 1 121 ? -8.179  -8.475  -1.543  1.00 91.62  ? 492 LEU A N   1 
ATOM   953  C  CA  . LEU A 1 121 ? -7.468  -9.713  -1.142  1.00 88.84  ? 492 LEU A CA  1 
ATOM   954  C  C   . LEU A 1 121 ? -7.387  -9.756  0.383   1.00 82.69  ? 492 LEU A C   1 
ATOM   955  O  O   . LEU A 1 121 ? -7.715  -10.795 1.011   1.00 79.89  ? 492 LEU A O   1 
ATOM   956  C  CB  . LEU A 1 121 ? -6.054  -9.718  -1.741  1.00 92.34  ? 492 LEU A CB  1 
ATOM   957  C  CG  . LEU A 1 121 ? -5.852  -10.519 -3.026  1.00 94.96  ? 492 LEU A CG  1 
ATOM   958  C  CD1 . LEU A 1 121 ? -5.624  -11.988 -2.703  1.00 93.30  ? 492 LEU A CD1 1 
ATOM   959  C  CD2 . LEU A 1 121 ? -7.017  -10.339 -3.999  1.00 98.81  ? 492 LEU A CD2 1 
ATOM   960  N  N   . MET A 1 122 ? -6.950  -8.638  0.945   1.00 82.20  ? 493 MET A N   1 
ATOM   961  C  CA  . MET A 1 122 ? -6.717  -8.536  2.399   1.00 80.95  ? 493 MET A CA  1 
ATOM   962  C  C   . MET A 1 122 ? -8.049  -8.751  3.108   1.00 81.43  ? 493 MET A C   1 
ATOM   963  O  O   . MET A 1 122 ? -8.071  -9.470  4.126   1.00 81.17  ? 493 MET A O   1 
ATOM   964  C  CB  . MET A 1 122 ? -6.110  -7.191  2.811   1.00 82.16  ? 493 MET A CB  1 
ATOM   965  C  CG  . MET A 1 122 ? -4.596  -7.175  2.721   1.00 85.12  ? 493 MET A CG  1 
ATOM   966  S  SD  . MET A 1 122 ? -3.837  -5.746  3.531   1.00 89.20  ? 493 MET A SD  1 
ATOM   967  C  CE  . MET A 1 122 ? -4.577  -4.408  2.595   1.00 91.07  ? 493 MET A CE  1 
ATOM   968  N  N   . LEU A 1 123 ? -9.114  -8.164  2.566   1.00 84.14  ? 494 LEU A N   1 
ATOM   969  C  CA  . LEU A 1 123 ? -10.483 -8.257  3.128   1.00 86.97  ? 494 LEU A CA  1 
ATOM   970  C  C   . LEU A 1 123 ? -10.981 -9.705  3.138   1.00 91.93  ? 494 LEU A C   1 
ATOM   971  O  O   . LEU A 1 123 ? -11.404 -10.154 4.234   1.00 101.55 ? 494 LEU A O   1 
ATOM   972  C  CB  . LEU A 1 123 ? -11.431 -7.368  2.324   1.00 83.98  ? 494 LEU A CB  1 
ATOM   973  C  CG  . LEU A 1 123 ? -12.599 -6.832  3.142   1.00 86.84  ? 494 LEU A CG  1 
ATOM   974  C  CD1 . LEU A 1 123 ? -13.347 -5.750  2.379   1.00 87.73  ? 494 LEU A CD1 1 
ATOM   975  C  CD2 . LEU A 1 123 ? -13.528 -7.965  3.561   1.00 91.83  ? 494 LEU A CD2 1 
ATOM   976  N  N   . ARG A 1 124 ? -11.024 -10.387 1.987   1.00 88.36  ? 495 ARG A N   1 
ATOM   977  C  CA  . ARG A 1 124 ? -11.832 -11.634 1.900   1.00 91.14  ? 495 ARG A CA  1 
ATOM   978  C  C   . ARG A 1 124 ? -11.033 -12.871 1.458   1.00 85.52  ? 495 ARG A C   1 
ATOM   979  O  O   . ARG A 1 124 ? -11.655 -13.938 1.399   1.00 91.79  ? 495 ARG A O   1 
ATOM   980  C  CB  . ARG A 1 124 ? -13.105 -11.398 1.081   1.00 98.24  ? 495 ARG A CB  1 
ATOM   981  C  CG  . ARG A 1 124 ? -12.962 -10.558 -0.178  1.00 105.22 ? 495 ARG A CG  1 
ATOM   982  C  CD  . ARG A 1 124 ? -14.333 -10.373 -0.814  1.00 118.29 ? 495 ARG A CD  1 
ATOM   983  N  NE  . ARG A 1 124 ? -15.231 -9.625  0.067   1.00 136.47 ? 495 ARG A NE  1 
ATOM   984  C  CZ  . ARG A 1 124 ? -16.162 -10.146 0.876   1.00 145.94 ? 495 ARG A CZ  1 
ATOM   985  N  NH1 . ARG A 1 124 ? -16.363 -11.454 0.935   1.00 150.75 ? 495 ARG A NH1 1 
ATOM   986  N  NH2 . ARG A 1 124 ? -16.895 -9.350  1.639   1.00 139.86 ? 495 ARG A NH2 1 
ATOM   987  N  N   . ASP A 1 125 ? -9.718  -12.815 1.263   1.00 85.49  ? 496 ASP A N   1 
ATOM   988  C  CA  . ASP A 1 125 ? -8.931  -14.073 1.129   1.00 92.44  ? 496 ASP A CA  1 
ATOM   989  C  C   . ASP A 1 125 ? -8.865  -14.731 2.514   1.00 95.22  ? 496 ASP A C   1 
ATOM   990  O  O   . ASP A 1 125 ? -8.361  -14.090 3.453   1.00 92.00  ? 496 ASP A O   1 
ATOM   991  C  CB  . ASP A 1 125 ? -7.541  -13.856 0.527   1.00 100.06 ? 496 ASP A CB  1 
ATOM   992  C  CG  . ASP A 1 125 ? -6.886  -15.132 0.014   1.00 101.79 ? 496 ASP A CG  1 
ATOM   993  O  OD1 . ASP A 1 125 ? -7.155  -16.202 0.585   1.00 106.13 ? 496 ASP A OD1 1 
ATOM   994  O  OD2 . ASP A 1 125 ? -6.112  -15.047 -0.958  1.00 104.94 ? 496 ASP A OD2 1 
ATOM   995  N  N   . GLU A 1 126 ? -9.334  -15.978 2.608   1.00 104.13 ? 497 GLU A N   1 
ATOM   996  C  CA  . GLU A 1 126 ? -9.499  -16.769 3.861   1.00 108.75 ? 497 GLU A CA  1 
ATOM   997  C  C   . GLU A 1 126 ? -8.270  -16.642 4.776   1.00 102.40 ? 497 GLU A C   1 
ATOM   998  O  O   . GLU A 1 126 ? -8.431  -16.891 5.987   1.00 106.97 ? 497 GLU A O   1 
ATOM   999  C  CB  . GLU A 1 126 ? -9.754  -18.247 3.527   1.00 118.64 ? 497 GLU A CB  1 
ATOM   1000 C  CG  . GLU A 1 126 ? -11.116 -18.528 2.894   1.00 124.88 ? 497 GLU A CG  1 
ATOM   1001 C  CD  . GLU A 1 126 ? -12.163 -19.185 3.785   1.00 125.69 ? 497 GLU A CD  1 
ATOM   1002 O  OE1 . GLU A 1 126 ? -11.827 -20.172 4.473   1.00 125.36 ? 497 GLU A OE1 1 
ATOM   1003 O  OE2 . GLU A 1 126 ? -13.324 -18.720 3.778   1.00 118.86 ? 497 GLU A OE2 1 
ATOM   1004 N  N   . ARG A 1 127 ? -7.098  -16.277 4.243   1.00 97.09  ? 498 ARG A N   1 
ATOM   1005 C  CA  . ARG A 1 127 ? -5.797  -16.364 4.966   1.00 100.03 ? 498 ARG A CA  1 
ATOM   1006 C  C   . ARG A 1 127 ? -5.368  -14.995 5.512   1.00 93.27  ? 498 ARG A C   1 
ATOM   1007 O  O   . ARG A 1 127 ? -4.305  -14.927 6.165   1.00 83.46  ? 498 ARG A O   1 
ATOM   1008 C  CB  . ARG A 1 127 ? -4.721  -16.962 4.052   1.00 106.05 ? 498 ARG A CB  1 
ATOM   1009 C  CG  . ARG A 1 127 ? -4.727  -16.422 2.631   1.00 108.67 ? 498 ARG A CG  1 
ATOM   1010 C  CD  . ARG A 1 127 ? -3.416  -16.698 1.932   1.00 115.54 ? 498 ARG A CD  1 
ATOM   1011 N  NE  . ARG A 1 127 ? -3.496  -16.369 0.516   1.00 123.59 ? 498 ARG A NE  1 
ATOM   1012 C  CZ  . ARG A 1 127 ? -2.461  -16.044 -0.254  1.00 133.27 ? 498 ARG A CZ  1 
ATOM   1013 N  NH1 . ARG A 1 127 ? -2.658  -15.764 -1.532  1.00 137.15 ? 498 ARG A NH1 1 
ATOM   1014 N  NH2 . ARG A 1 127 ? -1.237  -15.988 0.249   1.00 137.21 ? 498 ARG A NH2 1 
ATOM   1015 N  N   . PHE A 1 128 ? -6.165  -13.948 5.293   1.00 91.60  ? 499 PHE A N   1 
ATOM   1016 C  CA  . PHE A 1 128 ? -5.895  -12.587 5.825   1.00 93.40  ? 499 PHE A CA  1 
ATOM   1017 C  C   . PHE A 1 128 ? -6.980  -12.219 6.846   1.00 90.33  ? 499 PHE A C   1 
ATOM   1018 O  O   . PHE A 1 128 ? -7.112  -12.955 7.845   1.00 90.77  ? 499 PHE A O   1 
ATOM   1019 C  CB  . PHE A 1 128 ? -5.721  -11.611 4.661   1.00 96.03  ? 499 PHE A CB  1 
ATOM   1020 C  CG  . PHE A 1 128 ? -4.618  -12.006 3.713   1.00 94.73  ? 499 PHE A CG  1 
ATOM   1021 C  CD1 . PHE A 1 128 ? -3.437  -12.561 4.187   1.00 95.02  ? 499 PHE A CD1 1 
ATOM   1022 C  CD2 . PHE A 1 128 ? -4.762  -11.826 2.348   1.00 93.93  ? 499 PHE A CD2 1 
ATOM   1023 C  CE1 . PHE A 1 128 ? -2.428  -12.930 3.313   1.00 97.36  ? 499 PHE A CE1 1 
ATOM   1024 C  CE2 . PHE A 1 128 ? -3.749  -12.193 1.476   1.00 96.23  ? 499 PHE A CE2 1 
ATOM   1025 C  CZ  . PHE A 1 128 ? -2.585  -12.743 1.959   1.00 96.11  ? 499 PHE A CZ  1 
ATOM   1026 N  N   . TYR A 1 129 ? -7.720  -11.127 6.626   1.00 84.62  ? 500 TYR A N   1 
ATOM   1027 C  CA  . TYR A 1 129 ? -8.639  -10.550 7.638   1.00 81.46  ? 500 TYR A CA  1 
ATOM   1028 C  C   . TYR A 1 129 ? -9.555  -11.638 8.194   1.00 81.25  ? 500 TYR A C   1 
ATOM   1029 O  O   . TYR A 1 129 ? -9.674  -11.770 9.409   1.00 86.15  ? 500 TYR A O   1 
ATOM   1030 C  CB  . TYR A 1 129 ? -9.449  -9.374  7.089   1.00 81.01  ? 500 TYR A CB  1 
ATOM   1031 C  CG  . TYR A 1 129 ? -10.377 -8.804  8.130   1.00 88.04  ? 500 TYR A CG  1 
ATOM   1032 C  CD1 . TYR A 1 129 ? -9.873  -8.129  9.232   1.00 92.22  ? 500 TYR A CD1 1 
ATOM   1033 C  CD2 . TYR A 1 129 ? -11.746 -9.000  8.056   1.00 92.01  ? 500 TYR A CD2 1 
ATOM   1034 C  CE1 . TYR A 1 129 ? -10.709 -7.633  10.219  1.00 96.14  ? 500 TYR A CE1 1 
ATOM   1035 C  CE2 . TYR A 1 129 ? -12.597 -8.511  9.033   1.00 96.55  ? 500 TYR A CE2 1 
ATOM   1036 C  CZ  . TYR A 1 129 ? -12.076 -7.827  10.119  1.00 100.81 ? 500 TYR A CZ  1 
ATOM   1037 O  OH  . TYR A 1 129 ? -12.909 -7.343  11.085  1.00 110.41 ? 500 TYR A OH  1 
ATOM   1038 N  N   . PRO A 1 130 ? -10.208 -12.475 7.354   1.00 81.03  ? 501 PRO A N   1 
ATOM   1039 C  CA  . PRO A 1 130 ? -11.275 -13.355 7.832   1.00 84.13  ? 501 PRO A CA  1 
ATOM   1040 C  C   . PRO A 1 130 ? -10.818 -14.363 8.900   1.00 84.66  ? 501 PRO A C   1 
ATOM   1041 O  O   . PRO A 1 130 ? -11.648 -14.765 9.704   1.00 90.47  ? 501 PRO A O   1 
ATOM   1042 C  CB  . PRO A 1 130 ? -11.762 -14.097 6.576   1.00 85.52  ? 501 PRO A CB  1 
ATOM   1043 C  CG  . PRO A 1 130 ? -11.238 -13.282 5.414   1.00 84.89  ? 501 PRO A CG  1 
ATOM   1044 C  CD  . PRO A 1 130 ? -9.959  -12.645 5.916   1.00 84.20  ? 501 PRO A CD  1 
ATOM   1045 N  N   . SER A 1 131 ? -9.542  -14.755 8.876   1.00 80.35  ? 502 SER A N   1 
ATOM   1046 C  CA  . SER A 1 131 ? -8.932  -15.674 9.871   1.00 82.83  ? 502 SER A CA  1 
ATOM   1047 C  C   . SER A 1 131 ? -8.128  -14.874 10.906  1.00 80.94  ? 502 SER A C   1 
ATOM   1048 O  O   . SER A 1 131 ? -7.793  -15.449 11.961  1.00 86.42  ? 502 SER A O   1 
ATOM   1049 C  CB  . SER A 1 131 ? -8.106  -16.750 9.202   1.00 86.20  ? 502 SER A CB  1 
ATOM   1050 O  OG  . SER A 1 131 ? -7.181  -16.197 8.280   1.00 96.54  ? 502 SER A OG  1 
ATOM   1051 N  N   . PHE A 1 132 ? -7.832  -13.598 10.639  1.00 77.37  ? 503 PHE A N   1 
ATOM   1052 C  CA  . PHE A 1 132 ? -7.307  -12.664 11.667  1.00 77.43  ? 503 PHE A CA  1 
ATOM   1053 C  C   . PHE A 1 132 ? -8.395  -12.475 12.729  1.00 79.56  ? 503 PHE A C   1 
ATOM   1054 O  O   . PHE A 1 132 ? -8.069  -12.492 13.922  1.00 88.87  ? 503 PHE A O   1 
ATOM   1055 C  CB  . PHE A 1 132 ? -6.858  -11.328 11.068  1.00 77.17  ? 503 PHE A CB  1 
ATOM   1056 C  CG  . PHE A 1 132 ? -6.616  -10.240 12.087  1.00 77.32  ? 503 PHE A CG  1 
ATOM   1057 C  CD1 . PHE A 1 132 ? -5.603  -10.361 13.026  1.00 75.81  ? 503 PHE A CD1 1 
ATOM   1058 C  CD2 . PHE A 1 132 ? -7.405  -9.098  12.115  1.00 79.40  ? 503 PHE A CD2 1 
ATOM   1059 C  CE1 . PHE A 1 132 ? -5.386  -9.364  13.968  1.00 77.49  ? 503 PHE A CE1 1 
ATOM   1060 C  CE2 . PHE A 1 132 ? -7.186  -8.103  13.057  1.00 78.35  ? 503 PHE A CE2 1 
ATOM   1061 C  CZ  . PHE A 1 132 ? -6.177  -8.238  13.982  1.00 78.36  ? 503 PHE A CZ  1 
ATOM   1062 N  N   . ARG A 1 133 ? -9.656  -12.345 12.308  1.00 81.55  ? 504 ARG A N   1 
ATOM   1063 C  CA  . ARG A 1 133 ? -10.801 -12.132 13.232  1.00 84.24  ? 504 ARG A CA  1 
ATOM   1064 C  C   . ARG A 1 133 ? -11.055 -13.421 14.038  1.00 82.89  ? 504 ARG A C   1 
ATOM   1065 O  O   . ARG A 1 133 ? -11.811 -13.358 15.025  1.00 81.30  ? 504 ARG A O   1 
ATOM   1066 C  CB  . ARG A 1 133 ? -12.025 -11.587 12.475  1.00 89.64  ? 504 ARG A CB  1 
ATOM   1067 C  CG  . ARG A 1 133 ? -12.614 -12.500 11.405  1.00 95.29  ? 504 ARG A CG  1 
ATOM   1068 C  CD  . ARG A 1 133 ? -13.985 -12.081 10.874  1.00 96.97  ? 504 ARG A CD  1 
ATOM   1069 N  NE  . ARG A 1 133 ? -14.967 -11.801 11.919  1.00 99.89  ? 504 ARG A NE  1 
ATOM   1070 C  CZ  . ARG A 1 133 ? -15.202 -10.601 12.458  1.00 104.92 ? 504 ARG A CZ  1 
ATOM   1071 N  NH1 . ARG A 1 133 ? -14.527 -9.534  12.055  1.00 103.66 ? 504 ARG A NH1 1 
ATOM   1072 N  NH2 . ARG A 1 133 ? -16.108 -10.474 13.413  1.00 107.38 ? 504 ARG A NH2 1 
ATOM   1073 N  N   . GLN A 1 134 ? -10.414 -14.534 13.661  1.00 83.03  ? 505 GLN A N   1 
ATOM   1074 C  CA  . GLN A 1 134 ? -10.515 -15.857 14.338  1.00 84.41  ? 505 GLN A CA  1 
ATOM   1075 C  C   . GLN A 1 134 ? -9.268  -16.129 15.196  1.00 85.31  ? 505 GLN A C   1 
ATOM   1076 O  O   . GLN A 1 134 ? -9.086  -17.285 15.647  1.00 85.43  ? 505 GLN A O   1 
ATOM   1077 C  CB  . GLN A 1 134 ? -10.650 -16.964 13.293  1.00 81.69  ? 505 GLN A CB  1 
ATOM   1078 C  CG  . GLN A 1 134 ? -12.055 -17.142 12.752  1.00 79.32  ? 505 GLN A CG  1 
ATOM   1079 C  CD  . GLN A 1 134 ? -12.130 -18.356 11.861  1.00 81.98  ? 505 GLN A CD  1 
ATOM   1080 O  OE1 . GLN A 1 134 ? -11.191 -18.680 11.141  1.00 86.88  ? 505 GLN A OE1 1 
ATOM   1081 N  NE2 . GLN A 1 134 ? -13.257 -19.045 11.902  1.00 86.90  ? 505 GLN A NE2 1 
ATOM   1082 N  N   . ASN A 1 135 ? -8.432  -15.115 15.404  1.00 85.16  ? 506 ASN A N   1 
ATOM   1083 C  CA  . ASN A 1 135 ? -7.106  -15.269 16.051  1.00 86.53  ? 506 ASN A CA  1 
ATOM   1084 C  C   . ASN A 1 135 ? -7.138  -14.525 17.391  1.00 90.66  ? 506 ASN A C   1 
ATOM   1085 O  O   . ASN A 1 135 ? -7.951  -13.577 17.532  1.00 87.62  ? 506 ASN A O   1 
ATOM   1086 C  CB  . ASN A 1 135 ? -5.998  -14.801 15.106  1.00 83.37  ? 506 ASN A CB  1 
ATOM   1087 C  CG  . ASN A 1 135 ? -4.609  -14.958 15.678  1.00 82.22  ? 506 ASN A CG  1 
ATOM   1088 O  OD1 . ASN A 1 135 ? -4.300  -14.445 16.751  1.00 82.90  ? 506 ASN A OD1 1 
ATOM   1089 N  ND2 . ASN A 1 135 ? -3.755  -15.653 14.951  1.00 84.49  ? 506 ASN A ND2 1 
ATOM   1090 N  N   . ALA A 1 136 ? -6.303  -14.972 18.337  1.00 91.16  ? 507 ALA A N   1 
ATOM   1091 C  CA  . ALA A 1 136 ? -6.120  -14.379 19.679  1.00 94.13  ? 507 ALA A CA  1 
ATOM   1092 C  C   . ALA A 1 136 ? -5.696  -12.917 19.543  1.00 94.46  ? 507 ALA A C   1 
ATOM   1093 O  O   . ALA A 1 136 ? -6.010  -12.112 20.440  1.00 98.65  ? 507 ALA A O   1 
ATOM   1094 C  CB  . ALA A 1 136 ? -5.097  -15.178 20.443  1.00 97.53  ? 507 ALA A CB  1 
ATOM   1095 N  N   . LEU A 1 137 ? -4.981  -12.598 18.468  1.00 90.79  ? 508 LEU A N   1 
ATOM   1096 C  CA  . LEU A 1 137 ? -4.461  -11.230 18.245  1.00 89.74  ? 508 LEU A CA  1 
ATOM   1097 C  C   . LEU A 1 137 ? -5.637  -10.264 18.128  1.00 87.67  ? 508 LEU A C   1 
ATOM   1098 O  O   . LEU A 1 137 ? -5.567  -9.194  18.736  1.00 84.61  ? 508 LEU A O   1 
ATOM   1099 C  CB  . LEU A 1 137 ? -3.570  -11.213 17.005  1.00 93.30  ? 508 LEU A CB  1 
ATOM   1100 C  CG  . LEU A 1 137 ? -2.135  -11.663 17.267  1.00 96.98  ? 508 LEU A CG  1 
ATOM   1101 C  CD1 . LEU A 1 137 ? -1.482  -12.181 15.997  1.00 100.80 ? 508 LEU A CD1 1 
ATOM   1102 C  CD2 . LEU A 1 137 ? -1.315  -10.533 17.879  1.00 98.46  ? 508 LEU A CD2 1 
ATOM   1103 N  N   . TYR A 1 138 ? -6.695  -10.672 17.429  1.00 88.52  ? 509 TYR A N   1 
ATOM   1104 C  CA  . TYR A 1 138 ? -7.935  -9.877  17.256  1.00 90.74  ? 509 TYR A CA  1 
ATOM   1105 C  C   . TYR A 1 138 ? -8.510  -9.543  18.630  1.00 89.19  ? 509 TYR A C   1 
ATOM   1106 O  O   . TYR A 1 138 ? -8.855  -8.380  18.916  1.00 90.68  ? 509 TYR A O   1 
ATOM   1107 C  CB  . TYR A 1 138 ? -8.963  -10.652 16.427  1.00 89.54  ? 509 TYR A CB  1 
ATOM   1108 C  CG  . TYR A 1 138 ? -10.181 -9.874  15.998  1.00 88.54  ? 509 TYR A CG  1 
ATOM   1109 C  CD1 . TYR A 1 138 ? -10.080 -8.785  15.145  1.00 85.51  ? 509 TYR A CD1 1 
ATOM   1110 C  CD2 . TYR A 1 138 ? -11.452 -10.264 16.394  1.00 92.56  ? 509 TYR A CD2 1 
ATOM   1111 C  CE1 . TYR A 1 138 ? -11.203 -8.088  14.725  1.00 88.61  ? 509 TYR A CE1 1 
ATOM   1112 C  CE2 . TYR A 1 138 ? -12.587 -9.582  15.980  1.00 92.49  ? 509 TYR A CE2 1 
ATOM   1113 C  CZ  . TYR A 1 138 ? -12.464 -8.486  15.143  1.00 91.73  ? 509 TYR A CZ  1 
ATOM   1114 O  OH  . TYR A 1 138 ? -13.581 -7.814  14.736  1.00 89.39  ? 509 TYR A OH  1 
ATOM   1115 N  N   . VAL A 1 139 ? -8.600  -10.582 19.451  1.00 87.60  ? 510 VAL A N   1 
ATOM   1116 C  CA  . VAL A 1 139 ? -9.172  -10.511 20.819  1.00 87.88  ? 510 VAL A CA  1 
ATOM   1117 C  C   . VAL A 1 139 ? -8.359  -9.489  21.610  1.00 86.66  ? 510 VAL A C   1 
ATOM   1118 O  O   . VAL A 1 139 ? -8.944  -8.605  22.299  1.00 84.03  ? 510 VAL A O   1 
ATOM   1119 C  CB  . VAL A 1 139 ? -9.163  -11.889 21.510  1.00 91.64  ? 510 VAL A CB  1 
ATOM   1120 C  CG1 . VAL A 1 139 ? -9.804  -11.831 22.890  1.00 94.73  ? 510 VAL A CG1 1 
ATOM   1121 C  CG2 . VAL A 1 139 ? -9.822  -12.964 20.656  1.00 91.71  ? 510 VAL A CG2 1 
ATOM   1122 N  N   . ARG A 1 140 ? -7.041  -9.618  21.520  1.00 90.56  ? 511 ARG A N   1 
ATOM   1123 C  CA  . ARG A 1 140 ? -6.127  -8.766  22.305  1.00 100.29 ? 511 ARG A CA  1 
ATOM   1124 C  C   . ARG A 1 140 ? -6.331  -7.314  21.857  1.00 98.90  ? 511 ARG A C   1 
ATOM   1125 O  O   . ARG A 1 140 ? -6.452  -6.426  22.728  1.00 109.04 ? 511 ARG A O   1 
ATOM   1126 C  CB  . ARG A 1 140 ? -4.677  -9.248  22.198  1.00 114.30 ? 511 ARG A CB  1 
ATOM   1127 C  CG  . ARG A 1 140 ? -4.454  -10.687 22.655  1.00 123.23 ? 511 ARG A CG  1 
ATOM   1128 C  CD  . ARG A 1 140 ? -3.272  -10.872 23.592  1.00 130.12 ? 511 ARG A CD  1 
ATOM   1129 N  NE  . ARG A 1 140 ? -2.164  -9.964  23.297  1.00 138.81 ? 511 ARG A NE  1 
ATOM   1130 C  CZ  . ARG A 1 140 ? -1.143  -10.216 22.473  1.00 143.05 ? 511 ARG A CZ  1 
ATOM   1131 N  NH1 . ARG A 1 140 ? -1.047  -11.371 21.834  1.00 143.95 ? 511 ARG A NH1 1 
ATOM   1132 N  NH2 . ARG A 1 140 ? -0.209  -9.298  22.294  1.00 144.59 ? 511 ARG A NH2 1 
ATOM   1133 N  N   . MET A 1 141 ? -6.439  -7.102  20.549  1.00 91.99  ? 512 MET A N   1 
ATOM   1134 C  CA  . MET A 1 141 ? -6.651  -5.770  19.936  1.00 89.80  ? 512 MET A CA  1 
ATOM   1135 C  C   . MET A 1 141 ? -7.933  -5.160  20.502  1.00 93.77  ? 512 MET A C   1 
ATOM   1136 O  O   . MET A 1 141 ? -7.944  -3.978  20.928  1.00 98.54  ? 512 MET A O   1 
ATOM   1137 C  CB  . MET A 1 141 ? -6.776  -5.947  18.421  1.00 86.20  ? 512 MET A CB  1 
ATOM   1138 C  CG  . MET A 1 141 ? -6.972  -4.662  17.666  1.00 86.19  ? 512 MET A CG  1 
ATOM   1139 S  SD  . MET A 1 141 ? -7.354  -4.996  15.944  1.00 83.82  ? 512 MET A SD  1 
ATOM   1140 C  CE  . MET A 1 141 ? -9.023  -5.625  16.114  1.00 87.08  ? 512 MET A CE  1 
ATOM   1141 N  N   . LEU A 1 142 ? -8.984  -5.969  20.520  1.00 91.82  ? 513 LEU A N   1 
ATOM   1142 C  CA  . LEU A 1 142 ? -10.285 -5.554  21.069  1.00 94.31  ? 513 LEU A CA  1 
ATOM   1143 C  C   . LEU A 1 142 ? -10.164 -5.421  22.591  1.00 106.49 ? 513 LEU A C   1 
ATOM   1144 O  O   . LEU A 1 142 ? -11.127 -4.943  23.201  1.00 118.52 ? 513 LEU A O   1 
ATOM   1145 C  CB  . LEU A 1 142 ? -11.348 -6.564  20.634  1.00 92.07  ? 513 LEU A CB  1 
ATOM   1146 C  CG  . LEU A 1 142 ? -11.794 -6.412  19.181  1.00 89.42  ? 513 LEU A CG  1 
ATOM   1147 C  CD1 . LEU A 1 142 ? -12.233 -7.738  18.594  1.00 90.62  ? 513 LEU A CD1 1 
ATOM   1148 C  CD2 . LEU A 1 142 ? -12.908 -5.385  19.059  1.00 91.10  ? 513 LEU A CD2 1 
ATOM   1149 N  N   . ALA A 1 143 ? -9.025  -5.813  23.174  1.00 115.35 ? 514 ALA A N   1 
ATOM   1150 C  CA  . ALA A 1 143 ? -8.672  -5.513  24.578  1.00 112.16 ? 514 ALA A CA  1 
ATOM   1151 C  C   . ALA A 1 143 ? -8.460  -4.002  24.725  1.00 111.14 ? 514 ALA A C   1 
ATOM   1152 O  O   . ALA A 1 143 ? -8.862  -3.480  25.774  1.00 110.91 ? 514 ALA A O   1 
ATOM   1153 C  CB  . ALA A 1 143 ? -7.457  -6.283  25.038  1.00 116.37 ? 514 ALA A CB  1 
ATOM   1154 N  N   . GLU A 1 144 ? -7.900  -3.325  23.711  1.00 108.99 ? 515 GLU A N   1 
ATOM   1155 C  CA  . GLU A 1 144 ? -7.835  -1.835  23.661  1.00 112.01 ? 515 GLU A CA  1 
ATOM   1156 C  C   . GLU A 1 144 ? -9.159  -1.279  23.125  1.00 113.57 ? 515 GLU A C   1 
ATOM   1157 O  O   . GLU A 1 144 ? -9.145  -0.630  22.060  1.00 91.79  ? 515 GLU A O   1 
ATOM   1158 C  CB  . GLU A 1 144 ? -6.647  -1.334  22.843  1.00 117.06 ? 515 GLU A CB  1 
ATOM   1159 C  CG  . GLU A 1 144 ? -5.375  -1.187  23.658  1.00 118.90 ? 515 GLU A CG  1 
ATOM   1160 C  CD  . GLU A 1 144 ? -4.611  -2.481  23.872  1.00 116.30 ? 515 GLU A CD  1 
ATOM   1161 O  OE1 . GLU A 1 144 ? -5.254  -3.558  23.904  1.00 103.32 ? 515 GLU A OE1 1 
ATOM   1162 O  OE2 . GLU A 1 144 ? -3.369  -2.405  23.993  1.00 117.79 ? 515 GLU A OE2 1 
ATOM   1163 N  N   . LEU A 1 145 ? -10.254 -1.634  23.810  1.00 138.74 ? 516 LEU A N   1 
ATOM   1164 C  CA  . LEU A 1 145 ? -11.402 -0.748  24.152  1.00 153.07 ? 516 LEU A CA  1 
ATOM   1165 C  C   . LEU A 1 145 ? -10.959 0.091   25.355  1.00 151.90 ? 516 LEU A C   1 
ATOM   1166 O  O   . LEU A 1 145 ? -11.468 1.215   25.534  1.00 157.02 ? 516 LEU A O   1 
ATOM   1167 C  CB  . LEU A 1 145 ? -12.648 -1.593  24.477  1.00 158.56 ? 516 LEU A CB  1 
ATOM   1168 C  CG  . LEU A 1 145 ? -12.745 -2.191  25.890  1.00 150.32 ? 516 LEU A CG  1 
ATOM   1169 C  CD1 . LEU A 1 145 ? -13.525 -1.280  26.830  1.00 144.06 ? 516 LEU A CD1 1 
ATOM   1170 C  CD2 . LEU A 1 145 ? -13.397 -3.570  25.861  1.00 144.81 ? 516 LEU A CD2 1 
ATOM   1171 N  N   . GLU A 1 146 ? -10.019 -0.468  26.123  1.00 150.01 ? 517 GLU A N   1 
ATOM   1172 C  CA  . GLU A 1 146 ? -9.408  0.104   27.351  1.00 157.26 ? 517 GLU A CA  1 
ATOM   1173 C  C   . GLU A 1 146 ? -8.604  1.368   27.001  1.00 164.33 ? 517 GLU A C   1 
ATOM   1174 O  O   . GLU A 1 146 ? -8.213  2.083   27.943  1.00 184.08 ? 517 GLU A O   1 
ATOM   1175 C  CB  . GLU A 1 146 ? -8.575  -1.001  28.013  1.00 153.90 ? 517 GLU A CB  1 
ATOM   1176 C  CG  . GLU A 1 146 ? -7.892  -0.602  29.310  1.00 149.39 ? 517 GLU A CG  1 
ATOM   1177 C  CD  . GLU A 1 146 ? -6.418  -0.247  29.185  1.00 150.07 ? 517 GLU A CD  1 
ATOM   1178 O  OE1 . GLU A 1 146 ? -5.710  -0.358  30.199  1.00 149.08 ? 517 GLU A OE1 1 
ATOM   1179 O  OE2 . GLU A 1 146 ? -5.980  0.137   28.080  1.00 156.50 ? 517 GLU A OE2 1 
ATOM   1180 N  N   . HIS A 1 147 ? -8.382  1.656   25.713  1.00 160.05 ? 518 HIS A N   1 
ATOM   1181 C  CA  . HIS A 1 147 ? -7.660  2.863   25.224  1.00 161.25 ? 518 HIS A CA  1 
ATOM   1182 C  C   . HIS A 1 147 ? -8.661  3.962   24.821  1.00 165.91 ? 518 HIS A C   1 
ATOM   1183 O  O   . HIS A 1 147 ? -8.255  4.864   24.066  1.00 175.96 ? 518 HIS A O   1 
ATOM   1184 C  CB  . HIS A 1 147 ? -6.716  2.461   24.077  1.00 164.58 ? 518 HIS A CB  1 
ATOM   1185 C  CG  . HIS A 1 147 ? -5.502  3.318   23.916  1.00 168.61 ? 518 HIS A CG  1 
ATOM   1186 N  ND1 . HIS A 1 147 ? -5.550  4.579   23.343  1.00 174.43 ? 518 HIS A ND1 1 
ATOM   1187 C  CD2 . HIS A 1 147 ? -4.203  3.087   24.206  1.00 165.07 ? 518 HIS A CD2 1 
ATOM   1188 C  CE1 . HIS A 1 147 ? -4.339  5.097   23.312  1.00 168.91 ? 518 HIS A CE1 1 
ATOM   1189 N  NE2 . HIS A 1 147 ? -3.494  4.201   23.835  1.00 170.34 ? 518 HIS A NE2 1 
ATOM   1190 N  N   . HIS A 1 148 ? -9.909  3.912   25.312  1.00 170.56 ? 519 HIS A N   1 
ATOM   1191 C  CA  . HIS A 1 148 ? -10.989 4.889   24.989  1.00 177.45 ? 519 HIS A CA  1 
ATOM   1192 C  C   . HIS A 1 148 ? -11.455 5.588   26.272  1.00 164.20 ? 519 HIS A C   1 
ATOM   1193 O  O   . HIS A 1 148 ? -11.696 4.948   27.292  1.00 147.56 ? 519 HIS A O   1 
ATOM   1194 C  CB  . HIS A 1 148 ? -12.145 4.193   24.247  1.00 191.12 ? 519 HIS A CB  1 
ATOM   1195 C  CG  . HIS A 1 148 ? -12.928 5.091   23.342  1.00 200.00 ? 519 HIS A CG  1 
ATOM   1196 N  ND1 . HIS A 1 148 ? -14.303 4.991   23.206  1.00 200.00 ? 519 HIS A ND1 1 
ATOM   1197 C  CD2 . HIS A 1 148 ? -12.543 6.100   22.527  1.00 200.00 ? 519 HIS A CD2 1 
ATOM   1198 C  CE1 . HIS A 1 148 ? -14.727 5.898   22.347  1.00 200.00 ? 519 HIS A CE1 1 
ATOM   1199 N  NE2 . HIS A 1 148 ? -13.666 6.593   21.917  1.00 200.00 ? 519 HIS A NE2 1 
HETATM 1200 CL CL  . CL  B 2 .   ? 9.026   -1.340  5.259   1.00 108.76 ? 601 CL  A CL  1 
HETATM 1201 CL CL  . CL  C 2 .   ? 10.291  -0.921  -14.090 1.00 100.16 ? 602 CL  A CL  1 
HETATM 1202 CL CL  . CL  D 2 .   ? 1.227   -5.892  19.192  1.00 108.95 ? 603 CL  A CL  1 
HETATM 1203 CL CL  . CL  E 2 .   ? -4.719  3.915   -12.740 1.00 103.26 ? 604 CL  A CL  1 
# 
loop_
_pdbx_poly_seq_scheme.asym_id 
_pdbx_poly_seq_scheme.entity_id 
_pdbx_poly_seq_scheme.seq_id 
_pdbx_poly_seq_scheme.mon_id 
_pdbx_poly_seq_scheme.ndb_seq_num 
_pdbx_poly_seq_scheme.pdb_seq_num 
_pdbx_poly_seq_scheme.auth_seq_num 
_pdbx_poly_seq_scheme.pdb_mon_id 
_pdbx_poly_seq_scheme.auth_mon_id 
_pdbx_poly_seq_scheme.pdb_strand_id 
_pdbx_poly_seq_scheme.pdb_ins_code 
_pdbx_poly_seq_scheme.hetero 
A 1 1   MET 1   372 372 MET MET A . n 
A 1 2   PRO 2   373 373 PRO PRO A . n 
A 1 3   LEU 3   374 374 LEU LEU A . n 
A 1 4   ASP 4   375 375 ASP ASP A . n 
A 1 5   SER 5   376 376 SER SER A . n 
A 1 6   ILE 6   377 377 ILE ILE A . n 
A 1 7   LEU 7   378 378 LEU LEU A . n 
A 1 8   VAL 8   379 379 VAL VAL A . n 
A 1 9   ASP 9   380 380 ASP ASP A . n 
A 1 10  ASN 10  381 381 ASN ASN A . n 
A 1 11  VAL 11  382 382 VAL VAL A . n 
A 1 12  ALA 12  383 383 ALA ALA A . n 
A 1 13  LEU 13  384 384 LEU LEU A . n 
A 1 14  GLN 14  385 385 GLN GLN A . n 
A 1 15  PHE 15  386 386 PHE PHE A . n 
A 1 16  PHE 16  387 387 PHE PHE A . n 
A 1 17  MET 17  388 388 MET MET A . n 
A 1 18  ASP 18  389 389 ASP ASP A . n 
A 1 19  TYR 19  390 390 TYR TYR A . n 
A 1 20  MET 20  391 391 MET MET A . n 
A 1 21  GLN 21  392 392 GLN GLN A . n 
A 1 22  GLN 22  393 393 GLN GLN A . n 
A 1 23  THR 23  394 394 THR THR A . n 
A 1 24  GLY 24  395 395 GLY GLY A . n 
A 1 25  GLY 25  396 396 GLY GLY A . n 
A 1 26  GLN 26  397 397 GLN GLN A . n 
A 1 27  ALA 27  398 398 ALA ALA A . n 
A 1 28  HIS 28  399 399 HIS HIS A . n 
A 1 29  LEU 29  400 400 LEU LEU A . n 
A 1 30  PHE 30  401 401 PHE PHE A . n 
A 1 31  PHE 31  402 402 PHE PHE A . n 
A 1 32  TRP 32  403 403 TRP TRP A . n 
A 1 33  MET 33  404 404 MET MET A . n 
A 1 34  THR 34  405 405 THR THR A . n 
A 1 35  VAL 35  406 406 VAL VAL A . n 
A 1 36  GLU 36  407 407 GLU GLU A . n 
A 1 37  GLY 37  408 408 GLY GLY A . n 
A 1 38  TYR 38  409 409 TYR TYR A . n 
A 1 39  ARG 39  410 410 ARG ARG A . n 
A 1 40  VAL 40  411 411 VAL VAL A . n 
A 1 41  THR 41  412 412 THR THR A . n 
A 1 42  ALA 42  413 413 ALA ALA A . n 
A 1 43  GLN 43  414 414 GLN GLN A . n 
A 1 44  GLN 44  415 415 GLN GLN A . n 
A 1 45  GLN 45  416 416 GLN GLN A . n 
A 1 46  LEU 46  417 417 LEU LEU A . n 
A 1 47  GLU 47  418 418 GLU GLU A . n 
A 1 48  VAL 48  419 419 VAL VAL A . n 
A 1 49  LEU 49  420 420 LEU LEU A . n 
A 1 50  LEU 50  421 421 LEU LEU A . n 
A 1 51  SER 51  422 422 SER SER A . n 
A 1 52  ARG 52  423 423 ARG ARG A . n 
A 1 53  GLN 53  424 424 GLN GLN A . n 
A 1 54  ARG 54  425 425 ARG ARG A . n 
A 1 55  ASP 55  426 ?   ?   ?   A . n 
A 1 56  GLY 56  427 ?   ?   ?   A . n 
A 1 57  LYS 57  428 ?   ?   ?   A . n 
A 1 58  HIS 58  429 429 HIS HIS A . n 
A 1 59  GLN 59  430 430 GLN GLN A . n 
A 1 60  THR 60  431 431 THR THR A . n 
A 1 61  ASN 61  432 432 ASN ASN A . n 
A 1 62  GLN 62  433 433 GLN GLN A . n 
A 1 63  THR 63  434 434 THR THR A . n 
A 1 64  LYS 64  435 435 LYS LYS A . n 
A 1 65  GLY 65  436 436 GLY GLY A . n 
A 1 66  LEU 66  437 437 LEU LEU A . n 
A 1 67  LEU 67  438 438 LEU LEU A . n 
A 1 68  ARG 68  439 439 ARG ARG A . n 
A 1 69  ALA 69  440 440 ALA ALA A . n 
A 1 70  ALA 70  441 441 ALA ALA A . n 
A 1 71  ALA 71  442 442 ALA ALA A . n 
A 1 72  VAL 72  443 443 VAL VAL A . n 
A 1 73  GLY 73  444 444 GLY GLY A . n 
A 1 74  ILE 74  445 445 ILE ILE A . n 
A 1 75  TYR 75  446 446 TYR TYR A . n 
A 1 76  GLU 76  447 447 GLU GLU A . n 
A 1 77  GLN 77  448 448 GLN GLN A . n 
A 1 78  TYR 78  449 449 TYR TYR A . n 
A 1 79  LEU 79  450 450 LEU LEU A . n 
A 1 80  SER 80  451 451 SER SER A . n 
A 1 81  GLU 81  452 452 GLU GLU A . n 
A 1 82  LYS 82  453 453 LYS LYS A . n 
A 1 83  ALA 83  454 454 ALA ALA A . n 
A 1 84  SER 84  455 455 SER SER A . n 
A 1 85  PRO 85  456 456 PRO PRO A . n 
A 1 86  ARG 86  457 457 ARG ARG A . n 
A 1 87  VAL 87  458 458 VAL VAL A . n 
A 1 88  THR 88  459 459 THR THR A . n 
A 1 89  VAL 89  460 460 VAL VAL A . n 
A 1 90  ASP 90  461 461 ASP ASP A . n 
A 1 91  ASP 91  462 462 ASP ASP A . n 
A 1 92  TYR 92  463 463 TYR TYR A . n 
A 1 93  LEU 93  464 464 LEU LEU A . n 
A 1 94  VAL 94  465 465 VAL VAL A . n 
A 1 95  ALA 95  466 466 ALA ALA A . n 
A 1 96  LYS 96  467 467 LYS LYS A . n 
A 1 97  LEU 97  468 468 LEU LEU A . n 
A 1 98  ALA 98  469 469 ALA ALA A . n 
A 1 99  ASP 99  470 470 ASP ASP A . n 
A 1 100 THR 100 471 471 THR THR A . n 
A 1 101 LEU 101 472 472 LEU LEU A . n 
A 1 102 ASN 102 473 473 ASN ASN A . n 
A 1 103 HIS 103 474 474 HIS HIS A . n 
A 1 104 GLU 104 475 475 GLU GLU A . n 
A 1 105 ASP 105 476 476 ASP ASP A . n 
A 1 106 PRO 106 477 477 PRO PRO A . n 
A 1 107 THR 107 478 478 THR THR A . n 
A 1 108 PRO 108 479 479 PRO PRO A . n 
A 1 109 GLU 109 480 480 GLU GLU A . n 
A 1 110 ILE 110 481 481 ILE ILE A . n 
A 1 111 PHE 111 482 482 PHE PHE A . n 
A 1 112 ASP 112 483 483 ASP ASP A . n 
A 1 113 ASP 113 484 484 ASP ASP A . n 
A 1 114 ILE 114 485 485 ILE ILE A . n 
A 1 115 GLN 115 486 486 GLN GLN A . n 
A 1 116 ARG 116 487 487 ARG ARG A . n 
A 1 117 LYS 117 488 488 LYS LYS A . n 
A 1 118 VAL 118 489 489 VAL VAL A . n 
A 1 119 TYR 119 490 490 TYR TYR A . n 
A 1 120 GLU 120 491 491 GLU GLU A . n 
A 1 121 LEU 121 492 492 LEU LEU A . n 
A 1 122 MET 122 493 493 MET MET A . n 
A 1 123 LEU 123 494 494 LEU LEU A . n 
A 1 124 ARG 124 495 495 ARG ARG A . n 
A 1 125 ASP 125 496 496 ASP ASP A . n 
A 1 126 GLU 126 497 497 GLU GLU A . n 
A 1 127 ARG 127 498 498 ARG ARG A . n 
A 1 128 PHE 128 499 499 PHE PHE A . n 
A 1 129 TYR 129 500 500 TYR TYR A . n 
A 1 130 PRO 130 501 501 PRO PRO A . n 
A 1 131 SER 131 502 502 SER SER A . n 
A 1 132 PHE 132 503 503 PHE PHE A . n 
A 1 133 ARG 133 504 504 ARG ARG A . n 
A 1 134 GLN 134 505 505 GLN GLN A . n 
A 1 135 ASN 135 506 506 ASN ASN A . n 
A 1 136 ALA 136 507 507 ALA ALA A . n 
A 1 137 LEU 137 508 508 LEU LEU A . n 
A 1 138 TYR 138 509 509 TYR TYR A . n 
A 1 139 VAL 139 510 510 VAL VAL A . n 
A 1 140 ARG 140 511 511 ARG ARG A . n 
A 1 141 MET 141 512 512 MET MET A . n 
A 1 142 LEU 142 513 513 LEU LEU A . n 
A 1 143 ALA 143 514 514 ALA ALA A . n 
A 1 144 GLU 144 515 515 GLU GLU A . n 
A 1 145 LEU 145 516 516 LEU LEU A . n 
A 1 146 GLU 146 517 517 GLU GLU A . n 
A 1 147 HIS 147 518 518 HIS HIS A . n 
A 1 148 HIS 148 519 519 HIS HIS A . n 
A 1 149 HIS 149 520 ?   ?   ?   A . n 
A 1 150 HIS 150 521 ?   ?   ?   A . n 
A 1 151 HIS 151 522 ?   ?   ?   A . n 
A 1 152 HIS 152 523 ?   ?   ?   A . n 
# 
_pdbx_contact_author.id                 2 
_pdbx_contact_author.email              liu_jinsong@gibh.ac.cn 
_pdbx_contact_author.name_first         Jinsong 
_pdbx_contact_author.name_last          Liu 
_pdbx_contact_author.name_mi            ? 
_pdbx_contact_author.role               'principal investigator/group leader' 
_pdbx_contact_author.identifier_ORCID   0000-0003-2317-0558 
# 
loop_
_pdbx_nonpoly_scheme.asym_id 
_pdbx_nonpoly_scheme.entity_id 
_pdbx_nonpoly_scheme.mon_id 
_pdbx_nonpoly_scheme.ndb_seq_num 
_pdbx_nonpoly_scheme.pdb_seq_num 
_pdbx_nonpoly_scheme.auth_seq_num 
_pdbx_nonpoly_scheme.pdb_mon_id 
_pdbx_nonpoly_scheme.auth_mon_id 
_pdbx_nonpoly_scheme.pdb_strand_id 
_pdbx_nonpoly_scheme.pdb_ins_code 
B 2 CL 1 601 1 CL CL A . 
C 2 CL 1 602 2 CL CL A . 
D 2 CL 1 603 3 CL CL A . 
E 2 CL 1 604 4 CL CL A . 
# 
_pdbx_struct_assembly.id                   1 
_pdbx_struct_assembly.details              author_defined_assembly 
_pdbx_struct_assembly.method_details       ? 
_pdbx_struct_assembly.oligomeric_details   monomeric 
_pdbx_struct_assembly.oligomeric_count     1 
# 
_pdbx_struct_assembly_gen.assembly_id       1 
_pdbx_struct_assembly_gen.oper_expression   1 
_pdbx_struct_assembly_gen.asym_id_list      A,B,C,D,E 
# 
loop_
_pdbx_struct_assembly_prop.biol_id 
_pdbx_struct_assembly_prop.type 
_pdbx_struct_assembly_prop.value 
_pdbx_struct_assembly_prop.details 
1 'ABSA (A^2)' 490  ? 
1 MORE         -30  ? 
1 'SSA (A^2)'  8960 ? 
# 
_pdbx_struct_oper_list.id                   1 
_pdbx_struct_oper_list.type                 'identity operation' 
_pdbx_struct_oper_list.name                 1_555 
_pdbx_struct_oper_list.symmetry_operation   x,y,z 
_pdbx_struct_oper_list.matrix[1][1]         1.0000000000 
_pdbx_struct_oper_list.matrix[1][2]         0.0000000000 
_pdbx_struct_oper_list.matrix[1][3]         0.0000000000 
_pdbx_struct_oper_list.vector[1]            0.0000000000 
_pdbx_struct_oper_list.matrix[2][1]         0.0000000000 
_pdbx_struct_oper_list.matrix[2][2]         1.0000000000 
_pdbx_struct_oper_list.matrix[2][3]         0.0000000000 
_pdbx_struct_oper_list.vector[2]            0.0000000000 
_pdbx_struct_oper_list.matrix[3][1]         0.0000000000 
_pdbx_struct_oper_list.matrix[3][2]         0.0000000000 
_pdbx_struct_oper_list.matrix[3][3]         1.0000000000 
_pdbx_struct_oper_list.vector[3]            0.0000000000 
# 
loop_
_pdbx_audit_revision_history.ordinal 
_pdbx_audit_revision_history.data_content_type 
_pdbx_audit_revision_history.major_revision 
_pdbx_audit_revision_history.minor_revision 
_pdbx_audit_revision_history.revision_date 
1 'Structure model' 1 0 2022-10-26 
2 'Structure model' 1 1 2023-11-29 
# 
_pdbx_audit_revision_details.ordinal             1 
_pdbx_audit_revision_details.revision_ordinal    1 
_pdbx_audit_revision_details.data_content_type   'Structure model' 
_pdbx_audit_revision_details.provider            repository 
_pdbx_audit_revision_details.type                'Initial release' 
_pdbx_audit_revision_details.description         ? 
_pdbx_audit_revision_details.details             ? 
# 
loop_
_pdbx_audit_revision_group.ordinal 
_pdbx_audit_revision_group.revision_ordinal 
_pdbx_audit_revision_group.data_content_type 
_pdbx_audit_revision_group.group 
1 2 'Structure model' 'Data collection'        
2 2 'Structure model' 'Refinement description' 
# 
loop_
_pdbx_audit_revision_category.ordinal 
_pdbx_audit_revision_category.revision_ordinal 
_pdbx_audit_revision_category.data_content_type 
_pdbx_audit_revision_category.category 
1 2 'Structure model' chem_comp_atom                
2 2 'Structure model' chem_comp_bond                
3 2 'Structure model' pdbx_initial_refinement_model 
# 
loop_
_software.citation_id 
_software.classification 
_software.compiler_name 
_software.compiler_version 
_software.contact_author 
_software.contact_author_email 
_software.date 
_software.description 
_software.dependencies 
_software.hardware 
_software.language 
_software.location 
_software.mods 
_software.name 
_software.os 
_software.os_version 
_software.type 
_software.version 
_software.pdbx_ordinal 
? refinement        ? ? ? ? ? ? ? ? ? ? ? REFMAC      ? ? ? 5.8.0258 1 
? 'data scaling'    ? ? ? ? ? ? ? ? ? ? ? Aimless     ? ? ? 0.7.4    2 
? 'data extraction' ? ? ? ? ? ? ? ? ? ? ? PDB_EXTRACT ? ? ? 3.27     3 
? 'data reduction'  ? ? ? ? ? ? ? ? ? ? ? DIALS       ? ? ? .        4 
? phasing           ? ? ? ? ? ? ? ? ? ? ? BALBES      ? ? ? .        5 
# 
_pdbx_entry_details.entry_id                 7WF6 
_pdbx_entry_details.has_ligand_of_interest   Y 
_pdbx_entry_details.compound_details         ? 
_pdbx_entry_details.source_details           ? 
_pdbx_entry_details.nonpolymer_details       ? 
_pdbx_entry_details.sequence_details         ? 
# 
_pdbx_validate_rmsd_angle.id                         1 
_pdbx_validate_rmsd_angle.PDB_model_num              1 
_pdbx_validate_rmsd_angle.auth_atom_id_1             N 
_pdbx_validate_rmsd_angle.auth_asym_id_1             A 
_pdbx_validate_rmsd_angle.auth_comp_id_1             PRO 
_pdbx_validate_rmsd_angle.auth_seq_id_1              456 
_pdbx_validate_rmsd_angle.PDB_ins_code_1             ? 
_pdbx_validate_rmsd_angle.label_alt_id_1             ? 
_pdbx_validate_rmsd_angle.auth_atom_id_2             CA 
_pdbx_validate_rmsd_angle.auth_asym_id_2             A 
_pdbx_validate_rmsd_angle.auth_comp_id_2             PRO 
_pdbx_validate_rmsd_angle.auth_seq_id_2              456 
_pdbx_validate_rmsd_angle.PDB_ins_code_2             ? 
_pdbx_validate_rmsd_angle.label_alt_id_2             ? 
_pdbx_validate_rmsd_angle.auth_atom_id_3             CB 
_pdbx_validate_rmsd_angle.auth_asym_id_3             A 
_pdbx_validate_rmsd_angle.auth_comp_id_3             PRO 
_pdbx_validate_rmsd_angle.auth_seq_id_3              456 
_pdbx_validate_rmsd_angle.PDB_ins_code_3             ? 
_pdbx_validate_rmsd_angle.label_alt_id_3             ? 
_pdbx_validate_rmsd_angle.angle_value                95.62 
_pdbx_validate_rmsd_angle.angle_target_value         103.30 
_pdbx_validate_rmsd_angle.angle_deviation            -7.68 
_pdbx_validate_rmsd_angle.angle_standard_deviation   1.20 
_pdbx_validate_rmsd_angle.linker_flag                N 
# 
loop_
_pdbx_validate_torsion.id 
_pdbx_validate_torsion.PDB_model_num 
_pdbx_validate_torsion.auth_comp_id 
_pdbx_validate_torsion.auth_asym_id 
_pdbx_validate_torsion.auth_seq_id 
_pdbx_validate_torsion.PDB_ins_code 
_pdbx_validate_torsion.label_alt_id 
_pdbx_validate_torsion.phi 
_pdbx_validate_torsion.psi 
1 1 GLN A 397 ? ? -35.66  -38.31  
2 1 ARG A 423 ? ? -106.45 41.04   
3 1 SER A 455 ? ? -39.28  158.27  
4 1 PRO A 456 ? ? 10.40   -59.20  
5 1 ARG A 457 ? ? 73.27   103.24  
6 1 ASP A 461 ? ? -29.76  110.64  
7 1 HIS A 474 ? ? -154.19 70.02   
8 1 GLU A 475 ? ? 176.18  140.52  
9 1 PHE A 499 ? ? -113.94 -121.30 
# 
_pdbx_validate_peptide_omega.id               1 
_pdbx_validate_peptide_omega.PDB_model_num    1 
_pdbx_validate_peptide_omega.auth_comp_id_1   GLU 
_pdbx_validate_peptide_omega.auth_asym_id_1   A 
_pdbx_validate_peptide_omega.auth_seq_id_1    515 
_pdbx_validate_peptide_omega.PDB_ins_code_1   ? 
_pdbx_validate_peptide_omega.label_alt_id_1   ? 
_pdbx_validate_peptide_omega.auth_comp_id_2   LEU 
_pdbx_validate_peptide_omega.auth_asym_id_2   A 
_pdbx_validate_peptide_omega.auth_seq_id_2    516 
_pdbx_validate_peptide_omega.PDB_ins_code_2   ? 
_pdbx_validate_peptide_omega.label_alt_id_2   ? 
_pdbx_validate_peptide_omega.omega            138.61 
# 
loop_
_pdbx_unobs_or_zero_occ_residues.id 
_pdbx_unobs_or_zero_occ_residues.PDB_model_num 
_pdbx_unobs_or_zero_occ_residues.polymer_flag 
_pdbx_unobs_or_zero_occ_residues.occupancy_flag 
_pdbx_unobs_or_zero_occ_residues.auth_asym_id 
_pdbx_unobs_or_zero_occ_residues.auth_comp_id 
_pdbx_unobs_or_zero_occ_residues.auth_seq_id 
_pdbx_unobs_or_zero_occ_residues.PDB_ins_code 
_pdbx_unobs_or_zero_occ_residues.label_asym_id 
_pdbx_unobs_or_zero_occ_residues.label_comp_id 
_pdbx_unobs_or_zero_occ_residues.label_seq_id 
1 1 Y 1 A ASP 426 ? A ASP 55  
2 1 Y 1 A GLY 427 ? A GLY 56  
3 1 Y 1 A LYS 428 ? A LYS 57  
4 1 Y 1 A HIS 520 ? A HIS 149 
5 1 Y 1 A HIS 521 ? A HIS 150 
6 1 Y 1 A HIS 522 ? A HIS 151 
7 1 Y 1 A HIS 523 ? A HIS 152 
# 
loop_
_chem_comp_atom.comp_id 
_chem_comp_atom.atom_id 
_chem_comp_atom.type_symbol 
_chem_comp_atom.pdbx_aromatic_flag 
_chem_comp_atom.pdbx_stereo_config 
_chem_comp_atom.pdbx_ordinal 
ALA N    N  N N 1   
ALA CA   C  N S 2   
ALA C    C  N N 3   
ALA O    O  N N 4   
ALA CB   C  N N 5   
ALA OXT  O  N N 6   
ALA H    H  N N 7   
ALA H2   H  N N 8   
ALA HA   H  N N 9   
ALA HB1  H  N N 10  
ALA HB2  H  N N 11  
ALA HB3  H  N N 12  
ALA HXT  H  N N 13  
ARG N    N  N N 14  
ARG CA   C  N S 15  
ARG C    C  N N 16  
ARG O    O  N N 17  
ARG CB   C  N N 18  
ARG CG   C  N N 19  
ARG CD   C  N N 20  
ARG NE   N  N N 21  
ARG CZ   C  N N 22  
ARG NH1  N  N N 23  
ARG NH2  N  N N 24  
ARG OXT  O  N N 25  
ARG H    H  N N 26  
ARG H2   H  N N 27  
ARG HA   H  N N 28  
ARG HB2  H  N N 29  
ARG HB3  H  N N 30  
ARG HG2  H  N N 31  
ARG HG3  H  N N 32  
ARG HD2  H  N N 33  
ARG HD3  H  N N 34  
ARG HE   H  N N 35  
ARG HH11 H  N N 36  
ARG HH12 H  N N 37  
ARG HH21 H  N N 38  
ARG HH22 H  N N 39  
ARG HXT  H  N N 40  
ASN N    N  N N 41  
ASN CA   C  N S 42  
ASN C    C  N N 43  
ASN O    O  N N 44  
ASN CB   C  N N 45  
ASN CG   C  N N 46  
ASN OD1  O  N N 47  
ASN ND2  N  N N 48  
ASN OXT  O  N N 49  
ASN H    H  N N 50  
ASN H2   H  N N 51  
ASN HA   H  N N 52  
ASN HB2  H  N N 53  
ASN HB3  H  N N 54  
ASN HD21 H  N N 55  
ASN HD22 H  N N 56  
ASN HXT  H  N N 57  
ASP N    N  N N 58  
ASP CA   C  N S 59  
ASP C    C  N N 60  
ASP O    O  N N 61  
ASP CB   C  N N 62  
ASP CG   C  N N 63  
ASP OD1  O  N N 64  
ASP OD2  O  N N 65  
ASP OXT  O  N N 66  
ASP H    H  N N 67  
ASP H2   H  N N 68  
ASP HA   H  N N 69  
ASP HB2  H  N N 70  
ASP HB3  H  N N 71  
ASP HD2  H  N N 72  
ASP HXT  H  N N 73  
CL  CL   CL N N 74  
GLN N    N  N N 75  
GLN CA   C  N S 76  
GLN C    C  N N 77  
GLN O    O  N N 78  
GLN CB   C  N N 79  
GLN CG   C  N N 80  
GLN CD   C  N N 81  
GLN OE1  O  N N 82  
GLN NE2  N  N N 83  
GLN OXT  O  N N 84  
GLN H    H  N N 85  
GLN H2   H  N N 86  
GLN HA   H  N N 87  
GLN HB2  H  N N 88  
GLN HB3  H  N N 89  
GLN HG2  H  N N 90  
GLN HG3  H  N N 91  
GLN HE21 H  N N 92  
GLN HE22 H  N N 93  
GLN HXT  H  N N 94  
GLU N    N  N N 95  
GLU CA   C  N S 96  
GLU C    C  N N 97  
GLU O    O  N N 98  
GLU CB   C  N N 99  
GLU CG   C  N N 100 
GLU CD   C  N N 101 
GLU OE1  O  N N 102 
GLU OE2  O  N N 103 
GLU OXT  O  N N 104 
GLU H    H  N N 105 
GLU H2   H  N N 106 
GLU HA   H  N N 107 
GLU HB2  H  N N 108 
GLU HB3  H  N N 109 
GLU HG2  H  N N 110 
GLU HG3  H  N N 111 
GLU HE2  H  N N 112 
GLU HXT  H  N N 113 
GLY N    N  N N 114 
GLY CA   C  N N 115 
GLY C    C  N N 116 
GLY O    O  N N 117 
GLY OXT  O  N N 118 
GLY H    H  N N 119 
GLY H2   H  N N 120 
GLY HA2  H  N N 121 
GLY HA3  H  N N 122 
GLY HXT  H  N N 123 
HIS N    N  N N 124 
HIS CA   C  N S 125 
HIS C    C  N N 126 
HIS O    O  N N 127 
HIS CB   C  N N 128 
HIS CG   C  Y N 129 
HIS ND1  N  Y N 130 
HIS CD2  C  Y N 131 
HIS CE1  C  Y N 132 
HIS NE2  N  Y N 133 
HIS OXT  O  N N 134 
HIS H    H  N N 135 
HIS H2   H  N N 136 
HIS HA   H  N N 137 
HIS HB2  H  N N 138 
HIS HB3  H  N N 139 
HIS HD1  H  N N 140 
HIS HD2  H  N N 141 
HIS HE1  H  N N 142 
HIS HE2  H  N N 143 
HIS HXT  H  N N 144 
ILE N    N  N N 145 
ILE CA   C  N S 146 
ILE C    C  N N 147 
ILE O    O  N N 148 
ILE CB   C  N S 149 
ILE CG1  C  N N 150 
ILE CG2  C  N N 151 
ILE CD1  C  N N 152 
ILE OXT  O  N N 153 
ILE H    H  N N 154 
ILE H2   H  N N 155 
ILE HA   H  N N 156 
ILE HB   H  N N 157 
ILE HG12 H  N N 158 
ILE HG13 H  N N 159 
ILE HG21 H  N N 160 
ILE HG22 H  N N 161 
ILE HG23 H  N N 162 
ILE HD11 H  N N 163 
ILE HD12 H  N N 164 
ILE HD13 H  N N 165 
ILE HXT  H  N N 166 
LEU N    N  N N 167 
LEU CA   C  N S 168 
LEU C    C  N N 169 
LEU O    O  N N 170 
LEU CB   C  N N 171 
LEU CG   C  N N 172 
LEU CD1  C  N N 173 
LEU CD2  C  N N 174 
LEU OXT  O  N N 175 
LEU H    H  N N 176 
LEU H2   H  N N 177 
LEU HA   H  N N 178 
LEU HB2  H  N N 179 
LEU HB3  H  N N 180 
LEU HG   H  N N 181 
LEU HD11 H  N N 182 
LEU HD12 H  N N 183 
LEU HD13 H  N N 184 
LEU HD21 H  N N 185 
LEU HD22 H  N N 186 
LEU HD23 H  N N 187 
LEU HXT  H  N N 188 
LYS N    N  N N 189 
LYS CA   C  N S 190 
LYS C    C  N N 191 
LYS O    O  N N 192 
LYS CB   C  N N 193 
LYS CG   C  N N 194 
LYS CD   C  N N 195 
LYS CE   C  N N 196 
LYS NZ   N  N N 197 
LYS OXT  O  N N 198 
LYS H    H  N N 199 
LYS H2   H  N N 200 
LYS HA   H  N N 201 
LYS HB2  H  N N 202 
LYS HB3  H  N N 203 
LYS HG2  H  N N 204 
LYS HG3  H  N N 205 
LYS HD2  H  N N 206 
LYS HD3  H  N N 207 
LYS HE2  H  N N 208 
LYS HE3  H  N N 209 
LYS HZ1  H  N N 210 
LYS HZ2  H  N N 211 
LYS HZ3  H  N N 212 
LYS HXT  H  N N 213 
MET N    N  N N 214 
MET CA   C  N S 215 
MET C    C  N N 216 
MET O    O  N N 217 
MET CB   C  N N 218 
MET CG   C  N N 219 
MET SD   S  N N 220 
MET CE   C  N N 221 
MET OXT  O  N N 222 
MET H    H  N N 223 
MET H2   H  N N 224 
MET HA   H  N N 225 
MET HB2  H  N N 226 
MET HB3  H  N N 227 
MET HG2  H  N N 228 
MET HG3  H  N N 229 
MET HE1  H  N N 230 
MET HE2  H  N N 231 
MET HE3  H  N N 232 
MET HXT  H  N N 233 
PHE N    N  N N 234 
PHE CA   C  N S 235 
PHE C    C  N N 236 
PHE O    O  N N 237 
PHE CB   C  N N 238 
PHE CG   C  Y N 239 
PHE CD1  C  Y N 240 
PHE CD2  C  Y N 241 
PHE CE1  C  Y N 242 
PHE CE2  C  Y N 243 
PHE CZ   C  Y N 244 
PHE OXT  O  N N 245 
PHE H    H  N N 246 
PHE H2   H  N N 247 
PHE HA   H  N N 248 
PHE HB2  H  N N 249 
PHE HB3  H  N N 250 
PHE HD1  H  N N 251 
PHE HD2  H  N N 252 
PHE HE1  H  N N 253 
PHE HE2  H  N N 254 
PHE HZ   H  N N 255 
PHE HXT  H  N N 256 
PRO N    N  N N 257 
PRO CA   C  N S 258 
PRO C    C  N N 259 
PRO O    O  N N 260 
PRO CB   C  N N 261 
PRO CG   C  N N 262 
PRO CD   C  N N 263 
PRO OXT  O  N N 264 
PRO H    H  N N 265 
PRO HA   H  N N 266 
PRO HB2  H  N N 267 
PRO HB3  H  N N 268 
PRO HG2  H  N N 269 
PRO HG3  H  N N 270 
PRO HD2  H  N N 271 
PRO HD3  H  N N 272 
PRO HXT  H  N N 273 
SER N    N  N N 274 
SER CA   C  N S 275 
SER C    C  N N 276 
SER O    O  N N 277 
SER CB   C  N N 278 
SER OG   O  N N 279 
SER OXT  O  N N 280 
SER H    H  N N 281 
SER H2   H  N N 282 
SER HA   H  N N 283 
SER HB2  H  N N 284 
SER HB3  H  N N 285 
SER HG   H  N N 286 
SER HXT  H  N N 287 
THR N    N  N N 288 
THR CA   C  N S 289 
THR C    C  N N 290 
THR O    O  N N 291 
THR CB   C  N R 292 
THR OG1  O  N N 293 
THR CG2  C  N N 294 
THR OXT  O  N N 295 
THR H    H  N N 296 
THR H2   H  N N 297 
THR HA   H  N N 298 
THR HB   H  N N 299 
THR HG1  H  N N 300 
THR HG21 H  N N 301 
THR HG22 H  N N 302 
THR HG23 H  N N 303 
THR HXT  H  N N 304 
TRP N    N  N N 305 
TRP CA   C  N S 306 
TRP C    C  N N 307 
TRP O    O  N N 308 
TRP CB   C  N N 309 
TRP CG   C  Y N 310 
TRP CD1  C  Y N 311 
TRP CD2  C  Y N 312 
TRP NE1  N  Y N 313 
TRP CE2  C  Y N 314 
TRP CE3  C  Y N 315 
TRP CZ2  C  Y N 316 
TRP CZ3  C  Y N 317 
TRP CH2  C  Y N 318 
TRP OXT  O  N N 319 
TRP H    H  N N 320 
TRP H2   H  N N 321 
TRP HA   H  N N 322 
TRP HB2  H  N N 323 
TRP HB3  H  N N 324 
TRP HD1  H  N N 325 
TRP HE1  H  N N 326 
TRP HE3  H  N N 327 
TRP HZ2  H  N N 328 
TRP HZ3  H  N N 329 
TRP HH2  H  N N 330 
TRP HXT  H  N N 331 
TYR N    N  N N 332 
TYR CA   C  N S 333 
TYR C    C  N N 334 
TYR O    O  N N 335 
TYR CB   C  N N 336 
TYR CG   C  Y N 337 
TYR CD1  C  Y N 338 
TYR CD2  C  Y N 339 
TYR CE1  C  Y N 340 
TYR CE2  C  Y N 341 
TYR CZ   C  Y N 342 
TYR OH   O  N N 343 
TYR OXT  O  N N 344 
TYR H    H  N N 345 
TYR H2   H  N N 346 
TYR HA   H  N N 347 
TYR HB2  H  N N 348 
TYR HB3  H  N N 349 
TYR HD1  H  N N 350 
TYR HD2  H  N N 351 
TYR HE1  H  N N 352 
TYR HE2  H  N N 353 
TYR HH   H  N N 354 
TYR HXT  H  N N 355 
VAL N    N  N N 356 
VAL CA   C  N S 357 
VAL C    C  N N 358 
VAL O    O  N N 359 
VAL CB   C  N N 360 
VAL CG1  C  N N 361 
VAL CG2  C  N N 362 
VAL OXT  O  N N 363 
VAL H    H  N N 364 
VAL H2   H  N N 365 
VAL HA   H  N N 366 
VAL HB   H  N N 367 
VAL HG11 H  N N 368 
VAL HG12 H  N N 369 
VAL HG13 H  N N 370 
VAL HG21 H  N N 371 
VAL HG22 H  N N 372 
VAL HG23 H  N N 373 
VAL HXT  H  N N 374 
# 
loop_
_chem_comp_bond.comp_id 
_chem_comp_bond.atom_id_1 
_chem_comp_bond.atom_id_2 
_chem_comp_bond.value_order 
_chem_comp_bond.pdbx_aromatic_flag 
_chem_comp_bond.pdbx_stereo_config 
_chem_comp_bond.pdbx_ordinal 
ALA N   CA   sing N N 1   
ALA N   H    sing N N 2   
ALA N   H2   sing N N 3   
ALA CA  C    sing N N 4   
ALA CA  CB   sing N N 5   
ALA CA  HA   sing N N 6   
ALA C   O    doub N N 7   
ALA C   OXT  sing N N 8   
ALA CB  HB1  sing N N 9   
ALA CB  HB2  sing N N 10  
ALA CB  HB3  sing N N 11  
ALA OXT HXT  sing N N 12  
ARG N   CA   sing N N 13  
ARG N   H    sing N N 14  
ARG N   H2   sing N N 15  
ARG CA  C    sing N N 16  
ARG CA  CB   sing N N 17  
ARG CA  HA   sing N N 18  
ARG C   O    doub N N 19  
ARG C   OXT  sing N N 20  
ARG CB  CG   sing N N 21  
ARG CB  HB2  sing N N 22  
ARG CB  HB3  sing N N 23  
ARG CG  CD   sing N N 24  
ARG CG  HG2  sing N N 25  
ARG CG  HG3  sing N N 26  
ARG CD  NE   sing N N 27  
ARG CD  HD2  sing N N 28  
ARG CD  HD3  sing N N 29  
ARG NE  CZ   sing N N 30  
ARG NE  HE   sing N N 31  
ARG CZ  NH1  sing N N 32  
ARG CZ  NH2  doub N N 33  
ARG NH1 HH11 sing N N 34  
ARG NH1 HH12 sing N N 35  
ARG NH2 HH21 sing N N 36  
ARG NH2 HH22 sing N N 37  
ARG OXT HXT  sing N N 38  
ASN N   CA   sing N N 39  
ASN N   H    sing N N 40  
ASN N   H2   sing N N 41  
ASN CA  C    sing N N 42  
ASN CA  CB   sing N N 43  
ASN CA  HA   sing N N 44  
ASN C   O    doub N N 45  
ASN C   OXT  sing N N 46  
ASN CB  CG   sing N N 47  
ASN CB  HB2  sing N N 48  
ASN CB  HB3  sing N N 49  
ASN CG  OD1  doub N N 50  
ASN CG  ND2  sing N N 51  
ASN ND2 HD21 sing N N 52  
ASN ND2 HD22 sing N N 53  
ASN OXT HXT  sing N N 54  
ASP N   CA   sing N N 55  
ASP N   H    sing N N 56  
ASP N   H2   sing N N 57  
ASP CA  C    sing N N 58  
ASP CA  CB   sing N N 59  
ASP CA  HA   sing N N 60  
ASP C   O    doub N N 61  
ASP C   OXT  sing N N 62  
ASP CB  CG   sing N N 63  
ASP CB  HB2  sing N N 64  
ASP CB  HB3  sing N N 65  
ASP CG  OD1  doub N N 66  
ASP CG  OD2  sing N N 67  
ASP OD2 HD2  sing N N 68  
ASP OXT HXT  sing N N 69  
GLN N   CA   sing N N 70  
GLN N   H    sing N N 71  
GLN N   H2   sing N N 72  
GLN CA  C    sing N N 73  
GLN CA  CB   sing N N 74  
GLN CA  HA   sing N N 75  
GLN C   O    doub N N 76  
GLN C   OXT  sing N N 77  
GLN CB  CG   sing N N 78  
GLN CB  HB2  sing N N 79  
GLN CB  HB3  sing N N 80  
GLN CG  CD   sing N N 81  
GLN CG  HG2  sing N N 82  
GLN CG  HG3  sing N N 83  
GLN CD  OE1  doub N N 84  
GLN CD  NE2  sing N N 85  
GLN NE2 HE21 sing N N 86  
GLN NE2 HE22 sing N N 87  
GLN OXT HXT  sing N N 88  
GLU N   CA   sing N N 89  
GLU N   H    sing N N 90  
GLU N   H2   sing N N 91  
GLU CA  C    sing N N 92  
GLU CA  CB   sing N N 93  
GLU CA  HA   sing N N 94  
GLU C   O    doub N N 95  
GLU C   OXT  sing N N 96  
GLU CB  CG   sing N N 97  
GLU CB  HB2  sing N N 98  
GLU CB  HB3  sing N N 99  
GLU CG  CD   sing N N 100 
GLU CG  HG2  sing N N 101 
GLU CG  HG3  sing N N 102 
GLU CD  OE1  doub N N 103 
GLU CD  OE2  sing N N 104 
GLU OE2 HE2  sing N N 105 
GLU OXT HXT  sing N N 106 
GLY N   CA   sing N N 107 
GLY N   H    sing N N 108 
GLY N   H2   sing N N 109 
GLY CA  C    sing N N 110 
GLY CA  HA2  sing N N 111 
GLY CA  HA3  sing N N 112 
GLY C   O    doub N N 113 
GLY C   OXT  sing N N 114 
GLY OXT HXT  sing N N 115 
HIS N   CA   sing N N 116 
HIS N   H    sing N N 117 
HIS N   H2   sing N N 118 
HIS CA  C    sing N N 119 
HIS CA  CB   sing N N 120 
HIS CA  HA   sing N N 121 
HIS C   O    doub N N 122 
HIS C   OXT  sing N N 123 
HIS CB  CG   sing N N 124 
HIS CB  HB2  sing N N 125 
HIS CB  HB3  sing N N 126 
HIS CG  ND1  sing Y N 127 
HIS CG  CD2  doub Y N 128 
HIS ND1 CE1  doub Y N 129 
HIS ND1 HD1  sing N N 130 
HIS CD2 NE2  sing Y N 131 
HIS CD2 HD2  sing N N 132 
HIS CE1 NE2  sing Y N 133 
HIS CE1 HE1  sing N N 134 
HIS NE2 HE2  sing N N 135 
HIS OXT HXT  sing N N 136 
ILE N   CA   sing N N 137 
ILE N   H    sing N N 138 
ILE N   H2   sing N N 139 
ILE CA  C    sing N N 140 
ILE CA  CB   sing N N 141 
ILE CA  HA   sing N N 142 
ILE C   O    doub N N 143 
ILE C   OXT  sing N N 144 
ILE CB  CG1  sing N N 145 
ILE CB  CG2  sing N N 146 
ILE CB  HB   sing N N 147 
ILE CG1 CD1  sing N N 148 
ILE CG1 HG12 sing N N 149 
ILE CG1 HG13 sing N N 150 
ILE CG2 HG21 sing N N 151 
ILE CG2 HG22 sing N N 152 
ILE CG2 HG23 sing N N 153 
ILE CD1 HD11 sing N N 154 
ILE CD1 HD12 sing N N 155 
ILE CD1 HD13 sing N N 156 
ILE OXT HXT  sing N N 157 
LEU N   CA   sing N N 158 
LEU N   H    sing N N 159 
LEU N   H2   sing N N 160 
LEU CA  C    sing N N 161 
LEU CA  CB   sing N N 162 
LEU CA  HA   sing N N 163 
LEU C   O    doub N N 164 
LEU C   OXT  sing N N 165 
LEU CB  CG   sing N N 166 
LEU CB  HB2  sing N N 167 
LEU CB  HB3  sing N N 168 
LEU CG  CD1  sing N N 169 
LEU CG  CD2  sing N N 170 
LEU CG  HG   sing N N 171 
LEU CD1 HD11 sing N N 172 
LEU CD1 HD12 sing N N 173 
LEU CD1 HD13 sing N N 174 
LEU CD2 HD21 sing N N 175 
LEU CD2 HD22 sing N N 176 
LEU CD2 HD23 sing N N 177 
LEU OXT HXT  sing N N 178 
LYS N   CA   sing N N 179 
LYS N   H    sing N N 180 
LYS N   H2   sing N N 181 
LYS CA  C    sing N N 182 
LYS CA  CB   sing N N 183 
LYS CA  HA   sing N N 184 
LYS C   O    doub N N 185 
LYS C   OXT  sing N N 186 
LYS CB  CG   sing N N 187 
LYS CB  HB2  sing N N 188 
LYS CB  HB3  sing N N 189 
LYS CG  CD   sing N N 190 
LYS CG  HG2  sing N N 191 
LYS CG  HG3  sing N N 192 
LYS CD  CE   sing N N 193 
LYS CD  HD2  sing N N 194 
LYS CD  HD3  sing N N 195 
LYS CE  NZ   sing N N 196 
LYS CE  HE2  sing N N 197 
LYS CE  HE3  sing N N 198 
LYS NZ  HZ1  sing N N 199 
LYS NZ  HZ2  sing N N 200 
LYS NZ  HZ3  sing N N 201 
LYS OXT HXT  sing N N 202 
MET N   CA   sing N N 203 
MET N   H    sing N N 204 
MET N   H2   sing N N 205 
MET CA  C    sing N N 206 
MET CA  CB   sing N N 207 
MET CA  HA   sing N N 208 
MET C   O    doub N N 209 
MET C   OXT  sing N N 210 
MET CB  CG   sing N N 211 
MET CB  HB2  sing N N 212 
MET CB  HB3  sing N N 213 
MET CG  SD   sing N N 214 
MET CG  HG2  sing N N 215 
MET CG  HG3  sing N N 216 
MET SD  CE   sing N N 217 
MET CE  HE1  sing N N 218 
MET CE  HE2  sing N N 219 
MET CE  HE3  sing N N 220 
MET OXT HXT  sing N N 221 
PHE N   CA   sing N N 222 
PHE N   H    sing N N 223 
PHE N   H2   sing N N 224 
PHE CA  C    sing N N 225 
PHE CA  CB   sing N N 226 
PHE CA  HA   sing N N 227 
PHE C   O    doub N N 228 
PHE C   OXT  sing N N 229 
PHE CB  CG   sing N N 230 
PHE CB  HB2  sing N N 231 
PHE CB  HB3  sing N N 232 
PHE CG  CD1  doub Y N 233 
PHE CG  CD2  sing Y N 234 
PHE CD1 CE1  sing Y N 235 
PHE CD1 HD1  sing N N 236 
PHE CD2 CE2  doub Y N 237 
PHE CD2 HD2  sing N N 238 
PHE CE1 CZ   doub Y N 239 
PHE CE1 HE1  sing N N 240 
PHE CE2 CZ   sing Y N 241 
PHE CE2 HE2  sing N N 242 
PHE CZ  HZ   sing N N 243 
PHE OXT HXT  sing N N 244 
PRO N   CA   sing N N 245 
PRO N   CD   sing N N 246 
PRO N   H    sing N N 247 
PRO CA  C    sing N N 248 
PRO CA  CB   sing N N 249 
PRO CA  HA   sing N N 250 
PRO C   O    doub N N 251 
PRO C   OXT  sing N N 252 
PRO CB  CG   sing N N 253 
PRO CB  HB2  sing N N 254 
PRO CB  HB3  sing N N 255 
PRO CG  CD   sing N N 256 
PRO CG  HG2  sing N N 257 
PRO CG  HG3  sing N N 258 
PRO CD  HD2  sing N N 259 
PRO CD  HD3  sing N N 260 
PRO OXT HXT  sing N N 261 
SER N   CA   sing N N 262 
SER N   H    sing N N 263 
SER N   H2   sing N N 264 
SER CA  C    sing N N 265 
SER CA  CB   sing N N 266 
SER CA  HA   sing N N 267 
SER C   O    doub N N 268 
SER C   OXT  sing N N 269 
SER CB  OG   sing N N 270 
SER CB  HB2  sing N N 271 
SER CB  HB3  sing N N 272 
SER OG  HG   sing N N 273 
SER OXT HXT  sing N N 274 
THR N   CA   sing N N 275 
THR N   H    sing N N 276 
THR N   H2   sing N N 277 
THR CA  C    sing N N 278 
THR CA  CB   sing N N 279 
THR CA  HA   sing N N 280 
THR C   O    doub N N 281 
THR C   OXT  sing N N 282 
THR CB  OG1  sing N N 283 
THR CB  CG2  sing N N 284 
THR CB  HB   sing N N 285 
THR OG1 HG1  sing N N 286 
THR CG2 HG21 sing N N 287 
THR CG2 HG22 sing N N 288 
THR CG2 HG23 sing N N 289 
THR OXT HXT  sing N N 290 
TRP N   CA   sing N N 291 
TRP N   H    sing N N 292 
TRP N   H2   sing N N 293 
TRP CA  C    sing N N 294 
TRP CA  CB   sing N N 295 
TRP CA  HA   sing N N 296 
TRP C   O    doub N N 297 
TRP C   OXT  sing N N 298 
TRP CB  CG   sing N N 299 
TRP CB  HB2  sing N N 300 
TRP CB  HB3  sing N N 301 
TRP CG  CD1  doub Y N 302 
TRP CG  CD2  sing Y N 303 
TRP CD1 NE1  sing Y N 304 
TRP CD1 HD1  sing N N 305 
TRP CD2 CE2  doub Y N 306 
TRP CD2 CE3  sing Y N 307 
TRP NE1 CE2  sing Y N 308 
TRP NE1 HE1  sing N N 309 
TRP CE2 CZ2  sing Y N 310 
TRP CE3 CZ3  doub Y N 311 
TRP CE3 HE3  sing N N 312 
TRP CZ2 CH2  doub Y N 313 
TRP CZ2 HZ2  sing N N 314 
TRP CZ3 CH2  sing Y N 315 
TRP CZ3 HZ3  sing N N 316 
TRP CH2 HH2  sing N N 317 
TRP OXT HXT  sing N N 318 
TYR N   CA   sing N N 319 
TYR N   H    sing N N 320 
TYR N   H2   sing N N 321 
TYR CA  C    sing N N 322 
TYR CA  CB   sing N N 323 
TYR CA  HA   sing N N 324 
TYR C   O    doub N N 325 
TYR C   OXT  sing N N 326 
TYR CB  CG   sing N N 327 
TYR CB  HB2  sing N N 328 
TYR CB  HB3  sing N N 329 
TYR CG  CD1  doub Y N 330 
TYR CG  CD2  sing Y N 331 
TYR CD1 CE1  sing Y N 332 
TYR CD1 HD1  sing N N 333 
TYR CD2 CE2  doub Y N 334 
TYR CD2 HD2  sing N N 335 
TYR CE1 CZ   doub Y N 336 
TYR CE1 HE1  sing N N 337 
TYR CE2 CZ   sing Y N 338 
TYR CE2 HE2  sing N N 339 
TYR CZ  OH   sing N N 340 
TYR OH  HH   sing N N 341 
TYR OXT HXT  sing N N 342 
VAL N   CA   sing N N 343 
VAL N   H    sing N N 344 
VAL N   H2   sing N N 345 
VAL CA  C    sing N N 346 
VAL CA  CB   sing N N 347 
VAL CA  HA   sing N N 348 
VAL C   O    doub N N 349 
VAL C   OXT  sing N N 350 
VAL CB  CG1  sing N N 351 
VAL CB  CG2  sing N N 352 
VAL CB  HB   sing N N 353 
VAL CG1 HG11 sing N N 354 
VAL CG1 HG12 sing N N 355 
VAL CG1 HG13 sing N N 356 
VAL CG2 HG21 sing N N 357 
VAL CG2 HG22 sing N N 358 
VAL CG2 HG23 sing N N 359 
VAL OXT HXT  sing N N 360 
# 
_pdbx_audit_support.funding_organization   'National Natural Science Foundation of China (NSFC)' 
_pdbx_audit_support.country                China 
_pdbx_audit_support.grant_number           32171213 
_pdbx_audit_support.ordinal                1 
# 
_pdbx_entity_instance_feature.ordinal        1 
_pdbx_entity_instance_feature.comp_id        CL 
_pdbx_entity_instance_feature.asym_id        ? 
_pdbx_entity_instance_feature.seq_num        ? 
_pdbx_entity_instance_feature.auth_comp_id   CL 
_pdbx_entity_instance_feature.auth_asym_id   ? 
_pdbx_entity_instance_feature.auth_seq_num   ? 
_pdbx_entity_instance_feature.feature_type   'SUBJECT OF INVESTIGATION' 
_pdbx_entity_instance_feature.details        ? 
# 
_pdbx_entity_nonpoly.entity_id   2 
_pdbx_entity_nonpoly.name        'CHLORIDE ION' 
_pdbx_entity_nonpoly.comp_id     CL 
# 
_pdbx_initial_refinement_model.id               1 
_pdbx_initial_refinement_model.entity_id_list   ? 
_pdbx_initial_refinement_model.type             'experimental model' 
_pdbx_initial_refinement_model.source_name      PDB 
_pdbx_initial_refinement_model.accession_code   3C7K 
_pdbx_initial_refinement_model.details          ? 
# 
_pdbx_struct_assembly_auth_evidence.id                     1 
_pdbx_struct_assembly_auth_evidence.assembly_id            1 
_pdbx_struct_assembly_auth_evidence.experimental_support   none 
_pdbx_struct_assembly_auth_evidence.details                ? 
# 
